data_4JA2
# 
_entry.id   4JA2 
# 
_audit_conform.dict_name       mmcif_pdbx.dic 
_audit_conform.dict_version    5.399 
_audit_conform.dict_location   http://mmcif.pdb.org/dictionaries/ascii/mmcif_pdbx.dic 
# 
loop_
_database_2.database_id 
_database_2.database_code 
_database_2.pdbx_database_accession 
_database_2.pdbx_DOI 
PDB   4JA2         pdb_00004ja2 10.2210/pdb4ja2/pdb 
RCSB  RCSB077785   ?            ?                   
WWPDB D_1000077785 ?            ?                   
# 
loop_
_pdbx_audit_revision_history.ordinal 
_pdbx_audit_revision_history.data_content_type 
_pdbx_audit_revision_history.major_revision 
_pdbx_audit_revision_history.minor_revision 
_pdbx_audit_revision_history.revision_date 
1 'Structure model' 1 0 2013-09-04 
2 'Structure model' 1 1 2013-09-25 
3 'Structure model' 1 2 2023-11-08 
4 'Structure model' 1 3 2024-11-20 
# 
_pdbx_audit_revision_details.ordinal             1 
_pdbx_audit_revision_details.revision_ordinal    1 
_pdbx_audit_revision_details.data_content_type   'Structure model' 
_pdbx_audit_revision_details.provider            repository 
_pdbx_audit_revision_details.type                'Initial release' 
_pdbx_audit_revision_details.description         ? 
_pdbx_audit_revision_details.details             ? 
# 
loop_
_pdbx_audit_revision_group.ordinal 
_pdbx_audit_revision_group.revision_ordinal 
_pdbx_audit_revision_group.data_content_type 
_pdbx_audit_revision_group.group 
1 2 'Structure model' 'Database references'    
2 2 'Structure model' 'Structure summary'      
3 3 'Structure model' 'Data collection'        
4 3 'Structure model' 'Database references'    
5 3 'Structure model' 'Derived calculations'   
6 3 'Structure model' 'Refinement description' 
7 4 'Structure model' 'Structure summary'      
# 
loop_
_pdbx_audit_revision_category.ordinal 
_pdbx_audit_revision_category.revision_ordinal 
_pdbx_audit_revision_category.data_content_type 
_pdbx_audit_revision_category.category 
1  3 'Structure model' chem_comp_atom                
2  3 'Structure model' chem_comp_bond                
3  3 'Structure model' database_2                    
4  3 'Structure model' pdbx_initial_refinement_model 
5  3 'Structure model' pdbx_struct_conn_angle        
6  3 'Structure model' struct_conn                   
7  3 'Structure model' struct_ref_seq_dif            
8  3 'Structure model' struct_site                   
9  4 'Structure model' pdbx_entry_details            
10 4 'Structure model' pdbx_modification_feature     
# 
loop_
_pdbx_audit_revision_item.ordinal 
_pdbx_audit_revision_item.revision_ordinal 
_pdbx_audit_revision_item.data_content_type 
_pdbx_audit_revision_item.item 
1  3 'Structure model' '_database_2.pdbx_DOI'                        
2  3 'Structure model' '_database_2.pdbx_database_accession'         
3  3 'Structure model' '_pdbx_struct_conn_angle.ptnr1_auth_comp_id'  
4  3 'Structure model' '_pdbx_struct_conn_angle.ptnr1_auth_seq_id'   
5  3 'Structure model' '_pdbx_struct_conn_angle.ptnr1_label_atom_id' 
6  3 'Structure model' '_pdbx_struct_conn_angle.ptnr1_label_comp_id' 
7  3 'Structure model' '_pdbx_struct_conn_angle.ptnr1_label_seq_id'  
8  3 'Structure model' '_pdbx_struct_conn_angle.ptnr3_auth_comp_id'  
9  3 'Structure model' '_pdbx_struct_conn_angle.ptnr3_auth_seq_id'   
10 3 'Structure model' '_pdbx_struct_conn_angle.ptnr3_label_atom_id' 
11 3 'Structure model' '_pdbx_struct_conn_angle.ptnr3_label_comp_id' 
12 3 'Structure model' '_pdbx_struct_conn_angle.ptnr3_label_seq_id'  
13 3 'Structure model' '_pdbx_struct_conn_angle.value'               
14 3 'Structure model' '_struct_conn.pdbx_dist_value'                
15 3 'Structure model' '_struct_conn.pdbx_leaving_atom_flag'         
16 3 'Structure model' '_struct_conn.ptnr1_auth_comp_id'             
17 3 'Structure model' '_struct_conn.ptnr1_auth_seq_id'              
18 3 'Structure model' '_struct_conn.ptnr1_label_atom_id'            
19 3 'Structure model' '_struct_conn.ptnr1_label_comp_id'            
20 3 'Structure model' '_struct_conn.ptnr1_label_seq_id'             
21 3 'Structure model' '_struct_conn.ptnr2_auth_seq_id'              
22 3 'Structure model' '_struct_ref_seq_dif.details'                 
23 3 'Structure model' '_struct_site.pdbx_auth_asym_id'              
24 3 'Structure model' '_struct_site.pdbx_auth_comp_id'              
25 3 'Structure model' '_struct_site.pdbx_auth_seq_id'               
# 
_pdbx_database_status.status_code                     REL 
_pdbx_database_status.entry_id                        4JA2 
_pdbx_database_status.recvd_initial_deposition_date   2013-02-18 
_pdbx_database_status.deposit_site                    RCSB 
_pdbx_database_status.process_site                    PDBJ 
_pdbx_database_status.methods_development_category    ? 
_pdbx_database_status.status_code_sf                  REL 
_pdbx_database_status.status_code_mr                  ? 
_pdbx_database_status.SG_entry                        ? 
_pdbx_database_status.status_code_cs                  ? 
_pdbx_database_status.pdb_format_compatible           Y 
_pdbx_database_status.status_code_nmr_data            ? 
# 
loop_
_pdbx_database_related.db_name 
_pdbx_database_related.db_id 
_pdbx_database_related.details 
_pdbx_database_related.content_type 
PDB 4JAS . unspecified 
PDB 4JAU . unspecified 
PDB 4JAV . unspecified 
# 
loop_
_audit_author.name 
_audit_author.pdbx_ordinal 
'Podgornaia, A.I.' 1 
'Casino, P.'       2 
'Marina, A.'       3 
'Laub, M.T.'       4 
# 
_citation.id                        primary 
_citation.title                     
'Structural basis of a rationally rewired protein-protein interface critical to bacterial signaling' 
_citation.journal_abbrev            Structure 
_citation.journal_volume            21 
_citation.page_first                1636 
_citation.page_last                 1647 
_citation.year                      2013 
_citation.journal_id_ASTM           STRUE6 
_citation.country                   UK 
_citation.journal_id_ISSN           0969-2126 
_citation.journal_id_CSD            2005 
_citation.book_publisher            ? 
_citation.pdbx_database_id_PubMed   23954504 
_citation.pdbx_database_id_DOI      10.1016/j.str.2013.07.005 
# 
loop_
_citation_author.citation_id 
_citation_author.name 
_citation_author.ordinal 
_citation_author.identifier_ORCID 
primary 'Podgornaia, A.I.' 1 ? 
primary 'Casino, P.'       2 ? 
primary 'Marina, A.'       3 ? 
primary 'Laub, M.T.'       4 ? 
# 
loop_
_entity.id 
_entity.type 
_entity.src_method 
_entity.pdbx_description 
_entity.formula_weight 
_entity.pdbx_number_of_molecules 
_entity.pdbx_ec 
_entity.pdbx_mutation 
_entity.pdbx_fragment 
_entity.details 
1 polymer     man 'Response regulator' 13914.305 1  ? 'V13P, L14I, I17M, N21V' ? ? 
2 non-polymer syn 'MAGNESIUM ION'      24.305    1  ? ?                        ? ? 
3 non-polymer syn 'SULFATE ION'        96.063    1  ? ?                        ? ? 
4 non-polymer syn 'ACETATE ION'        59.044    2  ? ?                        ? ? 
5 water       nat water                18.015    91 ? ?                        ? ? 
# 
_entity_name_com.entity_id   1 
_entity_name_com.name        'RR468, Response regulator receiver protein' 
# 
_entity_poly.entity_id                      1 
_entity_poly.type                           'polypeptide(L)' 
_entity_poly.nstd_linkage                   no 
_entity_poly.nstd_monomer                   yes 
_entity_poly.pdbx_seq_one_letter_code       
;MSKKVLLVDDSAPIRKMVSFVLKKEGYEVIEAENGQIALEKLSEFTPDLIVL(BFD)IMMPVMDGFTVLKKLQEKEEWKR
IPVIVLTAKGGEEDESLALSLGARKVMRKPFSPSQFIEEVKHLLNE
;
_entity_poly.pdbx_seq_one_letter_code_can   
;MSKKVLLVDDSAPIRKMVSFVLKKEGYEVIEAENGQIALEKLSEFTPDLIVLDIMMPVMDGFTVLKKLQEKEEWKRIPVI
VLTAKGGEEDESLALSLGARKVMRKPFSPSQFIEEVKHLLNE
;
_entity_poly.pdbx_strand_id                 A 
_entity_poly.pdbx_target_identifier         ? 
# 
loop_
_pdbx_entity_nonpoly.entity_id 
_pdbx_entity_nonpoly.name 
_pdbx_entity_nonpoly.comp_id 
2 'MAGNESIUM ION' MG  
3 'SULFATE ION'   SO4 
4 'ACETATE ION'   ACT 
5 water           HOH 
# 
loop_
_entity_poly_seq.entity_id 
_entity_poly_seq.num 
_entity_poly_seq.mon_id 
_entity_poly_seq.hetero 
1 1   MET n 
1 2   SER n 
1 3   LYS n 
1 4   LYS n 
1 5   VAL n 
1 6   LEU n 
1 7   LEU n 
1 8   VAL n 
1 9   ASP n 
1 10  ASP n 
1 11  SER n 
1 12  ALA n 
1 13  PRO n 
1 14  ILE n 
1 15  ARG n 
1 16  LYS n 
1 17  MET n 
1 18  VAL n 
1 19  SER n 
1 20  PHE n 
1 21  VAL n 
1 22  LEU n 
1 23  LYS n 
1 24  LYS n 
1 25  GLU n 
1 26  GLY n 
1 27  TYR n 
1 28  GLU n 
1 29  VAL n 
1 30  ILE n 
1 31  GLU n 
1 32  ALA n 
1 33  GLU n 
1 34  ASN n 
1 35  GLY n 
1 36  GLN n 
1 37  ILE n 
1 38  ALA n 
1 39  LEU n 
1 40  GLU n 
1 41  LYS n 
1 42  LEU n 
1 43  SER n 
1 44  GLU n 
1 45  PHE n 
1 46  THR n 
1 47  PRO n 
1 48  ASP n 
1 49  LEU n 
1 50  ILE n 
1 51  VAL n 
1 52  LEU n 
1 53  BFD n 
1 54  ILE n 
1 55  MET n 
1 56  MET n 
1 57  PRO n 
1 58  VAL n 
1 59  MET n 
1 60  ASP n 
1 61  GLY n 
1 62  PHE n 
1 63  THR n 
1 64  VAL n 
1 65  LEU n 
1 66  LYS n 
1 67  LYS n 
1 68  LEU n 
1 69  GLN n 
1 70  GLU n 
1 71  LYS n 
1 72  GLU n 
1 73  GLU n 
1 74  TRP n 
1 75  LYS n 
1 76  ARG n 
1 77  ILE n 
1 78  PRO n 
1 79  VAL n 
1 80  ILE n 
1 81  VAL n 
1 82  LEU n 
1 83  THR n 
1 84  ALA n 
1 85  LYS n 
1 86  GLY n 
1 87  GLY n 
1 88  GLU n 
1 89  GLU n 
1 90  ASP n 
1 91  GLU n 
1 92  SER n 
1 93  LEU n 
1 94  ALA n 
1 95  LEU n 
1 96  SER n 
1 97  LEU n 
1 98  GLY n 
1 99  ALA n 
1 100 ARG n 
1 101 LYS n 
1 102 VAL n 
1 103 MET n 
1 104 ARG n 
1 105 LYS n 
1 106 PRO n 
1 107 PHE n 
1 108 SER n 
1 109 PRO n 
1 110 SER n 
1 111 GLN n 
1 112 PHE n 
1 113 ILE n 
1 114 GLU n 
1 115 GLU n 
1 116 VAL n 
1 117 LYS n 
1 118 HIS n 
1 119 LEU n 
1 120 LEU n 
1 121 ASN n 
1 122 GLU n 
# 
_entity_src_gen.entity_id                          1 
_entity_src_gen.pdbx_src_id                        1 
_entity_src_gen.pdbx_alt_source_flag               sample 
_entity_src_gen.pdbx_seq_type                      ? 
_entity_src_gen.pdbx_beg_seq_num                   ? 
_entity_src_gen.pdbx_end_seq_num                   ? 
_entity_src_gen.gene_src_common_name               ? 
_entity_src_gen.gene_src_genus                     ? 
_entity_src_gen.pdbx_gene_src_gene                 TM_0468 
_entity_src_gen.gene_src_species                   ? 
_entity_src_gen.gene_src_strain                    MSB8 
_entity_src_gen.gene_src_tissue                    ? 
_entity_src_gen.gene_src_tissue_fraction           ? 
_entity_src_gen.gene_src_details                   ? 
_entity_src_gen.pdbx_gene_src_fragment             ? 
_entity_src_gen.pdbx_gene_src_scientific_name      'Thermotoga maritima' 
_entity_src_gen.pdbx_gene_src_ncbi_taxonomy_id     243274 
_entity_src_gen.pdbx_gene_src_variant              ? 
_entity_src_gen.pdbx_gene_src_cell_line            ? 
_entity_src_gen.pdbx_gene_src_atcc                 ? 
_entity_src_gen.pdbx_gene_src_organ                ? 
_entity_src_gen.pdbx_gene_src_organelle            ? 
_entity_src_gen.pdbx_gene_src_cell                 ? 
_entity_src_gen.pdbx_gene_src_cellular_location    ? 
_entity_src_gen.host_org_common_name               ? 
_entity_src_gen.pdbx_host_org_scientific_name      'Escherichia coli' 
_entity_src_gen.pdbx_host_org_ncbi_taxonomy_id     562 
_entity_src_gen.host_org_genus                     ? 
_entity_src_gen.pdbx_host_org_gene                 ? 
_entity_src_gen.pdbx_host_org_organ                ? 
_entity_src_gen.host_org_species                   ? 
_entity_src_gen.pdbx_host_org_tissue               ? 
_entity_src_gen.pdbx_host_org_tissue_fraction      ? 
_entity_src_gen.pdbx_host_org_strain               K-12 
_entity_src_gen.pdbx_host_org_variant              ? 
_entity_src_gen.pdbx_host_org_cell_line            ? 
_entity_src_gen.pdbx_host_org_atcc                 ? 
_entity_src_gen.pdbx_host_org_culture_collection   ? 
_entity_src_gen.pdbx_host_org_cell                 ? 
_entity_src_gen.pdbx_host_org_organelle            ? 
_entity_src_gen.pdbx_host_org_cellular_location    ? 
_entity_src_gen.pdbx_host_org_vector_type          plasmid 
_entity_src_gen.pdbx_host_org_vector               ? 
_entity_src_gen.host_org_details                   ? 
_entity_src_gen.expression_system_id               ? 
_entity_src_gen.plasmid_name                       pET22b 
_entity_src_gen.plasmid_details                    ? 
_entity_src_gen.pdbx_description                   ? 
# 
loop_
_chem_comp.id 
_chem_comp.type 
_chem_comp.mon_nstd_flag 
_chem_comp.name 
_chem_comp.pdbx_synonyms 
_chem_comp.formula 
_chem_comp.formula_weight 
ACT non-polymer         . 'ACETATE ION'                     ? 'C2 H3 O2 -1'         59.044  
ALA 'L-peptide linking' y ALANINE                           ? 'C3 H7 N O2'          89.093  
ARG 'L-peptide linking' y ARGININE                          ? 'C6 H15 N4 O2 1'      175.209 
ASN 'L-peptide linking' y ASPARAGINE                        ? 'C4 H8 N2 O3'         132.118 
ASP 'L-peptide linking' y 'ASPARTIC ACID'                   ? 'C4 H7 N O4'          133.103 
BFD 'L-peptide linking' n 'ASPARTATE BERYLLIUM TRIFLUORIDE' ? 'C4 H6 Be F3 N O4 -2' 198.102 
GLN 'L-peptide linking' y GLUTAMINE                         ? 'C5 H10 N2 O3'        146.144 
GLU 'L-peptide linking' y 'GLUTAMIC ACID'                   ? 'C5 H9 N O4'          147.129 
GLY 'peptide linking'   y GLYCINE                           ? 'C2 H5 N O2'          75.067  
HIS 'L-peptide linking' y HISTIDINE                         ? 'C6 H10 N3 O2 1'      156.162 
HOH non-polymer         . WATER                             ? 'H2 O'                18.015  
ILE 'L-peptide linking' y ISOLEUCINE                        ? 'C6 H13 N O2'         131.173 
LEU 'L-peptide linking' y LEUCINE                           ? 'C6 H13 N O2'         131.173 
LYS 'L-peptide linking' y LYSINE                            ? 'C6 H15 N2 O2 1'      147.195 
MET 'L-peptide linking' y METHIONINE                        ? 'C5 H11 N O2 S'       149.211 
MG  non-polymer         . 'MAGNESIUM ION'                   ? 'Mg 2'                24.305  
PHE 'L-peptide linking' y PHENYLALANINE                     ? 'C9 H11 N O2'         165.189 
PRO 'L-peptide linking' y PROLINE                           ? 'C5 H9 N O2'          115.130 
SER 'L-peptide linking' y SERINE                            ? 'C3 H7 N O3'          105.093 
SO4 non-polymer         . 'SULFATE ION'                     ? 'O4 S -2'             96.063  
THR 'L-peptide linking' y THREONINE                         ? 'C4 H9 N O3'          119.119 
TRP 'L-peptide linking' y TRYPTOPHAN                        ? 'C11 H12 N2 O2'       204.225 
TYR 'L-peptide linking' y TYROSINE                          ? 'C9 H11 N O3'         181.189 
VAL 'L-peptide linking' y VALINE                            ? 'C5 H11 N O2'         117.146 
# 
loop_
_pdbx_poly_seq_scheme.asym_id 
_pdbx_poly_seq_scheme.entity_id 
_pdbx_poly_seq_scheme.seq_id 
_pdbx_poly_seq_scheme.mon_id 
_pdbx_poly_seq_scheme.ndb_seq_num 
_pdbx_poly_seq_scheme.pdb_seq_num 
_pdbx_poly_seq_scheme.auth_seq_num 
_pdbx_poly_seq_scheme.pdb_mon_id 
_pdbx_poly_seq_scheme.auth_mon_id 
_pdbx_poly_seq_scheme.pdb_strand_id 
_pdbx_poly_seq_scheme.pdb_ins_code 
_pdbx_poly_seq_scheme.hetero 
A 1 1   MET 1   1   ?   ?   ?   A . n 
A 1 2   SER 2   2   2   SER ALA A . n 
A 1 3   LYS 3   3   3   LYS LYS A . n 
A 1 4   LYS 4   4   4   LYS LYS A . n 
A 1 5   VAL 5   5   5   VAL VAL A . n 
A 1 6   LEU 6   6   6   LEU LEU A . n 
A 1 7   LEU 7   7   7   LEU LEU A . n 
A 1 8   VAL 8   8   8   VAL VAL A . n 
A 1 9   ASP 9   9   9   ASP ASP A . n 
A 1 10  ASP 10  10  10  ASP ASP A . n 
A 1 11  SER 11  11  11  SER SER A . n 
A 1 12  ALA 12  12  12  ALA ALA A . n 
A 1 13  PRO 13  13  13  PRO PRO A . n 
A 1 14  ILE 14  14  14  ILE ILE A . n 
A 1 15  ARG 15  15  15  ARG ARG A . n 
A 1 16  LYS 16  16  16  LYS LYS A . n 
A 1 17  MET 17  17  17  MET MET A . n 
A 1 18  VAL 18  18  18  VAL VAL A . n 
A 1 19  SER 19  19  19  SER SER A . n 
A 1 20  PHE 20  20  20  PHE PHE A . n 
A 1 21  VAL 21  21  21  VAL VAL A . n 
A 1 22  LEU 22  22  22  LEU LEU A . n 
A 1 23  LYS 23  23  23  LYS LYS A . n 
A 1 24  LYS 24  24  24  LYS LYS A . n 
A 1 25  GLU 25  25  25  GLU GLU A . n 
A 1 26  GLY 26  26  26  GLY GLY A . n 
A 1 27  TYR 27  27  27  TYR TYR A . n 
A 1 28  GLU 28  28  28  GLU GLU A . n 
A 1 29  VAL 29  29  29  VAL VAL A . n 
A 1 30  ILE 30  30  30  ILE ILE A . n 
A 1 31  GLU 31  31  31  GLU GLU A . n 
A 1 32  ALA 32  32  32  ALA ALA A . n 
A 1 33  GLU 33  33  33  GLU GLU A . n 
A 1 34  ASN 34  34  34  ASN ASN A . n 
A 1 35  GLY 35  35  35  GLY GLY A . n 
A 1 36  GLN 36  36  36  GLN GLN A . n 
A 1 37  ILE 37  37  37  ILE ILE A . n 
A 1 38  ALA 38  38  38  ALA ALA A . n 
A 1 39  LEU 39  39  39  LEU LEU A . n 
A 1 40  GLU 40  40  40  GLU GLU A . n 
A 1 41  LYS 41  41  41  LYS LYS A . n 
A 1 42  LEU 42  42  42  LEU LEU A . n 
A 1 43  SER 43  43  43  SER SER A . n 
A 1 44  GLU 44  44  44  GLU GLU A . n 
A 1 45  PHE 45  45  45  PHE PHE A . n 
A 1 46  THR 46  46  46  THR THR A . n 
A 1 47  PRO 47  47  47  PRO PRO A . n 
A 1 48  ASP 48  48  48  ASP ASP A . n 
A 1 49  LEU 49  49  49  LEU LEU A . n 
A 1 50  ILE 50  50  50  ILE ILE A . n 
A 1 51  VAL 51  51  51  VAL VAL A . n 
A 1 52  LEU 52  52  52  LEU LEU A . n 
A 1 53  BFD 53  53  53  BFD ASP A . n 
A 1 54  ILE 54  54  54  ILE ILE A . n 
A 1 55  MET 55  55  55  MET MET A . n 
A 1 56  MET 56  56  56  MET MET A . n 
A 1 57  PRO 57  57  57  PRO PRO A . n 
A 1 58  VAL 58  58  58  VAL VAL A . n 
A 1 59  MET 59  59  59  MET MET A . n 
A 1 60  ASP 60  60  60  ASP ASP A . n 
A 1 61  GLY 61  61  61  GLY GLY A . n 
A 1 62  PHE 62  62  62  PHE PHE A . n 
A 1 63  THR 63  63  63  THR THR A . n 
A 1 64  VAL 64  64  64  VAL VAL A . n 
A 1 65  LEU 65  65  65  LEU LEU A . n 
A 1 66  LYS 66  66  66  LYS LYS A . n 
A 1 67  LYS 67  67  67  LYS LYS A . n 
A 1 68  LEU 68  68  68  LEU LEU A . n 
A 1 69  GLN 69  69  69  GLN GLN A . n 
A 1 70  GLU 70  70  70  GLU GLU A . n 
A 1 71  LYS 71  71  71  LYS LYS A . n 
A 1 72  GLU 72  72  72  GLU GLU A . n 
A 1 73  GLU 73  73  73  GLU GLU A . n 
A 1 74  TRP 74  74  74  TRP TRP A . n 
A 1 75  LYS 75  75  75  LYS LYS A . n 
A 1 76  ARG 76  76  76  ARG ARG A . n 
A 1 77  ILE 77  77  77  ILE ILE A . n 
A 1 78  PRO 78  78  78  PRO PRO A . n 
A 1 79  VAL 79  79  79  VAL VAL A . n 
A 1 80  ILE 80  80  80  ILE ILE A . n 
A 1 81  VAL 81  81  81  VAL VAL A . n 
A 1 82  LEU 82  82  82  LEU LEU A . n 
A 1 83  THR 83  83  83  THR THR A . n 
A 1 84  ALA 84  84  84  ALA ALA A . n 
A 1 85  LYS 85  85  85  LYS LYS A . n 
A 1 86  GLY 86  86  86  GLY GLY A . n 
A 1 87  GLY 87  87  87  GLY GLY A . n 
A 1 88  GLU 88  88  88  GLU GLU A . n 
A 1 89  GLU 89  89  89  GLU GLU A . n 
A 1 90  ASP 90  90  90  ASP ASP A . n 
A 1 91  GLU 91  91  91  GLU GLU A . n 
A 1 92  SER 92  92  92  SER SER A . n 
A 1 93  LEU 93  93  93  LEU LEU A . n 
A 1 94  ALA 94  94  94  ALA ALA A . n 
A 1 95  LEU 95  95  95  LEU LEU A . n 
A 1 96  SER 96  96  96  SER SER A . n 
A 1 97  LEU 97  97  97  LEU LEU A . n 
A 1 98  GLY 98  98  98  GLY GLY A . n 
A 1 99  ALA 99  99  99  ALA ALA A . n 
A 1 100 ARG 100 100 100 ARG ARG A . n 
A 1 101 LYS 101 101 101 LYS LYS A . n 
A 1 102 VAL 102 102 102 VAL VAL A . n 
A 1 103 MET 103 103 103 MET MET A . n 
A 1 104 ARG 104 104 104 ARG ARG A . n 
A 1 105 LYS 105 105 105 LYS LYS A . n 
A 1 106 PRO 106 106 106 PRO PRO A . n 
A 1 107 PHE 107 107 107 PHE PHE A . n 
A 1 108 SER 108 108 108 SER SER A . n 
A 1 109 PRO 109 109 109 PRO PRO A . n 
A 1 110 SER 110 110 110 SER SER A . n 
A 1 111 GLN 111 111 111 GLN GLN A . n 
A 1 112 PHE 112 112 112 PHE PHE A . n 
A 1 113 ILE 113 113 113 ILE ILE A . n 
A 1 114 GLU 114 114 114 GLU GLU A . n 
A 1 115 GLU 115 115 115 GLU GLU A . n 
A 1 116 VAL 116 116 116 VAL VAL A . n 
A 1 117 LYS 117 117 117 LYS LYS A . n 
A 1 118 HIS 118 118 118 HIS HIS A . n 
A 1 119 LEU 119 119 119 LEU LEU A . n 
A 1 120 LEU 120 120 120 LEU LEU A . n 
A 1 121 ASN 121 121 121 ASN ASN A . n 
A 1 122 GLU 122 122 122 GLU GLU A . n 
# 
loop_
_pdbx_nonpoly_scheme.asym_id 
_pdbx_nonpoly_scheme.entity_id 
_pdbx_nonpoly_scheme.mon_id 
_pdbx_nonpoly_scheme.ndb_seq_num 
_pdbx_nonpoly_scheme.pdb_seq_num 
_pdbx_nonpoly_scheme.auth_seq_num 
_pdbx_nonpoly_scheme.pdb_mon_id 
_pdbx_nonpoly_scheme.auth_mon_id 
_pdbx_nonpoly_scheme.pdb_strand_id 
_pdbx_nonpoly_scheme.pdb_ins_code 
B 2 MG  1  201 53 MG  MG  A . 
C 3 SO4 1  202 1  SO4 SO4 A . 
D 4 ACT 1  203 1  ACT ACT A . 
E 4 ACT 1  204 2  ACT ACT A . 
F 5 HOH 1  301 1  HOH HOH A . 
F 5 HOH 2  302 2  HOH HOH A . 
F 5 HOH 3  303 3  HOH HOH A . 
F 5 HOH 4  304 4  HOH HOH A . 
F 5 HOH 5  305 5  HOH HOH A . 
F 5 HOH 6  306 6  HOH HOH A . 
F 5 HOH 7  307 7  HOH HOH A . 
F 5 HOH 8  308 8  HOH HOH A . 
F 5 HOH 9  309 9  HOH HOH A . 
F 5 HOH 10 310 10 HOH HOH A . 
F 5 HOH 11 311 11 HOH HOH A . 
F 5 HOH 12 312 12 HOH HOH A . 
F 5 HOH 13 313 13 HOH HOH A . 
F 5 HOH 14 314 14 HOH HOH A . 
F 5 HOH 15 315 15 HOH HOH A . 
F 5 HOH 16 316 16 HOH HOH A . 
F 5 HOH 17 317 17 HOH HOH A . 
F 5 HOH 18 318 18 HOH HOH A . 
F 5 HOH 19 319 19 HOH HOH A . 
F 5 HOH 20 320 20 HOH HOH A . 
F 5 HOH 21 321 21 HOH HOH A . 
F 5 HOH 22 322 22 HOH HOH A . 
F 5 HOH 23 323 23 HOH HOH A . 
F 5 HOH 24 324 24 HOH HOH A . 
F 5 HOH 25 325 25 HOH HOH A . 
F 5 HOH 26 326 26 HOH HOH A . 
F 5 HOH 27 327 27 HOH HOH A . 
F 5 HOH 28 328 28 HOH HOH A . 
F 5 HOH 29 329 29 HOH HOH A . 
F 5 HOH 30 330 30 HOH HOH A . 
F 5 HOH 31 331 31 HOH HOH A . 
F 5 HOH 32 332 32 HOH HOH A . 
F 5 HOH 33 333 33 HOH HOH A . 
F 5 HOH 34 334 34 HOH HOH A . 
F 5 HOH 35 335 35 HOH HOH A . 
F 5 HOH 36 336 36 HOH HOH A . 
F 5 HOH 37 337 37 HOH HOH A . 
F 5 HOH 38 338 38 HOH HOH A . 
F 5 HOH 39 339 39 HOH HOH A . 
F 5 HOH 40 340 40 HOH HOH A . 
F 5 HOH 41 341 41 HOH HOH A . 
F 5 HOH 42 342 42 HOH HOH A . 
F 5 HOH 43 343 43 HOH HOH A . 
F 5 HOH 44 344 44 HOH HOH A . 
F 5 HOH 45 345 45 HOH HOH A . 
F 5 HOH 46 346 46 HOH HOH A . 
F 5 HOH 47 347 47 HOH HOH A . 
F 5 HOH 48 348 48 HOH HOH A . 
F 5 HOH 49 349 49 HOH HOH A . 
F 5 HOH 50 350 50 HOH HOH A . 
F 5 HOH 51 351 51 HOH HOH A . 
F 5 HOH 52 352 52 HOH HOH A . 
F 5 HOH 53 353 53 HOH HOH A . 
F 5 HOH 54 354 54 HOH HOH A . 
F 5 HOH 55 355 55 HOH HOH A . 
F 5 HOH 56 356 56 HOH HOH A . 
F 5 HOH 57 357 57 HOH HOH A . 
F 5 HOH 58 358 58 HOH HOH A . 
F 5 HOH 59 359 59 HOH HOH A . 
F 5 HOH 60 360 60 HOH HOH A . 
F 5 HOH 61 361 61 HOH HOH A . 
F 5 HOH 62 362 62 HOH HOH A . 
F 5 HOH 63 363 63 HOH HOH A . 
F 5 HOH 64 364 64 HOH HOH A . 
F 5 HOH 65 365 65 HOH HOH A . 
F 5 HOH 66 366 66 HOH HOH A . 
F 5 HOH 67 367 67 HOH HOH A . 
F 5 HOH 68 368 68 HOH HOH A . 
F 5 HOH 69 369 69 HOH HOH A . 
F 5 HOH 70 370 70 HOH HOH A . 
F 5 HOH 71 371 71 HOH HOH A . 
F 5 HOH 72 372 72 HOH HOH A . 
F 5 HOH 73 373 73 HOH HOH A . 
F 5 HOH 74 374 74 HOH HOH A . 
F 5 HOH 75 375 75 HOH HOH A . 
F 5 HOH 76 376 76 HOH HOH A . 
F 5 HOH 77 377 77 HOH HOH A . 
F 5 HOH 78 378 78 HOH HOH A . 
F 5 HOH 79 379 79 HOH HOH A . 
F 5 HOH 80 380 80 HOH HOH A . 
F 5 HOH 81 381 81 HOH HOH A . 
F 5 HOH 82 382 82 HOH HOH A . 
F 5 HOH 83 383 83 HOH HOH A . 
F 5 HOH 84 384 84 HOH HOH A . 
F 5 HOH 85 385 85 HOH HOH A . 
F 5 HOH 86 386 86 HOH HOH A . 
F 5 HOH 87 387 87 HOH HOH A . 
F 5 HOH 88 388 88 HOH HOH A . 
F 5 HOH 89 389 89 HOH HOH A . 
F 5 HOH 90 390 90 HOH HOH A . 
F 5 HOH 91 391 91 HOH HOH A . 
# 
_pdbx_unobs_or_zero_occ_atoms.id               1 
_pdbx_unobs_or_zero_occ_atoms.PDB_model_num    1 
_pdbx_unobs_or_zero_occ_atoms.polymer_flag     Y 
_pdbx_unobs_or_zero_occ_atoms.occupancy_flag   1 
_pdbx_unobs_or_zero_occ_atoms.auth_asym_id     A 
_pdbx_unobs_or_zero_occ_atoms.auth_comp_id     SER 
_pdbx_unobs_or_zero_occ_atoms.auth_seq_id      2 
_pdbx_unobs_or_zero_occ_atoms.PDB_ins_code     ? 
_pdbx_unobs_or_zero_occ_atoms.auth_atom_id     OG 
_pdbx_unobs_or_zero_occ_atoms.label_alt_id     ? 
_pdbx_unobs_or_zero_occ_atoms.label_asym_id    A 
_pdbx_unobs_or_zero_occ_atoms.label_comp_id    SER 
_pdbx_unobs_or_zero_occ_atoms.label_seq_id     2 
_pdbx_unobs_or_zero_occ_atoms.label_atom_id    OG 
# 
loop_
_software.name 
_software.classification 
_software.version 
_software.citation_id 
_software.pdbx_ordinal 
XDS    'data scaling'   .        ? 1 
PHASER phasing          .        ? 2 
REFMAC refinement       5.6.0117 ? 3 
XDS    'data reduction' .        ? 4 
SCALA  'data scaling'   .        ? 5 
# 
_cell.entry_id           4JA2 
_cell.length_a           53.980 
_cell.length_b           58.060 
_cell.length_c           71.470 
_cell.angle_alpha        90.00 
_cell.angle_beta         90.00 
_cell.angle_gamma        90.00 
_cell.Z_PDB              8 
_cell.pdbx_unique_axis   ? 
_cell.length_a_esd       ? 
_cell.length_b_esd       ? 
_cell.length_c_esd       ? 
_cell.angle_alpha_esd    ? 
_cell.angle_beta_esd     ? 
_cell.angle_gamma_esd    ? 
# 
_symmetry.entry_id                         4JA2 
_symmetry.space_group_name_H-M             'I 2 2 2' 
_symmetry.pdbx_full_space_group_name_H-M   ? 
_symmetry.cell_setting                     ? 
_symmetry.Int_Tables_number                23 
_symmetry.space_group_name_Hall            ? 
# 
_exptl.entry_id          4JA2 
_exptl.method            'X-RAY DIFFRACTION' 
_exptl.crystals_number   1 
# 
_exptl_crystal.id                    1 
_exptl_crystal.density_meas          ? 
_exptl_crystal.density_Matthews      2.01 
_exptl_crystal.density_percent_sol   38.87 
_exptl_crystal.description           ? 
_exptl_crystal.F_000                 ? 
_exptl_crystal.preparation           ? 
# 
_exptl_crystal_grow.crystal_id      1 
_exptl_crystal_grow.method          'VAPOR DIFFUSION, SITTING DROP' 
_exptl_crystal_grow.temp            294 
_exptl_crystal_grow.temp_details    ? 
_exptl_crystal_grow.pH              4.6 
_exptl_crystal_grow.pdbx_details    
'50% PEG400, 0.1M sodium acetate, 0.2M lithium sulfate, pH 4.6, VAPOR DIFFUSION, SITTING DROP, temperature 294K' 
_exptl_crystal_grow.pdbx_pH_range   . 
# 
_diffrn.id                     1 
_diffrn.ambient_temp           100 
_diffrn.ambient_temp_details   ? 
_diffrn.crystal_id             1 
# 
_diffrn_detector.diffrn_id              1 
_diffrn_detector.detector               CCD 
_diffrn_detector.type                   'MARMOSAIC 225 mm CCD' 
_diffrn_detector.pdbx_collection_date   2011-09-29 
_diffrn_detector.details                'Pt coated mirrors in a Kirkpatrick-Baez (KB) geometry' 
# 
_diffrn_radiation.diffrn_id                        1 
_diffrn_radiation.wavelength_id                    1 
_diffrn_radiation.pdbx_monochromatic_or_laue_m_l   M 
_diffrn_radiation.monochromator                    'Si (111) monochromator' 
_diffrn_radiation.pdbx_diffrn_protocol             'SINGLE WAVELENGTH' 
_diffrn_radiation.pdbx_scattering_type             x-ray 
# 
_diffrn_radiation_wavelength.id           1 
_diffrn_radiation_wavelength.wavelength   0.87260 
_diffrn_radiation_wavelength.wt           1.0 
# 
_diffrn_source.diffrn_id                   1 
_diffrn_source.source                      SYNCHROTRON 
_diffrn_source.type                        'ESRF BEAMLINE ID23-2' 
_diffrn_source.pdbx_synchrotron_site       ESRF 
_diffrn_source.pdbx_synchrotron_beamline   ID23-2 
_diffrn_source.pdbx_wavelength             ? 
_diffrn_source.pdbx_wavelength_list        0.87260 
# 
_reflns.entry_id                     4JA2 
_reflns.observed_criterion_sigma_I   2.0 
_reflns.observed_criterion_sigma_F   2.0 
_reflns.d_resolution_low             35.74 
_reflns.d_resolution_high            1.79 
_reflns.number_obs                   10950 
_reflns.number_all                   ? 
_reflns.percent_possible_obs         100 
_reflns.pdbx_Rmerge_I_obs            0.078 
_reflns.pdbx_Rsym_value              ? 
_reflns.pdbx_netI_over_sigmaI        ? 
_reflns.B_iso_Wilson_estimate        ? 
_reflns.pdbx_redundancy              ? 
_reflns.R_free_details               ? 
_reflns.limit_h_max                  ? 
_reflns.limit_h_min                  ? 
_reflns.limit_k_max                  ? 
_reflns.limit_k_min                  ? 
_reflns.limit_l_max                  ? 
_reflns.limit_l_min                  ? 
_reflns.observed_criterion_F_max     ? 
_reflns.observed_criterion_F_min     ? 
_reflns.pdbx_chi_squared             ? 
_reflns.pdbx_scaling_rejects         ? 
_reflns.pdbx_ordinal                 1 
_reflns.pdbx_diffrn_id               1 
# 
_reflns_shell.d_res_high                  1.79 
_reflns_shell.d_res_low                   1.88 
_reflns_shell.percent_possible_all        100 
_reflns_shell.Rmerge_I_obs                0.279 
_reflns_shell.pdbx_Rsym_value             0.279 
_reflns_shell.meanI_over_sigI_obs         19.6 
_reflns_shell.pdbx_redundancy             7.7 
_reflns_shell.percent_possible_obs        ? 
_reflns_shell.number_unique_all           10950 
_reflns_shell.number_measured_all         ? 
_reflns_shell.number_measured_obs         ? 
_reflns_shell.number_unique_obs           ? 
_reflns_shell.pdbx_chi_squared            ? 
_reflns_shell.pdbx_rejects                ? 
_reflns_shell.pdbx_netI_over_sigmaI_obs   ? 
_reflns_shell.number_possible             ? 
_reflns_shell.Rmerge_F_all                ? 
_reflns_shell.Rmerge_F_obs                ? 
_reflns_shell.Rmerge_I_all                ? 
_reflns_shell.meanI_over_sigI_all         ? 
_reflns_shell.pdbx_Rrim_I_all             ? 
_reflns_shell.pdbx_Rpim_I_all             ? 
_reflns_shell.pdbx_ordinal                1 
_reflns_shell.pdbx_diffrn_id              1 
# 
_refine.entry_id                                 4JA2 
_refine.ls_number_reflns_obs                     10389 
_refine.ls_number_reflns_all                     ? 
_refine.pdbx_ls_sigma_I                          ? 
_refine.pdbx_ls_sigma_F                          2.6 
_refine.pdbx_data_cutoff_high_absF               ? 
_refine.pdbx_data_cutoff_low_absF                ? 
_refine.pdbx_data_cutoff_high_rms_absF           ? 
_refine.ls_d_res_low                             35.74 
_refine.ls_d_res_high                            1.79 
_refine.ls_percent_reflns_obs                    99.97 
_refine.ls_R_factor_obs                          0.18762 
_refine.ls_R_factor_all                          ? 
_refine.ls_R_factor_R_work                       0.18592 
_refine.ls_R_factor_R_free                       0.22273 
_refine.ls_R_factor_R_free_error                 ? 
_refine.ls_R_factor_R_free_error_details         ? 
_refine.ls_percent_reflns_R_free                 4.8 
_refine.ls_number_reflns_R_free                  519 
_refine.ls_number_parameters                     ? 
_refine.ls_number_restraints                     ? 
_refine.occupancy_min                            ? 
_refine.occupancy_max                            ? 
_refine.correlation_coeff_Fo_to_Fc               0.945 
_refine.correlation_coeff_Fo_to_Fc_free          0.923 
_refine.B_iso_mean                               13.500 
_refine.aniso_B[1][1]                            0.10 
_refine.aniso_B[2][2]                            -0.33 
_refine.aniso_B[3][3]                            0.23 
_refine.aniso_B[1][2]                            0.00 
_refine.aniso_B[1][3]                            0.00 
_refine.aniso_B[2][3]                            0.00 
_refine.solvent_model_details                    MASK 
_refine.solvent_model_param_ksol                 ? 
_refine.solvent_model_param_bsol                 ? 
_refine.pdbx_solvent_vdw_probe_radii             1.20 
_refine.pdbx_solvent_ion_probe_radii             0.80 
_refine.pdbx_solvent_shrinkage_radii             0.80 
_refine.pdbx_ls_cross_valid_method               THROUGHOUT 
_refine.details                                  'HYDROGENS HAVE BEEN USED IF PRESENT IN THE INPUT' 
_refine.pdbx_starting_model                      'PDB entry 3GL9' 
_refine.pdbx_method_to_determine_struct          'MOLECULAR REPLACEMENT' 
_refine.pdbx_isotropic_thermal_model             ? 
_refine.pdbx_stereochemistry_target_values       'MAXIMUM LIKELIHOOD' 
_refine.pdbx_stereochem_target_val_spec_case     ? 
_refine.pdbx_R_Free_selection_details            RANDOM 
_refine.pdbx_overall_ESU_R                       0.143 
_refine.pdbx_overall_ESU_R_Free                  0.131 
_refine.overall_SU_ML                            0.080 
_refine.pdbx_overall_phase_error                 ? 
_refine.overall_SU_B                             2.476 
_refine.overall_SU_R_Cruickshank_DPI             ? 
_refine.ls_redundancy_reflns_obs                 ? 
_refine.B_iso_min                                ? 
_refine.B_iso_max                                ? 
_refine.overall_SU_R_free                        ? 
_refine.ls_wR_factor_R_free                      ? 
_refine.ls_wR_factor_R_work                      ? 
_refine.overall_FOM_free_R_set                   ? 
_refine.overall_FOM_work_R_set                   ? 
_refine.pdbx_diffrn_id                           1 
_refine.pdbx_refine_id                           'X-RAY DIFFRACTION' 
_refine.pdbx_TLS_residual_ADP_flag               ? 
_refine.pdbx_overall_SU_R_free_Cruickshank_DPI   ? 
_refine.pdbx_overall_SU_R_Blow_DPI               ? 
_refine.pdbx_overall_SU_R_free_Blow_DPI          ? 
# 
_refine_hist.pdbx_refine_id                   'X-RAY DIFFRACTION' 
_refine_hist.cycle_id                         LAST 
_refine_hist.pdbx_number_atoms_protein        964 
_refine_hist.pdbx_number_atoms_nucleic_acid   0 
_refine_hist.pdbx_number_atoms_ligand         14 
_refine_hist.number_atoms_solvent             91 
_refine_hist.number_atoms_total               1069 
_refine_hist.d_res_high                       1.79 
_refine_hist.d_res_low                        35.74 
# 
loop_
_refine_ls_restr.type 
_refine_ls_restr.dev_ideal 
_refine_ls_restr.dev_ideal_target 
_refine_ls_restr.weight 
_refine_ls_restr.number 
_refine_ls_restr.pdbx_restraint_function 
_refine_ls_restr.pdbx_refine_id 
r_bond_refined_d             0.008  0.019  ? 999  ? 'X-RAY DIFFRACTION' 
r_bond_other_d               ?      ?      ? ?    ? 'X-RAY DIFFRACTION' 
r_angle_refined_deg          1.306  2.025  ? 1342 ? 'X-RAY DIFFRACTION' 
r_angle_other_deg            ?      ?      ? ?    ? 'X-RAY DIFFRACTION' 
r_dihedral_angle_1_deg       5.358  5.000  ? 124  ? 'X-RAY DIFFRACTION' 
r_dihedral_angle_2_deg       42.768 25.897 ? 39   ? 'X-RAY DIFFRACTION' 
r_dihedral_angle_3_deg       13.368 15.000 ? 208  ? 'X-RAY DIFFRACTION' 
r_dihedral_angle_4_deg       10.942 15.000 ? 4    ? 'X-RAY DIFFRACTION' 
r_chiral_restr               0.086  0.200  ? 157  ? 'X-RAY DIFFRACTION' 
r_gen_planes_refined         0.006  0.021  ? 707  ? 'X-RAY DIFFRACTION' 
r_gen_planes_other           ?      ?      ? ?    ? 'X-RAY DIFFRACTION' 
r_nbd_refined                ?      ?      ? ?    ? 'X-RAY DIFFRACTION' 
r_nbd_other                  ?      ?      ? ?    ? 'X-RAY DIFFRACTION' 
r_nbtor_refined              ?      ?      ? ?    ? 'X-RAY DIFFRACTION' 
r_nbtor_other                ?      ?      ? ?    ? 'X-RAY DIFFRACTION' 
r_xyhbond_nbd_refined        ?      ?      ? ?    ? 'X-RAY DIFFRACTION' 
r_xyhbond_nbd_other          ?      ?      ? ?    ? 'X-RAY DIFFRACTION' 
r_metal_ion_refined          ?      ?      ? ?    ? 'X-RAY DIFFRACTION' 
r_metal_ion_other            ?      ?      ? ?    ? 'X-RAY DIFFRACTION' 
r_symmetry_vdw_refined       ?      ?      ? ?    ? 'X-RAY DIFFRACTION' 
r_symmetry_vdw_other         ?      ?      ? ?    ? 'X-RAY DIFFRACTION' 
r_symmetry_hbond_refined     ?      ?      ? ?    ? 'X-RAY DIFFRACTION' 
r_symmetry_hbond_other       ?      ?      ? ?    ? 'X-RAY DIFFRACTION' 
r_symmetry_metal_ion_refined ?      ?      ? ?    ? 'X-RAY DIFFRACTION' 
r_symmetry_metal_ion_other   ?      ?      ? ?    ? 'X-RAY DIFFRACTION' 
r_mcbond_it                  ?      ?      ? ?    ? 'X-RAY DIFFRACTION' 
r_mcbond_other               ?      ?      ? ?    ? 'X-RAY DIFFRACTION' 
r_mcangle_it                 ?      ?      ? ?    ? 'X-RAY DIFFRACTION' 
r_scbond_it                  ?      ?      ? ?    ? 'X-RAY DIFFRACTION' 
r_scangle_it                 ?      ?      ? ?    ? 'X-RAY DIFFRACTION' 
r_rigid_bond_restr           ?      ?      ? ?    ? 'X-RAY DIFFRACTION' 
r_sphericity_free            ?      ?      ? ?    ? 'X-RAY DIFFRACTION' 
r_sphericity_bonded          ?      ?      ? ?    ? 'X-RAY DIFFRACTION' 
# 
_refine_ls_shell.pdbx_refine_id                   'X-RAY DIFFRACTION' 
_refine_ls_shell.pdbx_total_number_of_bins_used   20 
_refine_ls_shell.d_res_high                       1.790 
_refine_ls_shell.d_res_low                        1.836 
_refine_ls_shell.number_reflns_R_work             689 
_refine_ls_shell.R_factor_R_work                  0.223 
_refine_ls_shell.percent_reflns_obs               100.00 
_refine_ls_shell.R_factor_R_free                  0.252 
_refine_ls_shell.R_factor_R_free_error            ? 
_refine_ls_shell.percent_reflns_R_free            ? 
_refine_ls_shell.number_reflns_R_free             32 
_refine_ls_shell.number_reflns_all                ? 
_refine_ls_shell.R_factor_all                     ? 
_refine_ls_shell.number_reflns_obs                ? 
_refine_ls_shell.redundancy_reflns_obs            ? 
# 
_struct.entry_id                  4JA2 
_struct.title                     
'Structural basis of a rationally rewired protein-protein interface (RR468mutant V13P, L14I, I17M and N21V)' 
_struct.pdbx_model_details        ? 
_struct.pdbx_CASP_flag            ? 
_struct.pdbx_model_type_details   ? 
# 
_struct_keywords.entry_id        4JA2 
_struct_keywords.pdbx_keywords   'SIGNALING PROTEIN' 
_struct_keywords.text            
;alpha/beta domain, signal propagation, catalysis of phosphotransfer, auto-dephosphorylation, Histidine kinase binding, Phosphorylation, SIGNALING PROTEIN
;
# 
loop_
_struct_asym.id 
_struct_asym.pdbx_blank_PDB_chainid_flag 
_struct_asym.pdbx_modified 
_struct_asym.entity_id 
_struct_asym.details 
A N N 1 ? 
B N N 2 ? 
C N N 3 ? 
D N N 4 ? 
E N N 4 ? 
F N N 5 ? 
# 
_struct_ref.id                         1 
_struct_ref.db_name                    UNP 
_struct_ref.db_code                    Q9WYT9_THEMA 
_struct_ref.pdbx_db_accession          Q9WYT9 
_struct_ref.entity_id                  1 
_struct_ref.pdbx_seq_one_letter_code   
;MSKKVLLVDDSAVLRKIVSFNLKKEGYEVIEAENGQIALEKLSEFTPDLIVLDIMMPVMDGFTVLKKLQEKEEWKRIPVI
VLTAKGGEEDESLALSLGARKVMRKPFSPSQFIEEVKHLLNE
;
_struct_ref.pdbx_align_begin           1 
_struct_ref.pdbx_db_isoform            ? 
# 
_struct_ref_seq.align_id                      1 
_struct_ref_seq.ref_id                        1 
_struct_ref_seq.pdbx_PDB_id_code              4JA2 
_struct_ref_seq.pdbx_strand_id                A 
_struct_ref_seq.seq_align_beg                 1 
_struct_ref_seq.pdbx_seq_align_beg_ins_code   ? 
_struct_ref_seq.seq_align_end                 122 
_struct_ref_seq.pdbx_seq_align_end_ins_code   ? 
_struct_ref_seq.pdbx_db_accession             Q9WYT9 
_struct_ref_seq.db_align_beg                  1 
_struct_ref_seq.pdbx_db_align_beg_ins_code    ? 
_struct_ref_seq.db_align_end                  122 
_struct_ref_seq.pdbx_db_align_end_ins_code    ? 
_struct_ref_seq.pdbx_auth_seq_align_beg       1 
_struct_ref_seq.pdbx_auth_seq_align_end       122 
# 
loop_
_struct_ref_seq_dif.align_id 
_struct_ref_seq_dif.pdbx_pdb_id_code 
_struct_ref_seq_dif.mon_id 
_struct_ref_seq_dif.pdbx_pdb_strand_id 
_struct_ref_seq_dif.seq_num 
_struct_ref_seq_dif.pdbx_pdb_ins_code 
_struct_ref_seq_dif.pdbx_seq_db_name 
_struct_ref_seq_dif.pdbx_seq_db_accession_code 
_struct_ref_seq_dif.db_mon_id 
_struct_ref_seq_dif.pdbx_seq_db_seq_num 
_struct_ref_seq_dif.details 
_struct_ref_seq_dif.pdbx_auth_seq_num 
_struct_ref_seq_dif.pdbx_ordinal 
1 4JA2 PRO A 13 ? UNP Q9WYT9 VAL 13 'engineered mutation' 13 1 
1 4JA2 ILE A 14 ? UNP Q9WYT9 LEU 14 'engineered mutation' 14 2 
1 4JA2 MET A 17 ? UNP Q9WYT9 ILE 17 'engineered mutation' 17 3 
1 4JA2 VAL A 21 ? UNP Q9WYT9 ASN 21 'engineered mutation' 21 4 
# 
_pdbx_struct_assembly.id                   1 
_pdbx_struct_assembly.details              author_and_software_defined_assembly 
_pdbx_struct_assembly.method_details       PISA 
_pdbx_struct_assembly.oligomeric_details   monomeric 
_pdbx_struct_assembly.oligomeric_count     1 
# 
_pdbx_struct_assembly_gen.assembly_id       1 
_pdbx_struct_assembly_gen.oper_expression   1 
_pdbx_struct_assembly_gen.asym_id_list      A,B,C,D,E,F 
# 
_pdbx_struct_oper_list.id                   1 
_pdbx_struct_oper_list.type                 'identity operation' 
_pdbx_struct_oper_list.name                 1_555 
_pdbx_struct_oper_list.symmetry_operation   x,y,z 
_pdbx_struct_oper_list.matrix[1][1]         1.0000000000 
_pdbx_struct_oper_list.matrix[1][2]         0.0000000000 
_pdbx_struct_oper_list.matrix[1][3]         0.0000000000 
_pdbx_struct_oper_list.vector[1]            0.0000000000 
_pdbx_struct_oper_list.matrix[2][1]         0.0000000000 
_pdbx_struct_oper_list.matrix[2][2]         1.0000000000 
_pdbx_struct_oper_list.matrix[2][3]         0.0000000000 
_pdbx_struct_oper_list.vector[2]            0.0000000000 
_pdbx_struct_oper_list.matrix[3][1]         0.0000000000 
_pdbx_struct_oper_list.matrix[3][2]         0.0000000000 
_pdbx_struct_oper_list.matrix[3][3]         1.0000000000 
_pdbx_struct_oper_list.vector[3]            0.0000000000 
# 
_struct_biol.id        1 
_struct_biol.details   ? 
# 
loop_
_struct_conf.conf_type_id 
_struct_conf.id 
_struct_conf.pdbx_PDB_helix_id 
_struct_conf.beg_label_comp_id 
_struct_conf.beg_label_asym_id 
_struct_conf.beg_label_seq_id 
_struct_conf.pdbx_beg_PDB_ins_code 
_struct_conf.end_label_comp_id 
_struct_conf.end_label_asym_id 
_struct_conf.end_label_seq_id 
_struct_conf.pdbx_end_PDB_ins_code 
_struct_conf.beg_auth_comp_id 
_struct_conf.beg_auth_asym_id 
_struct_conf.beg_auth_seq_id 
_struct_conf.end_auth_comp_id 
_struct_conf.end_auth_asym_id 
_struct_conf.end_auth_seq_id 
_struct_conf.pdbx_PDB_helix_class 
_struct_conf.details 
_struct_conf.pdbx_PDB_helix_length 
HELX_P HELX_P1 1 SER A 11  ? GLU A 25  ? SER A 11  GLU A 25  1 ? 15 
HELX_P HELX_P2 2 ASN A 34  ? SER A 43  ? ASN A 34  SER A 43  1 ? 10 
HELX_P HELX_P3 3 ASP A 60  ? GLN A 69  ? ASP A 60  GLN A 69  1 ? 10 
HELX_P HELX_P4 4 LYS A 71  ? ARG A 76  ? LYS A 71  ARG A 76  1 ? 6  
HELX_P HELX_P5 5 GLY A 87  ? LEU A 97  ? GLY A 87  LEU A 97  1 ? 11 
HELX_P HELX_P6 6 SER A 108 ? ASN A 121 ? SER A 108 ASN A 121 1 ? 14 
# 
_struct_conf_type.id          HELX_P 
_struct_conf_type.criteria    ? 
_struct_conf_type.reference   ? 
# 
loop_
_struct_conn.id 
_struct_conn.conn_type_id 
_struct_conn.pdbx_leaving_atom_flag 
_struct_conn.pdbx_PDB_id 
_struct_conn.ptnr1_label_asym_id 
_struct_conn.ptnr1_label_comp_id 
_struct_conn.ptnr1_label_seq_id 
_struct_conn.ptnr1_label_atom_id 
_struct_conn.pdbx_ptnr1_label_alt_id 
_struct_conn.pdbx_ptnr1_PDB_ins_code 
_struct_conn.pdbx_ptnr1_standard_comp_id 
_struct_conn.ptnr1_symmetry 
_struct_conn.ptnr2_label_asym_id 
_struct_conn.ptnr2_label_comp_id 
_struct_conn.ptnr2_label_seq_id 
_struct_conn.ptnr2_label_atom_id 
_struct_conn.pdbx_ptnr2_label_alt_id 
_struct_conn.pdbx_ptnr2_PDB_ins_code 
_struct_conn.ptnr1_auth_asym_id 
_struct_conn.ptnr1_auth_comp_id 
_struct_conn.ptnr1_auth_seq_id 
_struct_conn.ptnr2_auth_asym_id 
_struct_conn.ptnr2_auth_comp_id 
_struct_conn.ptnr2_auth_seq_id 
_struct_conn.ptnr2_symmetry 
_struct_conn.pdbx_ptnr3_label_atom_id 
_struct_conn.pdbx_ptnr3_label_seq_id 
_struct_conn.pdbx_ptnr3_label_comp_id 
_struct_conn.pdbx_ptnr3_label_asym_id 
_struct_conn.pdbx_ptnr3_label_alt_id 
_struct_conn.pdbx_ptnr3_PDB_ins_code 
_struct_conn.details 
_struct_conn.pdbx_dist_value 
_struct_conn.pdbx_value_order 
_struct_conn.pdbx_role 
covale1 covale both ? A LEU 52 C   ? ? ? 1_555 A BFD 53 N  ? ? A LEU 52  A BFD 53  1_555 ? ? ? ? ? ? ? 1.328 ? ? 
covale2 covale both ? A BFD 53 C   ? ? ? 1_555 A ILE 54 N  ? ? A BFD 53  A ILE 54  1_555 ? ? ? ? ? ? ? 1.336 ? ? 
metalc1 metalc ?    ? A ASP 10 OD1 ? ? ? 1_555 B MG  .  MG ? ? A ASP 10  A MG  201 1_555 ? ? ? ? ? ? ? 2.083 ? ? 
metalc2 metalc ?    ? A BFD 53 OD2 ? ? ? 1_555 B MG  .  MG ? ? A BFD 53  A MG  201 1_555 ? ? ? ? ? ? ? 2.058 ? ? 
metalc3 metalc ?    ? A MET 55 O   ? ? ? 1_555 B MG  .  MG ? ? A MET 55  A MG  201 1_555 ? ? ? ? ? ? ? 2.051 ? ? 
metalc4 metalc ?    ? B MG  .  MG  ? ? ? 1_555 F HOH .  O  ? ? A MG  201 A HOH 304 1_555 ? ? ? ? ? ? ? 2.122 ? ? 
metalc5 metalc ?    ? B MG  .  MG  ? ? ? 1_555 F HOH .  O  ? ? A MG  201 A HOH 308 1_555 ? ? ? ? ? ? ? 2.101 ? ? 
# 
loop_
_struct_conn_type.id 
_struct_conn_type.criteria 
_struct_conn_type.reference 
covale ? ? 
metalc ? ? 
# 
loop_
_pdbx_struct_conn_angle.id 
_pdbx_struct_conn_angle.ptnr1_label_atom_id 
_pdbx_struct_conn_angle.ptnr1_label_alt_id 
_pdbx_struct_conn_angle.ptnr1_label_asym_id 
_pdbx_struct_conn_angle.ptnr1_label_comp_id 
_pdbx_struct_conn_angle.ptnr1_label_seq_id 
_pdbx_struct_conn_angle.ptnr1_auth_atom_id 
_pdbx_struct_conn_angle.ptnr1_auth_asym_id 
_pdbx_struct_conn_angle.ptnr1_auth_comp_id 
_pdbx_struct_conn_angle.ptnr1_auth_seq_id 
_pdbx_struct_conn_angle.ptnr1_PDB_ins_code 
_pdbx_struct_conn_angle.ptnr1_symmetry 
_pdbx_struct_conn_angle.ptnr2_label_atom_id 
_pdbx_struct_conn_angle.ptnr2_label_alt_id 
_pdbx_struct_conn_angle.ptnr2_label_asym_id 
_pdbx_struct_conn_angle.ptnr2_label_comp_id 
_pdbx_struct_conn_angle.ptnr2_label_seq_id 
_pdbx_struct_conn_angle.ptnr2_auth_atom_id 
_pdbx_struct_conn_angle.ptnr2_auth_asym_id 
_pdbx_struct_conn_angle.ptnr2_auth_comp_id 
_pdbx_struct_conn_angle.ptnr2_auth_seq_id 
_pdbx_struct_conn_angle.ptnr2_PDB_ins_code 
_pdbx_struct_conn_angle.ptnr2_symmetry 
_pdbx_struct_conn_angle.ptnr3_label_atom_id 
_pdbx_struct_conn_angle.ptnr3_label_alt_id 
_pdbx_struct_conn_angle.ptnr3_label_asym_id 
_pdbx_struct_conn_angle.ptnr3_label_comp_id 
_pdbx_struct_conn_angle.ptnr3_label_seq_id 
_pdbx_struct_conn_angle.ptnr3_auth_atom_id 
_pdbx_struct_conn_angle.ptnr3_auth_asym_id 
_pdbx_struct_conn_angle.ptnr3_auth_comp_id 
_pdbx_struct_conn_angle.ptnr3_auth_seq_id 
_pdbx_struct_conn_angle.ptnr3_PDB_ins_code 
_pdbx_struct_conn_angle.ptnr3_symmetry 
_pdbx_struct_conn_angle.value 
_pdbx_struct_conn_angle.value_esd 
1  OD1 ? A ASP 10 ? A ASP 10  ? 1_555 MG ? B MG . ? A MG 201 ? 1_555 OD2 ? A BFD 53 ? A BFD 53  ? 1_555 89.8  ? 
2  OD1 ? A ASP 10 ? A ASP 10  ? 1_555 MG ? B MG . ? A MG 201 ? 1_555 O   ? A MET 55 ? A MET 55  ? 1_555 84.1  ? 
3  OD2 ? A BFD 53 ? A BFD 53  ? 1_555 MG ? B MG . ? A MG 201 ? 1_555 O   ? A MET 55 ? A MET 55  ? 1_555 88.5  ? 
4  OD1 ? A ASP 10 ? A ASP 10  ? 1_555 MG ? B MG . ? A MG 201 ? 1_555 O   ? F HOH .  ? A HOH 304 ? 1_555 91.6  ? 
5  OD2 ? A BFD 53 ? A BFD 53  ? 1_555 MG ? B MG . ? A MG 201 ? 1_555 O   ? F HOH .  ? A HOH 304 ? 1_555 89.0  ? 
6  O   ? A MET 55 ? A MET 55  ? 1_555 MG ? B MG . ? A MG 201 ? 1_555 O   ? F HOH .  ? A HOH 304 ? 1_555 175.0 ? 
7  OD1 ? A ASP 10 ? A ASP 10  ? 1_555 MG ? B MG . ? A MG 201 ? 1_555 O   ? F HOH .  ? A HOH 308 ? 1_555 91.0  ? 
8  OD2 ? A BFD 53 ? A BFD 53  ? 1_555 MG ? B MG . ? A MG 201 ? 1_555 O   ? F HOH .  ? A HOH 308 ? 1_555 176.6 ? 
9  O   ? A MET 55 ? A MET 55  ? 1_555 MG ? B MG . ? A MG 201 ? 1_555 O   ? F HOH .  ? A HOH 308 ? 1_555 88.3  ? 
10 O   ? F HOH .  ? A HOH 304 ? 1_555 MG ? B MG . ? A MG 201 ? 1_555 O   ? F HOH .  ? A HOH 308 ? 1_555 94.4  ? 
# 
_pdbx_modification_feature.ordinal                            1 
_pdbx_modification_feature.label_comp_id                      BFD 
_pdbx_modification_feature.label_asym_id                      A 
_pdbx_modification_feature.label_seq_id                       53 
_pdbx_modification_feature.label_alt_id                       ? 
_pdbx_modification_feature.modified_residue_label_comp_id     . 
_pdbx_modification_feature.modified_residue_label_asym_id     . 
_pdbx_modification_feature.modified_residue_label_seq_id      . 
_pdbx_modification_feature.modified_residue_label_alt_id      . 
_pdbx_modification_feature.auth_comp_id                       BFD 
_pdbx_modification_feature.auth_asym_id                       A 
_pdbx_modification_feature.auth_seq_id                        53 
_pdbx_modification_feature.PDB_ins_code                       ? 
_pdbx_modification_feature.symmetry                           1_555 
_pdbx_modification_feature.modified_residue_auth_comp_id      . 
_pdbx_modification_feature.modified_residue_auth_asym_id      . 
_pdbx_modification_feature.modified_residue_auth_seq_id       . 
_pdbx_modification_feature.modified_residue_PDB_ins_code      . 
_pdbx_modification_feature.modified_residue_symmetry          . 
_pdbx_modification_feature.comp_id_linking_atom               . 
_pdbx_modification_feature.modified_residue_id_linking_atom   . 
_pdbx_modification_feature.modified_residue_id                ASP 
_pdbx_modification_feature.ref_pcm_id                         1 
_pdbx_modification_feature.ref_comp_id                        BFD 
_pdbx_modification_feature.type                               None 
_pdbx_modification_feature.category                           'Non-standard residue' 
# 
_struct_mon_prot_cis.pdbx_id                1 
_struct_mon_prot_cis.label_comp_id          LYS 
_struct_mon_prot_cis.label_seq_id           105 
_struct_mon_prot_cis.label_asym_id          A 
_struct_mon_prot_cis.label_alt_id           . 
_struct_mon_prot_cis.pdbx_PDB_ins_code      ? 
_struct_mon_prot_cis.auth_comp_id           LYS 
_struct_mon_prot_cis.auth_seq_id            105 
_struct_mon_prot_cis.auth_asym_id           A 
_struct_mon_prot_cis.pdbx_label_comp_id_2   PRO 
_struct_mon_prot_cis.pdbx_label_seq_id_2    106 
_struct_mon_prot_cis.pdbx_label_asym_id_2   A 
_struct_mon_prot_cis.pdbx_PDB_ins_code_2    ? 
_struct_mon_prot_cis.pdbx_auth_comp_id_2    PRO 
_struct_mon_prot_cis.pdbx_auth_seq_id_2     106 
_struct_mon_prot_cis.pdbx_auth_asym_id_2    A 
_struct_mon_prot_cis.pdbx_PDB_model_num     1 
_struct_mon_prot_cis.pdbx_omega_angle       8.88 
# 
_struct_sheet.id               A 
_struct_sheet.type             ? 
_struct_sheet.number_strands   5 
_struct_sheet.details          ? 
# 
loop_
_struct_sheet_order.sheet_id 
_struct_sheet_order.range_id_1 
_struct_sheet_order.range_id_2 
_struct_sheet_order.offset 
_struct_sheet_order.sense 
A 1 2 ? parallel 
A 2 3 ? parallel 
A 3 4 ? parallel 
A 4 5 ? parallel 
# 
loop_
_struct_sheet_range.sheet_id 
_struct_sheet_range.id 
_struct_sheet_range.beg_label_comp_id 
_struct_sheet_range.beg_label_asym_id 
_struct_sheet_range.beg_label_seq_id 
_struct_sheet_range.pdbx_beg_PDB_ins_code 
_struct_sheet_range.end_label_comp_id 
_struct_sheet_range.end_label_asym_id 
_struct_sheet_range.end_label_seq_id 
_struct_sheet_range.pdbx_end_PDB_ins_code 
_struct_sheet_range.beg_auth_comp_id 
_struct_sheet_range.beg_auth_asym_id 
_struct_sheet_range.beg_auth_seq_id 
_struct_sheet_range.end_auth_comp_id 
_struct_sheet_range.end_auth_asym_id 
_struct_sheet_range.end_auth_seq_id 
A 1 GLU A 28  ? ALA A 32  ? GLU A 28  ALA A 32  
A 2 LYS A 4   ? VAL A 8   ? LYS A 4   VAL A 8   
A 3 LEU A 49  ? LEU A 52  ? LEU A 49  LEU A 52  
A 4 VAL A 79  ? THR A 83  ? VAL A 79  THR A 83  
A 5 LYS A 101 ? ARG A 104 ? LYS A 101 ARG A 104 
# 
loop_
_pdbx_struct_sheet_hbond.sheet_id 
_pdbx_struct_sheet_hbond.range_id_1 
_pdbx_struct_sheet_hbond.range_id_2 
_pdbx_struct_sheet_hbond.range_1_label_atom_id 
_pdbx_struct_sheet_hbond.range_1_label_comp_id 
_pdbx_struct_sheet_hbond.range_1_label_asym_id 
_pdbx_struct_sheet_hbond.range_1_label_seq_id 
_pdbx_struct_sheet_hbond.range_1_PDB_ins_code 
_pdbx_struct_sheet_hbond.range_1_auth_atom_id 
_pdbx_struct_sheet_hbond.range_1_auth_comp_id 
_pdbx_struct_sheet_hbond.range_1_auth_asym_id 
_pdbx_struct_sheet_hbond.range_1_auth_seq_id 
_pdbx_struct_sheet_hbond.range_2_label_atom_id 
_pdbx_struct_sheet_hbond.range_2_label_comp_id 
_pdbx_struct_sheet_hbond.range_2_label_asym_id 
_pdbx_struct_sheet_hbond.range_2_label_seq_id 
_pdbx_struct_sheet_hbond.range_2_PDB_ins_code 
_pdbx_struct_sheet_hbond.range_2_auth_atom_id 
_pdbx_struct_sheet_hbond.range_2_auth_comp_id 
_pdbx_struct_sheet_hbond.range_2_auth_asym_id 
_pdbx_struct_sheet_hbond.range_2_auth_seq_id 
A 1 2 O ILE A 30 ? O ILE A 30 N LEU A 7   ? N LEU A 7   
A 2 3 N VAL A 8  ? N VAL A 8  O VAL A 51  ? O VAL A 51  
A 3 4 N ILE A 50 ? N ILE A 50 O ILE A 80  ? O ILE A 80  
A 4 5 N VAL A 81 ? N VAL A 81 O MET A 103 ? O MET A 103 
# 
loop_
_struct_site.id 
_struct_site.pdbx_evidence_code 
_struct_site.pdbx_auth_asym_id 
_struct_site.pdbx_auth_comp_id 
_struct_site.pdbx_auth_seq_id 
_struct_site.pdbx_auth_ins_code 
_struct_site.pdbx_num_residues 
_struct_site.details 
AC1 Software A MG  201 ? 5 'BINDING SITE FOR RESIDUE MG A 201'  
AC2 Software A SO4 202 ? 9 'BINDING SITE FOR RESIDUE SO4 A 202' 
AC3 Software A ACT 203 ? 6 'BINDING SITE FOR RESIDUE ACT A 203' 
AC4 Software A ACT 204 ? 4 'BINDING SITE FOR RESIDUE ACT A 204' 
# 
loop_
_struct_site_gen.id 
_struct_site_gen.site_id 
_struct_site_gen.pdbx_num_res 
_struct_site_gen.label_comp_id 
_struct_site_gen.label_asym_id 
_struct_site_gen.label_seq_id 
_struct_site_gen.pdbx_auth_ins_code 
_struct_site_gen.auth_comp_id 
_struct_site_gen.auth_asym_id 
_struct_site_gen.auth_seq_id 
_struct_site_gen.label_atom_id 
_struct_site_gen.label_alt_id 
_struct_site_gen.symmetry 
_struct_site_gen.details 
1  AC1 5 ASP A 10  ? ASP A 10  . ? 1_555 ? 
2  AC1 5 BFD A 53  ? BFD A 53  . ? 1_555 ? 
3  AC1 5 MET A 55  ? MET A 55  . ? 1_555 ? 
4  AC1 5 HOH F .   ? HOH A 304 . ? 1_555 ? 
5  AC1 5 HOH F .   ? HOH A 308 . ? 1_555 ? 
6  AC2 9 GLU A 31  ? GLU A 31  . ? 8_555 ? 
7  AC2 9 LYS A 41  ? LYS A 41  . ? 8_555 ? 
8  AC2 9 MET A 103 ? MET A 103 . ? 1_555 ? 
9  AC2 9 ARG A 104 ? ARG A 104 . ? 1_555 ? 
10 AC2 9 GLN A 111 ? GLN A 111 . ? 1_555 ? 
11 AC2 9 HOH F .   ? HOH A 320 . ? 8_555 ? 
12 AC2 9 HOH F .   ? HOH A 349 . ? 1_555 ? 
13 AC2 9 HOH F .   ? HOH A 351 . ? 1_555 ? 
14 AC2 9 HOH F .   ? HOH A 380 . ? 8_555 ? 
15 AC3 6 ARG A 100 ? ARG A 100 . ? 1_555 ? 
16 AC3 6 LYS A 101 ? LYS A 101 . ? 2_655 ? 
17 AC3 6 GLU A 115 ? GLU A 115 . ? 2_655 ? 
18 AC3 6 HIS A 118 ? HIS A 118 . ? 2_655 ? 
19 AC3 6 HIS A 118 ? HIS A 118 . ? 1_555 ? 
20 AC3 6 HOH F .   ? HOH A 365 . ? 2_655 ? 
21 AC4 4 LYS A 66  ? LYS A 66  . ? 4_556 ? 
22 AC4 4 LYS A 75  ? LYS A 75  . ? 1_555 ? 
23 AC4 4 ARG A 76  ? ARG A 76  . ? 1_555 ? 
24 AC4 4 HOH F .   ? HOH A 378 . ? 7_545 ? 
# 
_pdbx_entry_details.entry_id                   4JA2 
_pdbx_entry_details.compound_details           ? 
_pdbx_entry_details.source_details             ? 
_pdbx_entry_details.nonpolymer_details         ? 
_pdbx_entry_details.sequence_details           ? 
_pdbx_entry_details.has_ligand_of_interest     ? 
_pdbx_entry_details.has_protein_modification   Y 
# 
_pdbx_validate_close_contact.id               1 
_pdbx_validate_close_contact.PDB_model_num    1 
_pdbx_validate_close_contact.auth_atom_id_1   OD2 
_pdbx_validate_close_contact.auth_asym_id_1   A 
_pdbx_validate_close_contact.auth_comp_id_1   ASP 
_pdbx_validate_close_contact.auth_seq_id_1    90 
_pdbx_validate_close_contact.PDB_ins_code_1   ? 
_pdbx_validate_close_contact.label_alt_id_1   ? 
_pdbx_validate_close_contact.auth_atom_id_2   O 
_pdbx_validate_close_contact.auth_asym_id_2   A 
_pdbx_validate_close_contact.auth_comp_id_2   HOH 
_pdbx_validate_close_contact.auth_seq_id_2    391 
_pdbx_validate_close_contact.PDB_ins_code_2   ? 
_pdbx_validate_close_contact.label_alt_id_2   ? 
_pdbx_validate_close_contact.dist             2.11 
# 
_pdbx_validate_torsion.id              1 
_pdbx_validate_torsion.PDB_model_num   1 
_pdbx_validate_torsion.auth_comp_id    VAL 
_pdbx_validate_torsion.auth_asym_id    A 
_pdbx_validate_torsion.auth_seq_id     58 
_pdbx_validate_torsion.PDB_ins_code    ? 
_pdbx_validate_torsion.label_alt_id    ? 
_pdbx_validate_torsion.phi             74.15 
_pdbx_validate_torsion.psi             -58.41 
# 
_pdbx_struct_mod_residue.id               1 
_pdbx_struct_mod_residue.label_asym_id    A 
_pdbx_struct_mod_residue.label_comp_id    BFD 
_pdbx_struct_mod_residue.label_seq_id     53 
_pdbx_struct_mod_residue.auth_asym_id     A 
_pdbx_struct_mod_residue.auth_comp_id     BFD 
_pdbx_struct_mod_residue.auth_seq_id      53 
_pdbx_struct_mod_residue.PDB_ins_code     ? 
_pdbx_struct_mod_residue.parent_comp_id   ASP 
_pdbx_struct_mod_residue.details          'ASPARTATE BERYLLIUM TRIFLUORIDE' 
# 
_pdbx_unobs_or_zero_occ_residues.id               1 
_pdbx_unobs_or_zero_occ_residues.PDB_model_num    1 
_pdbx_unobs_or_zero_occ_residues.polymer_flag     Y 
_pdbx_unobs_or_zero_occ_residues.occupancy_flag   1 
_pdbx_unobs_or_zero_occ_residues.auth_asym_id     A 
_pdbx_unobs_or_zero_occ_residues.auth_comp_id     MET 
_pdbx_unobs_or_zero_occ_residues.auth_seq_id      1 
_pdbx_unobs_or_zero_occ_residues.PDB_ins_code     ? 
_pdbx_unobs_or_zero_occ_residues.label_asym_id    A 
_pdbx_unobs_or_zero_occ_residues.label_comp_id    MET 
_pdbx_unobs_or_zero_occ_residues.label_seq_id     1 
# 
loop_
_chem_comp_atom.comp_id 
_chem_comp_atom.atom_id 
_chem_comp_atom.type_symbol 
_chem_comp_atom.pdbx_aromatic_flag 
_chem_comp_atom.pdbx_stereo_config 
_chem_comp_atom.pdbx_ordinal 
ACT C    C  N N 1   
ACT O    O  N N 2   
ACT OXT  O  N N 3   
ACT CH3  C  N N 4   
ACT H1   H  N N 5   
ACT H2   H  N N 6   
ACT H3   H  N N 7   
ALA N    N  N N 8   
ALA CA   C  N S 9   
ALA C    C  N N 10  
ALA O    O  N N 11  
ALA CB   C  N N 12  
ALA OXT  O  N N 13  
ALA H    H  N N 14  
ALA H2   H  N N 15  
ALA HA   H  N N 16  
ALA HB1  H  N N 17  
ALA HB2  H  N N 18  
ALA HB3  H  N N 19  
ALA HXT  H  N N 20  
ARG N    N  N N 21  
ARG CA   C  N S 22  
ARG C    C  N N 23  
ARG O    O  N N 24  
ARG CB   C  N N 25  
ARG CG   C  N N 26  
ARG CD   C  N N 27  
ARG NE   N  N N 28  
ARG CZ   C  N N 29  
ARG NH1  N  N N 30  
ARG NH2  N  N N 31  
ARG OXT  O  N N 32  
ARG H    H  N N 33  
ARG H2   H  N N 34  
ARG HA   H  N N 35  
ARG HB2  H  N N 36  
ARG HB3  H  N N 37  
ARG HG2  H  N N 38  
ARG HG3  H  N N 39  
ARG HD2  H  N N 40  
ARG HD3  H  N N 41  
ARG HE   H  N N 42  
ARG HH11 H  N N 43  
ARG HH12 H  N N 44  
ARG HH21 H  N N 45  
ARG HH22 H  N N 46  
ARG HXT  H  N N 47  
ASN N    N  N N 48  
ASN CA   C  N S 49  
ASN C    C  N N 50  
ASN O    O  N N 51  
ASN CB   C  N N 52  
ASN CG   C  N N 53  
ASN OD1  O  N N 54  
ASN ND2  N  N N 55  
ASN OXT  O  N N 56  
ASN H    H  N N 57  
ASN H2   H  N N 58  
ASN HA   H  N N 59  
ASN HB2  H  N N 60  
ASN HB3  H  N N 61  
ASN HD21 H  N N 62  
ASN HD22 H  N N 63  
ASN HXT  H  N N 64  
ASP N    N  N N 65  
ASP CA   C  N S 66  
ASP C    C  N N 67  
ASP O    O  N N 68  
ASP CB   C  N N 69  
ASP CG   C  N N 70  
ASP OD1  O  N N 71  
ASP OD2  O  N N 72  
ASP OXT  O  N N 73  
ASP H    H  N N 74  
ASP H2   H  N N 75  
ASP HA   H  N N 76  
ASP HB2  H  N N 77  
ASP HB3  H  N N 78  
ASP HD2  H  N N 79  
ASP HXT  H  N N 80  
BFD N    N  N N 81  
BFD CA   C  N S 82  
BFD C    C  N N 83  
BFD O    O  N N 84  
BFD CB   C  N N 85  
BFD CG   C  N N 86  
BFD OD1  O  N N 87  
BFD OD2  O  N N 88  
BFD OXT  O  N N 89  
BFD BE   BE N N 90  
BFD F1   F  N N 91  
BFD F2   F  N N 92  
BFD F3   F  N N 93  
BFD H    H  N N 94  
BFD H2   H  N N 95  
BFD HA   H  N N 96  
BFD HB2  H  N N 97  
BFD HB3  H  N N 98  
BFD HXT  H  N N 99  
GLN N    N  N N 100 
GLN CA   C  N S 101 
GLN C    C  N N 102 
GLN O    O  N N 103 
GLN CB   C  N N 104 
GLN CG   C  N N 105 
GLN CD   C  N N 106 
GLN OE1  O  N N 107 
GLN NE2  N  N N 108 
GLN OXT  O  N N 109 
GLN H    H  N N 110 
GLN H2   H  N N 111 
GLN HA   H  N N 112 
GLN HB2  H  N N 113 
GLN HB3  H  N N 114 
GLN HG2  H  N N 115 
GLN HG3  H  N N 116 
GLN HE21 H  N N 117 
GLN HE22 H  N N 118 
GLN HXT  H  N N 119 
GLU N    N  N N 120 
GLU CA   C  N S 121 
GLU C    C  N N 122 
GLU O    O  N N 123 
GLU CB   C  N N 124 
GLU CG   C  N N 125 
GLU CD   C  N N 126 
GLU OE1  O  N N 127 
GLU OE2  O  N N 128 
GLU OXT  O  N N 129 
GLU H    H  N N 130 
GLU H2   H  N N 131 
GLU HA   H  N N 132 
GLU HB2  H  N N 133 
GLU HB3  H  N N 134 
GLU HG2  H  N N 135 
GLU HG3  H  N N 136 
GLU HE2  H  N N 137 
GLU HXT  H  N N 138 
GLY N    N  N N 139 
GLY CA   C  N N 140 
GLY C    C  N N 141 
GLY O    O  N N 142 
GLY OXT  O  N N 143 
GLY H    H  N N 144 
GLY H2   H  N N 145 
GLY HA2  H  N N 146 
GLY HA3  H  N N 147 
GLY HXT  H  N N 148 
HIS N    N  N N 149 
HIS CA   C  N S 150 
HIS C    C  N N 151 
HIS O    O  N N 152 
HIS CB   C  N N 153 
HIS CG   C  Y N 154 
HIS ND1  N  Y N 155 
HIS CD2  C  Y N 156 
HIS CE1  C  Y N 157 
HIS NE2  N  Y N 158 
HIS OXT  O  N N 159 
HIS H    H  N N 160 
HIS H2   H  N N 161 
HIS HA   H  N N 162 
HIS HB2  H  N N 163 
HIS HB3  H  N N 164 
HIS HD1  H  N N 165 
HIS HD2  H  N N 166 
HIS HE1  H  N N 167 
HIS HE2  H  N N 168 
HIS HXT  H  N N 169 
HOH O    O  N N 170 
HOH H1   H  N N 171 
HOH H2   H  N N 172 
ILE N    N  N N 173 
ILE CA   C  N S 174 
ILE C    C  N N 175 
ILE O    O  N N 176 
ILE CB   C  N S 177 
ILE CG1  C  N N 178 
ILE CG2  C  N N 179 
ILE CD1  C  N N 180 
ILE OXT  O  N N 181 
ILE H    H  N N 182 
ILE H2   H  N N 183 
ILE HA   H  N N 184 
ILE HB   H  N N 185 
ILE HG12 H  N N 186 
ILE HG13 H  N N 187 
ILE HG21 H  N N 188 
ILE HG22 H  N N 189 
ILE HG23 H  N N 190 
ILE HD11 H  N N 191 
ILE HD12 H  N N 192 
ILE HD13 H  N N 193 
ILE HXT  H  N N 194 
LEU N    N  N N 195 
LEU CA   C  N S 196 
LEU C    C  N N 197 
LEU O    O  N N 198 
LEU CB   C  N N 199 
LEU CG   C  N N 200 
LEU CD1  C  N N 201 
LEU CD2  C  N N 202 
LEU OXT  O  N N 203 
LEU H    H  N N 204 
LEU H2   H  N N 205 
LEU HA   H  N N 206 
LEU HB2  H  N N 207 
LEU HB3  H  N N 208 
LEU HG   H  N N 209 
LEU HD11 H  N N 210 
LEU HD12 H  N N 211 
LEU HD13 H  N N 212 
LEU HD21 H  N N 213 
LEU HD22 H  N N 214 
LEU HD23 H  N N 215 
LEU HXT  H  N N 216 
LYS N    N  N N 217 
LYS CA   C  N S 218 
LYS C    C  N N 219 
LYS O    O  N N 220 
LYS CB   C  N N 221 
LYS CG   C  N N 222 
LYS CD   C  N N 223 
LYS CE   C  N N 224 
LYS NZ   N  N N 225 
LYS OXT  O  N N 226 
LYS H    H  N N 227 
LYS H2   H  N N 228 
LYS HA   H  N N 229 
LYS HB2  H  N N 230 
LYS HB3  H  N N 231 
LYS HG2  H  N N 232 
LYS HG3  H  N N 233 
LYS HD2  H  N N 234 
LYS HD3  H  N N 235 
LYS HE2  H  N N 236 
LYS HE3  H  N N 237 
LYS HZ1  H  N N 238 
LYS HZ2  H  N N 239 
LYS HZ3  H  N N 240 
LYS HXT  H  N N 241 
MET N    N  N N 242 
MET CA   C  N S 243 
MET C    C  N N 244 
MET O    O  N N 245 
MET CB   C  N N 246 
MET CG   C  N N 247 
MET SD   S  N N 248 
MET CE   C  N N 249 
MET OXT  O  N N 250 
MET H    H  N N 251 
MET H2   H  N N 252 
MET HA   H  N N 253 
MET HB2  H  N N 254 
MET HB3  H  N N 255 
MET HG2  H  N N 256 
MET HG3  H  N N 257 
MET HE1  H  N N 258 
MET HE2  H  N N 259 
MET HE3  H  N N 260 
MET HXT  H  N N 261 
MG  MG   MG N N 262 
PHE N    N  N N 263 
PHE CA   C  N S 264 
PHE C    C  N N 265 
PHE O    O  N N 266 
PHE CB   C  N N 267 
PHE CG   C  Y N 268 
PHE CD1  C  Y N 269 
PHE CD2  C  Y N 270 
PHE CE1  C  Y N 271 
PHE CE2  C  Y N 272 
PHE CZ   C  Y N 273 
PHE OXT  O  N N 274 
PHE H    H  N N 275 
PHE H2   H  N N 276 
PHE HA   H  N N 277 
PHE HB2  H  N N 278 
PHE HB3  H  N N 279 
PHE HD1  H  N N 280 
PHE HD2  H  N N 281 
PHE HE1  H  N N 282 
PHE HE2  H  N N 283 
PHE HZ   H  N N 284 
PHE HXT  H  N N 285 
PRO N    N  N N 286 
PRO CA   C  N S 287 
PRO C    C  N N 288 
PRO O    O  N N 289 
PRO CB   C  N N 290 
PRO CG   C  N N 291 
PRO CD   C  N N 292 
PRO OXT  O  N N 293 
PRO H    H  N N 294 
PRO HA   H  N N 295 
PRO HB2  H  N N 296 
PRO HB3  H  N N 297 
PRO HG2  H  N N 298 
PRO HG3  H  N N 299 
PRO HD2  H  N N 300 
PRO HD3  H  N N 301 
PRO HXT  H  N N 302 
SER N    N  N N 303 
SER CA   C  N S 304 
SER C    C  N N 305 
SER O    O  N N 306 
SER CB   C  N N 307 
SER OG   O  N N 308 
SER OXT  O  N N 309 
SER H    H  N N 310 
SER H2   H  N N 311 
SER HA   H  N N 312 
SER HB2  H  N N 313 
SER HB3  H  N N 314 
SER HG   H  N N 315 
SER HXT  H  N N 316 
SO4 S    S  N N 317 
SO4 O1   O  N N 318 
SO4 O2   O  N N 319 
SO4 O3   O  N N 320 
SO4 O4   O  N N 321 
THR N    N  N N 322 
THR CA   C  N S 323 
THR C    C  N N 324 
THR O    O  N N 325 
THR CB   C  N R 326 
THR OG1  O  N N 327 
THR CG2  C  N N 328 
THR OXT  O  N N 329 
THR H    H  N N 330 
THR H2   H  N N 331 
THR HA   H  N N 332 
THR HB   H  N N 333 
THR HG1  H  N N 334 
THR HG21 H  N N 335 
THR HG22 H  N N 336 
THR HG23 H  N N 337 
THR HXT  H  N N 338 
TRP N    N  N N 339 
TRP CA   C  N S 340 
TRP C    C  N N 341 
TRP O    O  N N 342 
TRP CB   C  N N 343 
TRP CG   C  Y N 344 
TRP CD1  C  Y N 345 
TRP CD2  C  Y N 346 
TRP NE1  N  Y N 347 
TRP CE2  C  Y N 348 
TRP CE3  C  Y N 349 
TRP CZ2  C  Y N 350 
TRP CZ3  C  Y N 351 
TRP CH2  C  Y N 352 
TRP OXT  O  N N 353 
TRP H    H  N N 354 
TRP H2   H  N N 355 
TRP HA   H  N N 356 
TRP HB2  H  N N 357 
TRP HB3  H  N N 358 
TRP HD1  H  N N 359 
TRP HE1  H  N N 360 
TRP HE3  H  N N 361 
TRP HZ2  H  N N 362 
TRP HZ3  H  N N 363 
TRP HH2  H  N N 364 
TRP HXT  H  N N 365 
TYR N    N  N N 366 
TYR CA   C  N S 367 
TYR C    C  N N 368 
TYR O    O  N N 369 
TYR CB   C  N N 370 
TYR CG   C  Y N 371 
TYR CD1  C  Y N 372 
TYR CD2  C  Y N 373 
TYR CE1  C  Y N 374 
TYR CE2  C  Y N 375 
TYR CZ   C  Y N 376 
TYR OH   O  N N 377 
TYR OXT  O  N N 378 
TYR H    H  N N 379 
TYR H2   H  N N 380 
TYR HA   H  N N 381 
TYR HB2  H  N N 382 
TYR HB3  H  N N 383 
TYR HD1  H  N N 384 
TYR HD2  H  N N 385 
TYR HE1  H  N N 386 
TYR HE2  H  N N 387 
TYR HH   H  N N 388 
TYR HXT  H  N N 389 
VAL N    N  N N 390 
VAL CA   C  N S 391 
VAL C    C  N N 392 
VAL O    O  N N 393 
VAL CB   C  N N 394 
VAL CG1  C  N N 395 
VAL CG2  C  N N 396 
VAL OXT  O  N N 397 
VAL H    H  N N 398 
VAL H2   H  N N 399 
VAL HA   H  N N 400 
VAL HB   H  N N 401 
VAL HG11 H  N N 402 
VAL HG12 H  N N 403 
VAL HG13 H  N N 404 
VAL HG21 H  N N 405 
VAL HG22 H  N N 406 
VAL HG23 H  N N 407 
VAL HXT  H  N N 408 
# 
loop_
_chem_comp_bond.comp_id 
_chem_comp_bond.atom_id_1 
_chem_comp_bond.atom_id_2 
_chem_comp_bond.value_order 
_chem_comp_bond.pdbx_aromatic_flag 
_chem_comp_bond.pdbx_stereo_config 
_chem_comp_bond.pdbx_ordinal 
ACT C   O    doub N N 1   
ACT C   OXT  sing N N 2   
ACT C   CH3  sing N N 3   
ACT CH3 H1   sing N N 4   
ACT CH3 H2   sing N N 5   
ACT CH3 H3   sing N N 6   
ALA N   CA   sing N N 7   
ALA N   H    sing N N 8   
ALA N   H2   sing N N 9   
ALA CA  C    sing N N 10  
ALA CA  CB   sing N N 11  
ALA CA  HA   sing N N 12  
ALA C   O    doub N N 13  
ALA C   OXT  sing N N 14  
ALA CB  HB1  sing N N 15  
ALA CB  HB2  sing N N 16  
ALA CB  HB3  sing N N 17  
ALA OXT HXT  sing N N 18  
ARG N   CA   sing N N 19  
ARG N   H    sing N N 20  
ARG N   H2   sing N N 21  
ARG CA  C    sing N N 22  
ARG CA  CB   sing N N 23  
ARG CA  HA   sing N N 24  
ARG C   O    doub N N 25  
ARG C   OXT  sing N N 26  
ARG CB  CG   sing N N 27  
ARG CB  HB2  sing N N 28  
ARG CB  HB3  sing N N 29  
ARG CG  CD   sing N N 30  
ARG CG  HG2  sing N N 31  
ARG CG  HG3  sing N N 32  
ARG CD  NE   sing N N 33  
ARG CD  HD2  sing N N 34  
ARG CD  HD3  sing N N 35  
ARG NE  CZ   sing N N 36  
ARG NE  HE   sing N N 37  
ARG CZ  NH1  sing N N 38  
ARG CZ  NH2  doub N N 39  
ARG NH1 HH11 sing N N 40  
ARG NH1 HH12 sing N N 41  
ARG NH2 HH21 sing N N 42  
ARG NH2 HH22 sing N N 43  
ARG OXT HXT  sing N N 44  
ASN N   CA   sing N N 45  
ASN N   H    sing N N 46  
ASN N   H2   sing N N 47  
ASN CA  C    sing N N 48  
ASN CA  CB   sing N N 49  
ASN CA  HA   sing N N 50  
ASN C   O    doub N N 51  
ASN C   OXT  sing N N 52  
ASN CB  CG   sing N N 53  
ASN CB  HB2  sing N N 54  
ASN CB  HB3  sing N N 55  
ASN CG  OD1  doub N N 56  
ASN CG  ND2  sing N N 57  
ASN ND2 HD21 sing N N 58  
ASN ND2 HD22 sing N N 59  
ASN OXT HXT  sing N N 60  
ASP N   CA   sing N N 61  
ASP N   H    sing N N 62  
ASP N   H2   sing N N 63  
ASP CA  C    sing N N 64  
ASP CA  CB   sing N N 65  
ASP CA  HA   sing N N 66  
ASP C   O    doub N N 67  
ASP C   OXT  sing N N 68  
ASP CB  CG   sing N N 69  
ASP CB  HB2  sing N N 70  
ASP CB  HB3  sing N N 71  
ASP CG  OD1  doub N N 72  
ASP CG  OD2  sing N N 73  
ASP OD2 HD2  sing N N 74  
ASP OXT HXT  sing N N 75  
BFD N   CA   sing N N 76  
BFD N   H    sing N N 77  
BFD N   H2   sing N N 78  
BFD CA  C    sing N N 79  
BFD CA  CB   sing N N 80  
BFD CA  HA   sing N N 81  
BFD C   O    doub N N 82  
BFD C   OXT  sing N N 83  
BFD CB  CG   sing N N 84  
BFD CB  HB2  sing N N 85  
BFD CB  HB3  sing N N 86  
BFD CG  OD1  sing N N 87  
BFD CG  OD2  doub N N 88  
BFD OD1 BE   sing N N 89  
BFD OXT HXT  sing N N 90  
BFD BE  F1   sing N N 91  
BFD BE  F2   sing N N 92  
BFD BE  F3   sing N N 93  
GLN N   CA   sing N N 94  
GLN N   H    sing N N 95  
GLN N   H2   sing N N 96  
GLN CA  C    sing N N 97  
GLN CA  CB   sing N N 98  
GLN CA  HA   sing N N 99  
GLN C   O    doub N N 100 
GLN C   OXT  sing N N 101 
GLN CB  CG   sing N N 102 
GLN CB  HB2  sing N N 103 
GLN CB  HB3  sing N N 104 
GLN CG  CD   sing N N 105 
GLN CG  HG2  sing N N 106 
GLN CG  HG3  sing N N 107 
GLN CD  OE1  doub N N 108 
GLN CD  NE2  sing N N 109 
GLN NE2 HE21 sing N N 110 
GLN NE2 HE22 sing N N 111 
GLN OXT HXT  sing N N 112 
GLU N   CA   sing N N 113 
GLU N   H    sing N N 114 
GLU N   H2   sing N N 115 
GLU CA  C    sing N N 116 
GLU CA  CB   sing N N 117 
GLU CA  HA   sing N N 118 
GLU C   O    doub N N 119 
GLU C   OXT  sing N N 120 
GLU CB  CG   sing N N 121 
GLU CB  HB2  sing N N 122 
GLU CB  HB3  sing N N 123 
GLU CG  CD   sing N N 124 
GLU CG  HG2  sing N N 125 
GLU CG  HG3  sing N N 126 
GLU CD  OE1  doub N N 127 
GLU CD  OE2  sing N N 128 
GLU OE2 HE2  sing N N 129 
GLU OXT HXT  sing N N 130 
GLY N   CA   sing N N 131 
GLY N   H    sing N N 132 
GLY N   H2   sing N N 133 
GLY CA  C    sing N N 134 
GLY CA  HA2  sing N N 135 
GLY CA  HA3  sing N N 136 
GLY C   O    doub N N 137 
GLY C   OXT  sing N N 138 
GLY OXT HXT  sing N N 139 
HIS N   CA   sing N N 140 
HIS N   H    sing N N 141 
HIS N   H2   sing N N 142 
HIS CA  C    sing N N 143 
HIS CA  CB   sing N N 144 
HIS CA  HA   sing N N 145 
HIS C   O    doub N N 146 
HIS C   OXT  sing N N 147 
HIS CB  CG   sing N N 148 
HIS CB  HB2  sing N N 149 
HIS CB  HB3  sing N N 150 
HIS CG  ND1  sing Y N 151 
HIS CG  CD2  doub Y N 152 
HIS ND1 CE1  doub Y N 153 
HIS ND1 HD1  sing N N 154 
HIS CD2 NE2  sing Y N 155 
HIS CD2 HD2  sing N N 156 
HIS CE1 NE2  sing Y N 157 
HIS CE1 HE1  sing N N 158 
HIS NE2 HE2  sing N N 159 
HIS OXT HXT  sing N N 160 
HOH O   H1   sing N N 161 
HOH O   H2   sing N N 162 
ILE N   CA   sing N N 163 
ILE N   H    sing N N 164 
ILE N   H2   sing N N 165 
ILE CA  C    sing N N 166 
ILE CA  CB   sing N N 167 
ILE CA  HA   sing N N 168 
ILE C   O    doub N N 169 
ILE C   OXT  sing N N 170 
ILE CB  CG1  sing N N 171 
ILE CB  CG2  sing N N 172 
ILE CB  HB   sing N N 173 
ILE CG1 CD1  sing N N 174 
ILE CG1 HG12 sing N N 175 
ILE CG1 HG13 sing N N 176 
ILE CG2 HG21 sing N N 177 
ILE CG2 HG22 sing N N 178 
ILE CG2 HG23 sing N N 179 
ILE CD1 HD11 sing N N 180 
ILE CD1 HD12 sing N N 181 
ILE CD1 HD13 sing N N 182 
ILE OXT HXT  sing N N 183 
LEU N   CA   sing N N 184 
LEU N   H    sing N N 185 
LEU N   H2   sing N N 186 
LEU CA  C    sing N N 187 
LEU CA  CB   sing N N 188 
LEU CA  HA   sing N N 189 
LEU C   O    doub N N 190 
LEU C   OXT  sing N N 191 
LEU CB  CG   sing N N 192 
LEU CB  HB2  sing N N 193 
LEU CB  HB3  sing N N 194 
LEU CG  CD1  sing N N 195 
LEU CG  CD2  sing N N 196 
LEU CG  HG   sing N N 197 
LEU CD1 HD11 sing N N 198 
LEU CD1 HD12 sing N N 199 
LEU CD1 HD13 sing N N 200 
LEU CD2 HD21 sing N N 201 
LEU CD2 HD22 sing N N 202 
LEU CD2 HD23 sing N N 203 
LEU OXT HXT  sing N N 204 
LYS N   CA   sing N N 205 
LYS N   H    sing N N 206 
LYS N   H2   sing N N 207 
LYS CA  C    sing N N 208 
LYS CA  CB   sing N N 209 
LYS CA  HA   sing N N 210 
LYS C   O    doub N N 211 
LYS C   OXT  sing N N 212 
LYS CB  CG   sing N N 213 
LYS CB  HB2  sing N N 214 
LYS CB  HB3  sing N N 215 
LYS CG  CD   sing N N 216 
LYS CG  HG2  sing N N 217 
LYS CG  HG3  sing N N 218 
LYS CD  CE   sing N N 219 
LYS CD  HD2  sing N N 220 
LYS CD  HD3  sing N N 221 
LYS CE  NZ   sing N N 222 
LYS CE  HE2  sing N N 223 
LYS CE  HE3  sing N N 224 
LYS NZ  HZ1  sing N N 225 
LYS NZ  HZ2  sing N N 226 
LYS NZ  HZ3  sing N N 227 
LYS OXT HXT  sing N N 228 
MET N   CA   sing N N 229 
MET N   H    sing N N 230 
MET N   H2   sing N N 231 
MET CA  C    sing N N 232 
MET CA  CB   sing N N 233 
MET CA  HA   sing N N 234 
MET C   O    doub N N 235 
MET C   OXT  sing N N 236 
MET CB  CG   sing N N 237 
MET CB  HB2  sing N N 238 
MET CB  HB3  sing N N 239 
MET CG  SD   sing N N 240 
MET CG  HG2  sing N N 241 
MET CG  HG3  sing N N 242 
MET SD  CE   sing N N 243 
MET CE  HE1  sing N N 244 
MET CE  HE2  sing N N 245 
MET CE  HE3  sing N N 246 
MET OXT HXT  sing N N 247 
PHE N   CA   sing N N 248 
PHE N   H    sing N N 249 
PHE N   H2   sing N N 250 
PHE CA  C    sing N N 251 
PHE CA  CB   sing N N 252 
PHE CA  HA   sing N N 253 
PHE C   O    doub N N 254 
PHE C   OXT  sing N N 255 
PHE CB  CG   sing N N 256 
PHE CB  HB2  sing N N 257 
PHE CB  HB3  sing N N 258 
PHE CG  CD1  doub Y N 259 
PHE CG  CD2  sing Y N 260 
PHE CD1 CE1  sing Y N 261 
PHE CD1 HD1  sing N N 262 
PHE CD2 CE2  doub Y N 263 
PHE CD2 HD2  sing N N 264 
PHE CE1 CZ   doub Y N 265 
PHE CE1 HE1  sing N N 266 
PHE CE2 CZ   sing Y N 267 
PHE CE2 HE2  sing N N 268 
PHE CZ  HZ   sing N N 269 
PHE OXT HXT  sing N N 270 
PRO N   CA   sing N N 271 
PRO N   CD   sing N N 272 
PRO N   H    sing N N 273 
PRO CA  C    sing N N 274 
PRO CA  CB   sing N N 275 
PRO CA  HA   sing N N 276 
PRO C   O    doub N N 277 
PRO C   OXT  sing N N 278 
PRO CB  CG   sing N N 279 
PRO CB  HB2  sing N N 280 
PRO CB  HB3  sing N N 281 
PRO CG  CD   sing N N 282 
PRO CG  HG2  sing N N 283 
PRO CG  HG3  sing N N 284 
PRO CD  HD2  sing N N 285 
PRO CD  HD3  sing N N 286 
PRO OXT HXT  sing N N 287 
SER N   CA   sing N N 288 
SER N   H    sing N N 289 
SER N   H2   sing N N 290 
SER CA  C    sing N N 291 
SER CA  CB   sing N N 292 
SER CA  HA   sing N N 293 
SER C   O    doub N N 294 
SER C   OXT  sing N N 295 
SER CB  OG   sing N N 296 
SER CB  HB2  sing N N 297 
SER CB  HB3  sing N N 298 
SER OG  HG   sing N N 299 
SER OXT HXT  sing N N 300 
SO4 S   O1   doub N N 301 
SO4 S   O2   doub N N 302 
SO4 S   O3   sing N N 303 
SO4 S   O4   sing N N 304 
THR N   CA   sing N N 305 
THR N   H    sing N N 306 
THR N   H2   sing N N 307 
THR CA  C    sing N N 308 
THR CA  CB   sing N N 309 
THR CA  HA   sing N N 310 
THR C   O    doub N N 311 
THR C   OXT  sing N N 312 
THR CB  OG1  sing N N 313 
THR CB  CG2  sing N N 314 
THR CB  HB   sing N N 315 
THR OG1 HG1  sing N N 316 
THR CG2 HG21 sing N N 317 
THR CG2 HG22 sing N N 318 
THR CG2 HG23 sing N N 319 
THR OXT HXT  sing N N 320 
TRP N   CA   sing N N 321 
TRP N   H    sing N N 322 
TRP N   H2   sing N N 323 
TRP CA  C    sing N N 324 
TRP CA  CB   sing N N 325 
TRP CA  HA   sing N N 326 
TRP C   O    doub N N 327 
TRP C   OXT  sing N N 328 
TRP CB  CG   sing N N 329 
TRP CB  HB2  sing N N 330 
TRP CB  HB3  sing N N 331 
TRP CG  CD1  doub Y N 332 
TRP CG  CD2  sing Y N 333 
TRP CD1 NE1  sing Y N 334 
TRP CD1 HD1  sing N N 335 
TRP CD2 CE2  doub Y N 336 
TRP CD2 CE3  sing Y N 337 
TRP NE1 CE2  sing Y N 338 
TRP NE1 HE1  sing N N 339 
TRP CE2 CZ2  sing Y N 340 
TRP CE3 CZ3  doub Y N 341 
TRP CE3 HE3  sing N N 342 
TRP CZ2 CH2  doub Y N 343 
TRP CZ2 HZ2  sing N N 344 
TRP CZ3 CH2  sing Y N 345 
TRP CZ3 HZ3  sing N N 346 
TRP CH2 HH2  sing N N 347 
TRP OXT HXT  sing N N 348 
TYR N   CA   sing N N 349 
TYR N   H    sing N N 350 
TYR N   H2   sing N N 351 
TYR CA  C    sing N N 352 
TYR CA  CB   sing N N 353 
TYR CA  HA   sing N N 354 
TYR C   O    doub N N 355 
TYR C   OXT  sing N N 356 
TYR CB  CG   sing N N 357 
TYR CB  HB2  sing N N 358 
TYR CB  HB3  sing N N 359 
TYR CG  CD1  doub Y N 360 
TYR CG  CD2  sing Y N 361 
TYR CD1 CE1  sing Y N 362 
TYR CD1 HD1  sing N N 363 
TYR CD2 CE2  doub Y N 364 
TYR CD2 HD2  sing N N 365 
TYR CE1 CZ   doub Y N 366 
TYR CE1 HE1  sing N N 367 
TYR CE2 CZ   sing Y N 368 
TYR CE2 HE2  sing N N 369 
TYR CZ  OH   sing N N 370 
TYR OH  HH   sing N N 371 
TYR OXT HXT  sing N N 372 
VAL N   CA   sing N N 373 
VAL N   H    sing N N 374 
VAL N   H2   sing N N 375 
VAL CA  C    sing N N 376 
VAL CA  CB   sing N N 377 
VAL CA  HA   sing N N 378 
VAL C   O    doub N N 379 
VAL C   OXT  sing N N 380 
VAL CB  CG1  sing N N 381 
VAL CB  CG2  sing N N 382 
VAL CB  HB   sing N N 383 
VAL CG1 HG11 sing N N 384 
VAL CG1 HG12 sing N N 385 
VAL CG1 HG13 sing N N 386 
VAL CG2 HG21 sing N N 387 
VAL CG2 HG22 sing N N 388 
VAL CG2 HG23 sing N N 389 
VAL OXT HXT  sing N N 390 
# 
_pdbx_initial_refinement_model.id               1 
_pdbx_initial_refinement_model.entity_id_list   ? 
_pdbx_initial_refinement_model.type             'experimental model' 
_pdbx_initial_refinement_model.source_name      PDB 
_pdbx_initial_refinement_model.accession_code   3GL9 
_pdbx_initial_refinement_model.details          'PDB entry 3GL9' 
# 
_atom_sites.entry_id                    4JA2 
_atom_sites.fract_transf_matrix[1][1]   -0.00894461 
_atom_sites.fract_transf_matrix[1][2]   -0.00818674 
_atom_sites.fract_transf_matrix[1][3]   -0.01400524 
_atom_sites.fract_transf_matrix[2][1]   0.01282585 
_atom_sites.fract_transf_matrix[2][2]   0.00425621 
_atom_sites.fract_transf_matrix[2][3]   -0.01067934 
_atom_sites.fract_transf_matrix[3][1]   0.00644790 
_atom_sites.fract_transf_matrix[3][2]   -0.01206590 
_atom_sites.fract_transf_matrix[3][3]   0.00293508 
_atom_sites.fract_transf_vector[1]      0.288491 
_atom_sites.fract_transf_vector[2]      0.172920 
_atom_sites.fract_transf_vector[3]      0.302779 
# 
loop_
_atom_type.symbol 
BE 
C  
F  
MG 
N  
O  
S  
# 
loop_
_atom_site.group_PDB 
_atom_site.id 
_atom_site.type_symbol 
_atom_site.label_atom_id 
_atom_site.label_alt_id 
_atom_site.label_comp_id 
_atom_site.label_asym_id 
_atom_site.label_entity_id 
_atom_site.label_seq_id 
_atom_site.pdbx_PDB_ins_code 
_atom_site.Cartn_x 
_atom_site.Cartn_y 
_atom_site.Cartn_z 
_atom_site.occupancy 
_atom_site.B_iso_or_equiv 
_atom_site.pdbx_formal_charge 
_atom_site.auth_seq_id 
_atom_site.auth_comp_id 
_atom_site.auth_asym_id 
_atom_site.auth_atom_id 
_atom_site.pdbx_PDB_model_num 
ATOM   1    N  N   . SER A 1 2   ? -10.006 13.016  9.285   1.00 19.30 ? 2   SER A N   1 
ATOM   2    C  CA  . SER A 1 2   ? -9.927  12.421  7.916   1.00 18.32 ? 2   SER A CA  1 
ATOM   3    C  C   . SER A 1 2   ? -9.189  11.079  7.949   1.00 17.29 ? 2   SER A C   1 
ATOM   4    O  O   . SER A 1 2   ? -8.369  10.827  8.836   1.00 18.78 ? 2   SER A O   1 
ATOM   5    C  CB  . SER A 1 2   ? -9.234  13.384  6.957   1.00 18.72 ? 2   SER A CB  1 
ATOM   6    N  N   . LYS A 1 3   ? -9.488  10.222  6.978   1.00 14.99 ? 3   LYS A N   1 
ATOM   7    C  CA  . LYS A 1 3   ? -8.833  8.916   6.883   1.00 13.78 ? 3   LYS A CA  1 
ATOM   8    C  C   . LYS A 1 3   ? -7.360  9.110   6.530   1.00 12.59 ? 3   LYS A C   1 
ATOM   9    O  O   . LYS A 1 3   ? -7.019  10.058  5.808   1.00 12.19 ? 3   LYS A O   1 
ATOM   10   C  CB  . LYS A 1 3   ? -9.527  8.048   5.831   1.00 13.83 ? 3   LYS A CB  1 
ATOM   11   C  CG  . LYS A 1 3   ? -11.011 7.801   6.099   1.00 14.62 ? 3   LYS A CG  1 
ATOM   12   C  CD  . LYS A 1 3   ? -11.247 6.758   7.173   1.00 14.83 ? 3   LYS A CD  1 
ATOM   13   C  CE  . LYS A 1 3   ? -12.744 6.533   7.381   1.00 15.37 ? 3   LYS A CE  1 
ATOM   14   N  NZ  . LYS A 1 3   ? -12.951 5.517   8.451   1.00 16.11 ? 3   LYS A NZ  1 
ATOM   15   N  N   . LYS A 1 4   ? -6.500  8.227   7.048   1.00 11.87 ? 4   LYS A N   1 
ATOM   16   C  CA  . LYS A 1 4   ? -5.050  8.289   6.794   1.00 11.33 ? 4   LYS A CA  1 
ATOM   17   C  C   . LYS A 1 4   ? -4.556  7.113   5.942   1.00 10.05 ? 4   LYS A C   1 
ATOM   18   O  O   . LYS A 1 4   ? -4.840  5.961   6.260   1.00 9.40  ? 4   LYS A O   1 
ATOM   19   C  CB  . LYS A 1 4   ? -4.265  8.315   8.107   1.00 12.78 ? 4   LYS A CB  1 
ATOM   20   C  CG  . LYS A 1 4   ? -4.692  9.404   9.083   1.00 14.66 ? 4   LYS A CG  1 
ATOM   21   C  CD  . LYS A 1 4   ? -3.900  9.234   10.373  1.00 16.84 ? 4   LYS A CD  1 
ATOM   22   C  CE  . LYS A 1 4   ? -4.436  10.093  11.505  1.00 19.16 ? 4   LYS A CE  1 
ATOM   23   N  NZ  . LYS A 1 4   ? -4.276  11.540  11.201  1.00 21.54 ? 4   LYS A NZ  1 
ATOM   24   N  N   . VAL A 1 5   ? -3.809  7.427   4.881   1.00 8.68  ? 5   VAL A N   1 
ATOM   25   C  CA  . VAL A 1 5   ? -3.270  6.411   3.967   1.00 8.10  ? 5   VAL A CA  1 
ATOM   26   C  C   . VAL A 1 5   ? -1.750  6.395   4.007   1.00 7.69  ? 5   VAL A C   1 
ATOM   27   O  O   . VAL A 1 5   ? -1.108  7.443   3.877   1.00 7.83  ? 5   VAL A O   1 
ATOM   28   C  CB  . VAL A 1 5   ? -3.782  6.604   2.519   1.00 8.05  ? 5   VAL A CB  1 
ATOM   29   C  CG1 . VAL A 1 5   ? -3.322  5.456   1.611   1.00 8.18  ? 5   VAL A CG1 1 
ATOM   30   C  CG2 . VAL A 1 5   ? -5.294  6.663   2.501   1.00 8.31  ? 5   VAL A CG2 1 
ATOM   31   N  N   . LEU A 1 6   ? -1.183  5.207   4.228   1.00 7.44  ? 6   LEU A N   1 
ATOM   32   C  CA  . LEU A 1 6   ? 0.260   5.027   4.133   1.00 7.28  ? 6   LEU A CA  1 
ATOM   33   C  C   . LEU A 1 6   ? 0.606   4.538   2.731   1.00 7.25  ? 6   LEU A C   1 
ATOM   34   O  O   . LEU A 1 6   ? 0.111   3.495   2.298   1.00 6.99  ? 6   LEU A O   1 
ATOM   35   C  CB  . LEU A 1 6   ? 0.757   4.024   5.176   1.00 7.47  ? 6   LEU A CB  1 
ATOM   36   C  CG  . LEU A 1 6   ? 2.238   3.642   5.089   1.00 7.66  ? 6   LEU A CG  1 
ATOM   37   C  CD1 . LEU A 1 6   ? 3.111   4.853   5.423   1.00 7.82  ? 6   LEU A CD1 1 
ATOM   38   C  CD2 . LEU A 1 6   ? 2.531   2.494   6.036   1.00 7.96  ? 6   LEU A CD2 1 
ATOM   39   N  N   . LEU A 1 7   ? 1.455   5.296   2.033   1.00 7.07  ? 7   LEU A N   1 
ATOM   40   C  CA  . LEU A 1 7   ? 1.854   4.988   0.664   1.00 7.39  ? 7   LEU A CA  1 
ATOM   41   C  C   . LEU A 1 7   ? 3.301   4.525   0.662   1.00 7.17  ? 7   LEU A C   1 
ATOM   42   O  O   . LEU A 1 7   ? 4.194   5.285   1.036   1.00 7.06  ? 7   LEU A O   1 
ATOM   43   C  CB  . LEU A 1 7   ? 1.803   6.234   -0.211  1.00 7.85  ? 7   LEU A CB  1 
ATOM   44   C  CG  . LEU A 1 7   ? 0.544   6.893   -0.714  1.00 8.38  ? 7   LEU A CG  1 
ATOM   45   C  CD1 . LEU A 1 7   ? 0.962   7.911   -1.772  1.00 8.53  ? 7   LEU A CD1 1 
ATOM   46   C  CD2 . LEU A 1 7   ? -0.405  5.857   -1.292  1.00 8.54  ? 7   LEU A CD2 1 
ATOM   47   N  N   . VAL A 1 8   ? 3.523   3.292   0.227   1.00 7.04  ? 8   VAL A N   1 
ATOM   48   C  CA  . VAL A 1 8   ? 4.847   2.688   0.299   1.00 6.98  ? 8   VAL A CA  1 
ATOM   49   C  C   . VAL A 1 8   ? 5.287   2.355   -1.124  1.00 6.97  ? 8   VAL A C   1 
ATOM   50   O  O   . VAL A 1 8   ? 4.703   1.493   -1.744  1.00 6.93  ? 8   VAL A O   1 
ATOM   51   C  CB  . VAL A 1 8   ? 4.849   1.397   1.137   1.00 6.88  ? 8   VAL A CB  1 
ATOM   52   C  CG1 . VAL A 1 8   ? 6.287   0.914   1.370   1.00 6.80  ? 8   VAL A CG1 1 
ATOM   53   C  CG2 . VAL A 1 8   ? 4.114   1.609   2.470   1.00 6.90  ? 8   VAL A CG2 1 
ATOM   54   N  N   . ASP A 1 9   ? 6.299   3.062   -1.634  1.00 7.12  ? 9   ASP A N   1 
ATOM   55   C  CA  . ASP A 1 9   ? 6.837   2.814   -2.987  1.00 7.49  ? 9   ASP A CA  1 
ATOM   56   C  C   . ASP A 1 9   ? 8.203   3.499   -3.096  1.00 7.65  ? 9   ASP A C   1 
ATOM   57   O  O   . ASP A 1 9   ? 8.375   4.611   -2.612  1.00 7.68  ? 9   ASP A O   1 
ATOM   58   C  CB  . ASP A 1 9   ? 5.879   3.362   -4.070  1.00 7.66  ? 9   ASP A CB  1 
ATOM   59   C  CG  . ASP A 1 9   ? 6.206   2.842   -5.482  1.00 7.80  ? 9   ASP A CG  1 
ATOM   60   O  OD1 . ASP A 1 9   ? 7.328   3.085   -5.963  1.00 7.65  ? 9   ASP A OD1 1 
ATOM   61   O  OD2 . ASP A 1 9   ? 5.324   2.226   -6.130  1.00 8.27  ? 9   ASP A OD2 1 
ATOM   62   N  N   . ASP A 1 10  ? 9.166   2.835   -3.732  1.00 8.00  ? 10  ASP A N   1 
ATOM   63   C  CA  . ASP A 1 10  ? 10.515  3.408   -3.836  1.00 8.59  ? 10  ASP A CA  1 
ATOM   64   C  C   . ASP A 1 10  ? 10.684  4.461   -4.930  1.00 9.03  ? 10  ASP A C   1 
ATOM   65   O  O   . ASP A 1 10  ? 11.766  5.072   -5.057  1.00 9.26  ? 10  ASP A O   1 
ATOM   66   C  CB  . ASP A 1 10  ? 11.555  2.302   -4.010  1.00 8.84  ? 10  ASP A CB  1 
ATOM   67   C  CG  . ASP A 1 10  ? 11.342  1.490   -5.269  1.00 9.11  ? 10  ASP A CG  1 
ATOM   68   O  OD1 . ASP A 1 10  ? 10.226  0.957   -5.460  1.00 8.70  ? 10  ASP A OD1 1 
ATOM   69   O  OD2 . ASP A 1 10  ? 12.304  1.369   -6.059  1.00 9.67  ? 10  ASP A OD2 1 
ATOM   70   N  N   . SER A 1 11  ? 9.626   4.679   -5.708  1.00 8.85  ? 11  SER A N   1 
ATOM   71   C  CA  . SER A 1 11  ? 9.590   5.772   -6.680  1.00 9.13  ? 11  SER A CA  1 
ATOM   72   C  C   . SER A 1 11  ? 8.821   6.986   -6.134  1.00 9.29  ? 11  SER A C   1 
ATOM   73   O  O   . SER A 1 11  ? 7.600   6.977   -6.092  1.00 9.11  ? 11  SER A O   1 
ATOM   74   C  CB  . SER A 1 11  ? 8.967   5.268   -7.993  1.00 8.89  ? 11  SER A CB  1 
ATOM   75   O  OG  . SER A 1 11  ? 8.745   6.339   -8.892  1.00 9.42  ? 11  SER A OG  1 
ATOM   76   N  N   . ALA A 1 12  ? 9.538   8.033   -5.704  1.00 9.51  ? 12  ALA A N   1 
ATOM   77   C  CA  . ALA A 1 12  ? 8.871   9.239   -5.234  1.00 9.73  ? 12  ALA A CA  1 
ATOM   78   C  C   . ALA A 1 12  ? 7.902   9.832   -6.274  1.00 9.85  ? 12  ALA A C   1 
ATOM   79   O  O   . ALA A 1 12  ? 6.820   10.285  -5.884  1.00 9.81  ? 12  ALA A O   1 
ATOM   80   C  CB  . ALA A 1 12  ? 9.865   10.290  -4.725  1.00 9.97  ? 12  ALA A CB  1 
ATOM   81   N  N   . PRO A 1 13  ? 8.261   9.815   -7.586  1.00 10.14 ? 13  PRO A N   1 
ATOM   82   C  CA  . PRO A 1 13  ? 7.295   10.325  -8.569  1.00 10.33 ? 13  PRO A CA  1 
ATOM   83   C  C   . PRO A 1 13  ? 5.949   9.562   -8.572  1.00 10.60 ? 13  PRO A C   1 
ATOM   84   O  O   . PRO A 1 13  ? 4.885   10.190  -8.674  1.00 10.80 ? 13  PRO A O   1 
ATOM   85   C  CB  . PRO A 1 13  ? 8.044   10.175  -9.900  1.00 10.18 ? 13  PRO A CB  1 
ATOM   86   C  CG  . PRO A 1 13  ? 9.472   10.356  -9.521  1.00 10.31 ? 13  PRO A CG  1 
ATOM   87   C  CD  . PRO A 1 13  ? 9.595   9.628   -8.207  1.00 10.02 ? 13  PRO A CD  1 
ATOM   88   N  N   . ILE A 1 14  ? 5.992   8.240   -8.425  1.00 11.02 ? 14  ILE A N   1 
ATOM   89   C  CA  . ILE A 1 14  ? 4.770   7.458   -8.239  1.00 11.36 ? 14  ILE A CA  1 
ATOM   90   C  C   . ILE A 1 14  ? 3.999   7.853   -6.961  1.00 10.88 ? 14  ILE A C   1 
ATOM   91   O  O   . ILE A 1 14  ? 2.779   8.031   -6.999  1.00 10.19 ? 14  ILE A O   1 
ATOM   92   C  CB  . ILE A 1 14  ? 5.059   5.938   -8.212  1.00 12.57 ? 14  ILE A CB  1 
ATOM   93   C  CG1 . ILE A 1 14  ? 5.450   5.468   -9.609  1.00 13.85 ? 14  ILE A CG1 1 
ATOM   94   C  CG2 . ILE A 1 14  ? 3.830   5.178   -7.729  1.00 13.34 ? 14  ILE A CG2 1 
ATOM   95   C  CD1 . ILE A 1 14  ? 6.199   4.159   -9.646  1.00 14.90 ? 14  ILE A CD1 1 
ATOM   96   N  N   . ARG A 1 15  ? 4.705   7.990   -5.837  1.00 10.75 ? 15  ARG A N   1 
ATOM   97   C  CA  . ARG A 1 15  ? 4.057   8.367   -4.577  1.00 11.13 ? 15  ARG A CA  1 
ATOM   98   C  C   . ARG A 1 15  ? 3.366   9.718   -4.698  1.00 11.26 ? 15  ARG A C   1 
ATOM   99   O  O   . ARG A 1 15  ? 2.249   9.900   -4.233  1.00 11.35 ? 15  ARG A O   1 
ATOM   100  C  CB  . ARG A 1 15  ? 5.070   8.403   -3.421  1.00 10.93 ? 15  ARG A CB  1 
ATOM   101  C  CG  . ARG A 1 15  ? 5.676   7.043   -3.088  1.00 10.75 ? 15  ARG A CG  1 
ATOM   102  C  CD  . ARG A 1 15  ? 6.268   7.023   -1.688  1.00 10.27 ? 15  ARG A CD  1 
ATOM   103  N  NE  . ARG A 1 15  ? 7.073   8.211   -1.394  1.00 10.75 ? 15  ARG A NE  1 
ATOM   104  C  CZ  . ARG A 1 15  ? 8.381   8.329   -1.614  1.00 10.94 ? 15  ARG A CZ  1 
ATOM   105  N  NH1 . ARG A 1 15  ? 9.090   7.334   -2.144  1.00 10.50 ? 15  ARG A NH1 1 
ATOM   106  N  NH2 . ARG A 1 15  ? 8.983   9.470   -1.298  1.00 11.28 ? 15  ARG A NH2 1 
ATOM   107  N  N   . LYS A 1 16  ? 4.039   10.664  -5.337  1.00 12.09 ? 16  LYS A N   1 
ATOM   108  C  CA  . LYS A 1 16  ? 3.483   11.995  -5.533  1.00 13.06 ? 16  LYS A CA  1 
ATOM   109  C  C   . LYS A 1 16  ? 2.192   11.992  -6.365  1.00 12.93 ? 16  LYS A C   1 
ATOM   110  O  O   . LYS A 1 16  ? 1.225   12.675  -6.022  1.00 12.61 ? 16  LYS A O   1 
ATOM   111  C  CB  . LYS A 1 16  ? 4.553   12.908  -6.136  1.00 14.62 ? 16  LYS A CB  1 
ATOM   112  C  CG  . LYS A 1 16  ? 5.422   13.623  -5.114  1.00 16.32 ? 16  LYS A CG  1 
ATOM   113  C  CD  . LYS A 1 16  ? 5.931   12.764  -3.965  1.00 17.96 ? 16  LYS A CD  1 
ATOM   114  C  CE  . LYS A 1 16  ? 6.522   13.647  -2.865  1.00 18.97 ? 16  LYS A CE  1 
ATOM   115  N  NZ  . LYS A 1 16  ? 7.373   12.900  -1.891  1.00 20.68 ? 16  LYS A NZ  1 
ATOM   116  N  N   . MET A 1 17  ? 2.180   11.202  -7.435  1.00 13.01 ? 17  MET A N   1 
ATOM   117  C  CA  . MET A 1 17  ? 1.006   11.034  -8.291  1.00 13.52 ? 17  MET A CA  1 
ATOM   118  C  C   . MET A 1 17  ? -0.175  10.464  -7.500  1.00 12.51 ? 17  MET A C   1 
ATOM   119  O  O   . MET A 1 17  ? -1.281  11.017  -7.530  1.00 12.30 ? 17  MET A O   1 
ATOM   120  C  CB  . MET A 1 17  ? 1.372   10.132  -9.479  1.00 15.36 ? 17  MET A CB  1 
ATOM   121  C  CG  . MET A 1 17  ? 0.215   9.656   -10.347 1.00 18.52 ? 17  MET A CG  1 
ATOM   122  S  SD  . MET A 1 17  ? 0.800   8.521   -11.636 1.00 22.42 ? 17  MET A SD  1 
ATOM   123  C  CE  . MET A 1 17  ? 1.375   7.131   -10.660 1.00 20.68 ? 17  MET A CE  1 
ATOM   124  N  N   . VAL A 1 18  ? 0.072   9.376   -6.777  1.00 11.42 ? 18  VAL A N   1 
ATOM   125  C  CA  . VAL A 1 18  ? -0.967  8.723   -5.973  1.00 10.89 ? 18  VAL A CA  1 
ATOM   126  C  C   . VAL A 1 18  ? -1.450  9.638   -4.821  1.00 11.10 ? 18  VAL A C   1 
ATOM   127  O  O   . VAL A 1 18  ? -2.651  9.711   -4.544  1.00 10.21 ? 18  VAL A O   1 
ATOM   128  C  CB  . VAL A 1 18  ? -0.496  7.338   -5.454  1.00 10.39 ? 18  VAL A CB  1 
ATOM   129  C  CG1 . VAL A 1 18  ? -1.595  6.664   -4.647  1.00 10.11 ? 18  VAL A CG1 1 
ATOM   130  C  CG2 . VAL A 1 18  ? -0.090  6.443   -6.625  1.00 10.11 ? 18  VAL A CG2 1 
ATOM   131  N  N   . SER A 1 19  ? -0.514  10.346  -4.188  1.00 11.45 ? 19  SER A N   1 
ATOM   132  C  CA  . SER A 1 19  ? -0.831  11.271  -3.094  1.00 12.85 ? 19  SER A CA  1 
ATOM   133  C  C   . SER A 1 19  ? -1.803  12.353  -3.556  1.00 13.69 ? 19  SER A C   1 
ATOM   134  O  O   . SER A 1 19  ? -2.772  12.660  -2.860  1.00 13.71 ? 19  SER A O   1 
ATOM   135  C  CB  . SER A 1 19  ? 0.436   11.908  -2.534  1.00 13.08 ? 19  SER A CB  1 
ATOM   136  O  OG  . SER A 1 19  ? 0.126   12.804  -1.480  1.00 15.25 ? 19  SER A OG  1 
ATOM   137  N  N   . PHE A 1 20  ? -1.550  12.911  -4.739  1.00 14.54 ? 20  PHE A N   1 
ATOM   138  C  CA  . PHE A 1 20  ? -2.435  13.937  -5.296  1.00 15.81 ? 20  PHE A CA  1 
ATOM   139  C  C   . PHE A 1 20  ? -3.886  13.454  -5.399  1.00 15.55 ? 20  PHE A C   1 
ATOM   140  O  O   . PHE A 1 20  ? -4.797  14.166  -4.996  1.00 15.78 ? 20  PHE A O   1 
ATOM   141  C  CB  . PHE A 1 20  ? -1.915  14.465  -6.646  1.00 18.02 ? 20  PHE A CB  1 
ATOM   142  C  CG  . PHE A 1 20  ? -2.900  15.366  -7.366  1.00 20.20 ? 20  PHE A CG  1 
ATOM   143  C  CD1 . PHE A 1 20  ? -3.537  14.939  -8.529  1.00 21.06 ? 20  PHE A CD1 1 
ATOM   144  C  CD2 . PHE A 1 20  ? -3.207  16.628  -6.869  1.00 21.59 ? 20  PHE A CD2 1 
ATOM   145  C  CE1 . PHE A 1 20  ? -4.446  15.755  -9.188  1.00 22.31 ? 20  PHE A CE1 1 
ATOM   146  C  CE2 . PHE A 1 20  ? -4.128  17.447  -7.514  1.00 21.70 ? 20  PHE A CE2 1 
ATOM   147  C  CZ  . PHE A 1 20  ? -4.742  17.011  -8.679  1.00 22.85 ? 20  PHE A CZ  1 
ATOM   148  N  N   . VAL A 1 21  ? -4.083  12.237  -5.912  1.00 15.29 ? 21  VAL A N   1 
ATOM   149  C  CA  . VAL A 1 21  ? -5.409  11.624  -6.019  1.00 15.16 ? 21  VAL A CA  1 
ATOM   150  C  C   . VAL A 1 21  ? -6.064  11.418  -4.641  1.00 15.14 ? 21  VAL A C   1 
ATOM   151  O  O   . VAL A 1 21  ? -7.268  11.675  -4.462  1.00 15.26 ? 21  VAL A O   1 
ATOM   152  C  CB  . VAL A 1 21  ? -5.323  10.286  -6.787  1.00 15.92 ? 21  VAL A CB  1 
ATOM   153  C  CG1 . VAL A 1 21  ? -6.699  9.647   -6.961  1.00 16.94 ? 21  VAL A CG1 1 
ATOM   154  C  CG2 . VAL A 1 21  ? -4.668  10.509  -8.142  1.00 16.23 ? 21  VAL A CG2 1 
ATOM   155  N  N   . LEU A 1 22  ? -5.276  10.945  -3.671  1.00 13.77 ? 22  LEU A N   1 
ATOM   156  C  CA  . LEU A 1 22  ? -5.795  10.743  -2.318  1.00 13.44 ? 22  LEU A CA  1 
ATOM   157  C  C   . LEU A 1 22  ? -6.141  12.074  -1.645  1.00 14.09 ? 22  LEU A C   1 
ATOM   158  O  O   . LEU A 1 22  ? -7.185  12.194  -1.005  1.00 13.59 ? 22  LEU A O   1 
ATOM   159  C  CB  . LEU A 1 22  ? -4.820  9.919   -1.468  1.00 12.62 ? 22  LEU A CB  1 
ATOM   160  C  CG  . LEU A 1 22  ? -4.622  8.447   -1.879  1.00 12.50 ? 22  LEU A CG  1 
ATOM   161  C  CD1 . LEU A 1 22  ? -3.378  7.877   -1.207  1.00 11.70 ? 22  LEU A CD1 1 
ATOM   162  C  CD2 . LEU A 1 22  ? -5.850  7.574   -1.577  1.00 12.31 ? 22  LEU A CD2 1 
ATOM   163  N  N   . LYS A 1 23  ? -5.274  13.068  -1.807  1.00 14.65 ? 23  LYS A N   1 
ATOM   164  C  CA  . LYS A 1 23  ? -5.487  14.375  -1.167  1.00 16.68 ? 23  LYS A CA  1 
ATOM   165  C  C   . LYS A 1 23  ? -6.701  15.098  -1.749  1.00 17.60 ? 23  LYS A C   1 
ATOM   166  O  O   . LYS A 1 23  ? -7.376  15.853  -1.047  1.00 17.17 ? 23  LYS A O   1 
ATOM   167  C  CB  . LYS A 1 23  ? -4.226  15.233  -1.226  1.00 17.03 ? 23  LYS A CB  1 
ATOM   168  C  CG  . LYS A 1 23  ? -3.142  14.729  -0.288  1.00 18.00 ? 23  LYS A CG  1 
ATOM   169  C  CD  . LYS A 1 23  ? -2.020  15.727  -0.089  1.00 20.01 ? 23  LYS A CD  1 
ATOM   170  C  CE  . LYS A 1 23  ? -1.125  15.268  1.056   1.00 21.30 ? 23  LYS A CE  1 
ATOM   171  N  NZ  . LYS A 1 23  ? -0.167  16.322  1.491   1.00 23.11 ? 23  LYS A NZ  1 
ATOM   172  N  N   . LYS A 1 24  ? -6.989  14.828  -3.022  1.00 18.68 ? 24  LYS A N   1 
ATOM   173  C  CA  . LYS A 1 24  ? -8.155  15.395  -3.698  1.00 20.66 ? 24  LYS A CA  1 
ATOM   174  C  C   . LYS A 1 24  ? -9.459  14.927  -3.042  1.00 20.70 ? 24  LYS A C   1 
ATOM   175  O  O   . LYS A 1 24  ? -10.453 15.666  -3.023  1.00 21.95 ? 24  LYS A O   1 
ATOM   176  C  CB  . LYS A 1 24  ? -8.101  15.061  -5.194  1.00 21.97 ? 24  LYS A CB  1 
ATOM   177  C  CG  . LYS A 1 24  ? -9.372  15.335  -5.981  1.00 23.28 ? 24  LYS A CG  1 
ATOM   178  C  CD  . LYS A 1 24  ? -9.193  14.889  -7.420  1.00 24.22 ? 24  LYS A CD  1 
ATOM   179  C  CE  . LYS A 1 24  ? -10.524 14.864  -8.151  1.00 24.40 ? 24  LYS A CE  1 
ATOM   180  N  NZ  . LYS A 1 24  ? -10.363 14.321  -9.529  1.00 25.16 ? 24  LYS A NZ  1 
ATOM   181  N  N   . GLU A 1 25  ? -9.443  13.719  -2.476  1.00 20.61 ? 25  GLU A N   1 
ATOM   182  C  CA  . GLU A 1 25  ? -10.589 13.180  -1.727  1.00 20.95 ? 25  GLU A CA  1 
ATOM   183  C  C   . GLU A 1 25  ? -10.597 13.604  -0.256  1.00 20.30 ? 25  GLU A C   1 
ATOM   184  O  O   . GLU A 1 25  ? -11.533 13.302  0.491   1.00 20.11 ? 25  GLU A O   1 
ATOM   185  C  CB  . GLU A 1 25  ? -10.637 11.654  -1.845  1.00 22.25 ? 25  GLU A CB  1 
ATOM   186  C  CG  . GLU A 1 25  ? -10.591 11.161  -3.276  1.00 23.75 ? 25  GLU A CG  1 
ATOM   187  C  CD  . GLU A 1 25  ? -11.731 11.687  -4.130  1.00 25.70 ? 25  GLU A CD  1 
ATOM   188  O  OE1 . GLU A 1 25  ? -12.880 11.714  -3.656  1.00 26.86 ? 25  GLU A OE1 1 
ATOM   189  O  OE2 . GLU A 1 25  ? -11.479 12.074  -5.285  1.00 28.58 ? 25  GLU A OE2 1 
ATOM   190  N  N   . GLY A 1 26  ? -9.548  14.307  0.158   1.00 18.85 ? 26  GLY A N   1 
ATOM   191  C  CA  . GLY A 1 26  ? -9.460  14.823  1.519   1.00 18.08 ? 26  GLY A CA  1 
ATOM   192  C  C   . GLY A 1 26  ? -8.751  13.917  2.508   1.00 17.36 ? 26  GLY A C   1 
ATOM   193  O  O   . GLY A 1 26  ? -8.784  14.175  3.705   1.00 17.42 ? 26  GLY A O   1 
ATOM   194  N  N   . TYR A 1 27  ? -8.101  12.862  2.012   1.00 15.71 ? 27  TYR A N   1 
ATOM   195  C  CA  . TYR A 1 27  ? -7.354  11.938  2.880   1.00 15.04 ? 27  TYR A CA  1 
ATOM   196  C  C   . TYR A 1 27  ? -5.995  12.509  3.235   1.00 14.15 ? 27  TYR A C   1 
ATOM   197  O  O   . TYR A 1 27  ? -5.428  13.292  2.465   1.00 13.93 ? 27  TYR A O   1 
ATOM   198  C  CB  . TYR A 1 27  ? -7.161  10.579  2.199   1.00 15.20 ? 27  TYR A CB  1 
ATOM   199  C  CG  . TYR A 1 27  ? -8.443  9.906   1.758   1.00 15.76 ? 27  TYR A CG  1 
ATOM   200  C  CD1 . TYR A 1 27  ? -9.559  9.847   2.606   1.00 15.93 ? 27  TYR A CD1 1 
ATOM   201  C  CD2 . TYR A 1 27  ? -8.535  9.307   0.504   1.00 16.05 ? 27  TYR A CD2 1 
ATOM   202  C  CE1 . TYR A 1 27  ? -10.731 9.220   2.202   1.00 16.84 ? 27  TYR A CE1 1 
ATOM   203  C  CE2 . TYR A 1 27  ? -9.694  8.675   0.091   1.00 16.41 ? 27  TYR A CE2 1 
ATOM   204  C  CZ  . TYR A 1 27  ? -10.788 8.640   0.940   1.00 16.64 ? 27  TYR A CZ  1 
ATOM   205  O  OH  . TYR A 1 27  ? -11.937 8.024   0.534   1.00 17.70 ? 27  TYR A OH  1 
ATOM   206  N  N   . GLU A 1 28  ? -5.494  12.136  4.409   1.00 13.74 ? 28  GLU A N   1 
ATOM   207  C  CA  . GLU A 1 28  ? -4.131  12.454  4.827   1.00 13.88 ? 28  GLU A CA  1 
ATOM   208  C  C   . GLU A 1 28  ? -3.233  11.346  4.322   1.00 12.59 ? 28  GLU A C   1 
ATOM   209  O  O   . GLU A 1 28  ? -3.645  10.180  4.269   1.00 11.79 ? 28  GLU A O   1 
ATOM   210  C  CB  . GLU A 1 28  ? -4.035  12.592  6.350   1.00 16.24 ? 28  GLU A CB  1 
ATOM   211  C  CG  . GLU A 1 28  ? -4.651  13.896  6.856   1.00 19.43 ? 28  GLU A CG  1 
ATOM   212  C  CD  . GLU A 1 28  ? -5.019  13.895  8.334   1.00 22.42 ? 28  GLU A CD  1 
ATOM   213  O  OE1 . GLU A 1 28  ? -4.671  12.947  9.075   1.00 24.18 ? 28  GLU A OE1 1 
ATOM   214  O  OE2 . GLU A 1 28  ? -5.684  14.864  8.760   1.00 24.86 ? 28  GLU A OE2 1 
ATOM   215  N  N   . VAL A 1 29  ? -2.017  11.721  3.930   1.00 11.24 ? 29  VAL A N   1 
ATOM   216  C  CA  . VAL A 1 29  ? -1.104  10.793  3.263   1.00 10.54 ? 29  VAL A CA  1 
ATOM   217  C  C   . VAL A 1 29  ? 0.216   10.770  4.022   1.00 10.00 ? 29  VAL A C   1 
ATOM   218  O  O   . VAL A 1 29  ? 0.773   11.830  4.339   1.00 9.88  ? 29  VAL A O   1 
ATOM   219  C  CB  . VAL A 1 29  ? -0.876  11.196  1.775   1.00 10.51 ? 29  VAL A CB  1 
ATOM   220  C  CG1 . VAL A 1 29  ? 0.139   10.268  1.126   1.00 10.33 ? 29  VAL A CG1 1 
ATOM   221  C  CG2 . VAL A 1 29  ? -2.192  11.178  0.998   1.00 10.65 ? 29  VAL A CG2 1 
ATOM   222  N  N   . ILE A 1 30  ? 0.671   9.561   4.361   1.00 9.44  ? 30  ILE A N   1 
ATOM   223  C  CA  . ILE A 1 30  ? 1.962   9.330   4.985   1.00 9.40  ? 30  ILE A CA  1 
ATOM   224  C  C   . ILE A 1 30  ? 2.762   8.487   3.983   1.00 9.11  ? 30  ILE A C   1 
ATOM   225  O  O   . ILE A 1 30  ? 2.232   7.525   3.424   1.00 9.15  ? 30  ILE A O   1 
ATOM   226  C  CB  . ILE A 1 30  ? 1.818   8.549   6.315   1.00 9.36  ? 30  ILE A CB  1 
ATOM   227  C  CG1 . ILE A 1 30  ? 1.017   9.338   7.371   1.00 9.79  ? 30  ILE A CG1 1 
ATOM   228  C  CG2 . ILE A 1 30  ? 3.184   8.185   6.885   1.00 9.39  ? 30  ILE A CG2 1 
ATOM   229  C  CD1 . ILE A 1 30  ? -0.493  9.281   7.222   1.00 10.34 ? 30  ILE A CD1 1 
ATOM   230  N  N   . GLU A 1 31  ? 4.006   8.871   3.717   1.00 9.03  ? 31  GLU A N   1 
ATOM   231  C  CA  . GLU A 1 31  ? 4.823   8.186   2.713   1.00 9.21  ? 31  GLU A CA  1 
ATOM   232  C  C   . GLU A 1 31  ? 5.969   7.354   3.293   1.00 8.97  ? 31  GLU A C   1 
ATOM   233  O  O   . GLU A 1 31  ? 6.508   7.667   4.355   1.00 8.83  ? 31  GLU A O   1 
ATOM   234  C  CB  . GLU A 1 31  ? 5.424   9.213   1.743   1.00 9.97  ? 31  GLU A CB  1 
ATOM   235  C  CG  . GLU A 1 31  ? 4.379   9.891   0.872   1.00 10.39 ? 31  GLU A CG  1 
ATOM   236  C  CD  . GLU A 1 31  ? 4.978   10.964  -0.014  1.00 11.41 ? 31  GLU A CD  1 
ATOM   237  O  OE1 . GLU A 1 31  ? 5.996   10.699  -0.680  1.00 11.46 ? 31  GLU A OE1 1 
ATOM   238  O  OE2 . GLU A 1 31  ? 4.440   12.085  -0.026  1.00 12.92 ? 31  GLU A OE2 1 
ATOM   239  N  N   . ALA A 1 32  ? 6.371   6.330   2.548   1.00 8.56  ? 32  ALA A N   1 
ATOM   240  C  CA  . ALA A 1 32  ? 7.537   5.507   2.895   1.00 8.53  ? 32  ALA A CA  1 
ATOM   241  C  C   . ALA A 1 32  ? 8.226   5.037   1.626   1.00 8.41  ? 32  ALA A C   1 
ATOM   242  O  O   . ALA A 1 32  ? 7.563   4.564   0.688   1.00 8.06  ? 32  ALA A O   1 
ATOM   243  C  CB  . ALA A 1 32  ? 7.125   4.313   3.740   1.00 8.19  ? 32  ALA A CB  1 
ATOM   244  N  N   . GLU A 1 33  ? 9.556   5.133   1.608   1.00 8.52  ? 33  GLU A N   1 
ATOM   245  C  CA  A GLU A 1 33  ? 10.328  4.809   0.398   0.50 8.60  ? 33  GLU A CA  1 
ATOM   246  C  CA  B GLU A 1 33  ? 10.330  4.807   0.407   0.50 8.61  ? 33  GLU A CA  1 
ATOM   247  C  C   . GLU A 1 33  ? 10.683  3.329   0.278   1.00 8.46  ? 33  GLU A C   1 
ATOM   248  O  O   . GLU A 1 33  ? 11.025  2.855   -0.807  1.00 8.60  ? 33  GLU A O   1 
ATOM   249  C  CB  A GLU A 1 33  ? 11.586  5.692   0.275   0.50 8.98  ? 33  GLU A CB  1 
ATOM   250  C  CB  B GLU A 1 33  ? 11.591  5.666   0.330   0.50 9.00  ? 33  GLU A CB  1 
ATOM   251  C  CG  A GLU A 1 33  ? 12.390  5.466   -1.004  0.50 9.32  ? 33  GLU A CG  1 
ATOM   252  C  CG  B GLU A 1 33  ? 11.313  7.145   0.456   0.50 9.33  ? 33  GLU A CG  1 
ATOM   253  C  CD  A GLU A 1 33  ? 13.410  4.340   -0.887  0.50 9.52  ? 33  GLU A CD  1 
ATOM   254  C  CD  B GLU A 1 33  ? 11.560  7.682   1.854   0.50 9.52  ? 33  GLU A CD  1 
ATOM   255  O  OE1 A GLU A 1 33  ? 13.725  3.923   0.249   0.50 9.89  ? 33  GLU A OE1 1 
ATOM   256  O  OE1 B GLU A 1 33  ? 10.803  7.352   2.813   0.50 8.92  ? 33  GLU A OE1 1 
ATOM   257  O  OE2 A GLU A 1 33  ? 13.900  3.861   -1.930  0.50 9.48  ? 33  GLU A OE2 1 
ATOM   258  O  OE2 B GLU A 1 33  ? 12.523  8.471   1.973   0.50 9.78  ? 33  GLU A OE2 1 
ATOM   259  N  N   . ASN A 1 34  ? 10.612  2.590   1.383   1.00 7.99  ? 34  ASN A N   1 
ATOM   260  C  CA  . ASN A 1 34  ? 10.828  1.154   1.314   1.00 7.32  ? 34  ASN A CA  1 
ATOM   261  C  C   . ASN A 1 34  ? 10.079  0.448   2.454   1.00 7.14  ? 34  ASN A C   1 
ATOM   262  O  O   . ASN A 1 34  ? 9.405   1.096   3.252   1.00 6.67  ? 34  ASN A O   1 
ATOM   263  C  CB  . ASN A 1 34  ? 12.334  0.802   1.250   1.00 7.38  ? 34  ASN A CB  1 
ATOM   264  C  CG  . ASN A 1 34  ? 13.061  1.090   2.545   1.00 7.38  ? 34  ASN A CG  1 
ATOM   265  O  OD1 . ASN A 1 34  ? 12.583  0.734   3.615   1.00 7.50  ? 34  ASN A OD1 1 
ATOM   266  N  ND2 . ASN A 1 34  ? 14.244  1.715   2.455   1.00 7.40  ? 34  ASN A ND2 1 
ATOM   267  N  N   . GLY A 1 35  ? 10.153  -0.878  2.493   1.00 7.04  ? 35  GLY A N   1 
ATOM   268  C  CA  . GLY A 1 35  ? 9.367   -1.648  3.464   1.00 7.01  ? 35  GLY A CA  1 
ATOM   269  C  C   . GLY A 1 35  ? 9.799   -1.437  4.902   1.00 7.14  ? 35  GLY A C   1 
ATOM   270  O  O   . GLY A 1 35  ? 8.956   -1.407  5.822   1.00 6.69  ? 35  GLY A O   1 
ATOM   271  N  N   . GLN A 1 36  ? 11.112  -1.281  5.092   1.00 7.23  ? 36  GLN A N   1 
ATOM   272  C  CA  . GLN A 1 36  ? 11.685  -1.059  6.426   1.00 7.59  ? 36  GLN A CA  1 
ATOM   273  C  C   . GLN A 1 36  ? 11.207  0.286   6.989   1.00 7.27  ? 36  GLN A C   1 
ATOM   274  O  O   . GLN A 1 36  ? 10.739  0.351   8.121   1.00 6.89  ? 36  GLN A O   1 
ATOM   275  C  CB  . GLN A 1 36  ? 13.218  -1.129  6.373   1.00 8.27  ? 36  GLN A CB  1 
ATOM   276  C  CG  . GLN A 1 36  ? 13.940  -0.865  7.712   1.00 9.07  ? 36  GLN A CG  1 
ATOM   277  C  CD  . GLN A 1 36  ? 13.588  -1.870  8.798   1.00 9.64  ? 36  GLN A CD  1 
ATOM   278  O  OE1 . GLN A 1 36  ? 13.402  -3.063  8.519   1.00 10.71 ? 36  GLN A OE1 1 
ATOM   279  N  NE2 . GLN A 1 36  ? 13.522  -1.399  10.059  1.00 10.07 ? 36  GLN A NE2 1 
ATOM   280  N  N   . ILE A 1 37  ? 11.314  1.345   6.181   1.00 6.82  ? 37  ILE A N   1 
ATOM   281  C  CA  . ILE A 1 37  ? 10.813  2.667   6.557   1.00 6.48  ? 37  ILE A CA  1 
ATOM   282  C  C   . ILE A 1 37  ? 9.310   2.591   6.894   1.00 6.63  ? 37  ILE A C   1 
ATOM   283  O  O   . ILE A 1 37  ? 8.857   3.175   7.891   1.00 6.75  ? 37  ILE A O   1 
ATOM   284  C  CB  . ILE A 1 37  ? 11.074  3.714   5.440   1.00 6.43  ? 37  ILE A CB  1 
ATOM   285  C  CG1 . ILE A 1 37  ? 12.578  3.969   5.284   1.00 6.22  ? 37  ILE A CG1 1 
ATOM   286  C  CG2 . ILE A 1 37  ? 10.338  5.026   5.743   1.00 6.28  ? 37  ILE A CG2 1 
ATOM   287  C  CD1 . ILE A 1 37  ? 12.951  4.728   3.999   1.00 6.28  ? 37  ILE A CD1 1 
ATOM   288  N  N   . ALA A 1 38  ? 8.548   1.864   6.076   1.00 6.51  ? 38  ALA A N   1 
ATOM   289  C  CA  . ALA A 1 38  ? 7.112   1.664   6.320   1.00 6.61  ? 38  ALA A CA  1 
ATOM   290  C  C   . ALA A 1 38  ? 6.819   1.060   7.708   1.00 6.70  ? 38  ALA A C   1 
ATOM   291  O  O   . ALA A 1 38  ? 6.019   1.616   8.469   1.00 6.75  ? 38  ALA A O   1 
ATOM   292  C  CB  . ALA A 1 38  ? 6.485   0.815   5.209   1.00 6.57  ? 38  ALA A CB  1 
ATOM   293  N  N   . LEU A 1 39  ? 7.493   -0.037  8.048   1.00 6.83  ? 39  LEU A N   1 
ATOM   294  C  CA  . LEU A 1 39  ? 7.263   -0.692  9.351   1.00 7.06  ? 39  LEU A CA  1 
ATOM   295  C  C   . LEU A 1 39  ? 7.708   0.195   10.510  1.00 7.32  ? 39  LEU A C   1 
ATOM   296  O  O   . LEU A 1 39  ? 7.054   0.211   11.566  1.00 7.46  ? 39  LEU A O   1 
ATOM   297  C  CB  . LEU A 1 39  ? 7.959   -2.061  9.414   1.00 7.36  ? 39  LEU A CB  1 
ATOM   298  C  CG  . LEU A 1 39  ? 7.491   -3.084  8.365   1.00 7.57  ? 39  LEU A CG  1 
ATOM   299  C  CD1 . LEU A 1 39  ? 8.352   -4.326  8.471   1.00 7.91  ? 39  LEU A CD1 1 
ATOM   300  C  CD2 . LEU A 1 39  ? 6.016   -3.451  8.504   1.00 7.68  ? 39  LEU A CD2 1 
ATOM   301  N  N   . GLU A 1 40  ? 8.800   0.938   10.318  1.00 7.42  ? 40  GLU A N   1 
ATOM   302  C  CA  . GLU A 1 40  ? 9.235   1.927   11.318  1.00 7.64  ? 40  GLU A CA  1 
ATOM   303  C  C   . GLU A 1 40  ? 8.152   2.958   11.613  1.00 7.96  ? 40  GLU A C   1 
ATOM   304  O  O   . GLU A 1 40  ? 7.886   3.262   12.774  1.00 8.01  ? 40  GLU A O   1 
ATOM   305  C  CB  . GLU A 1 40  ? 10.568  2.604   10.928  1.00 7.63  ? 40  GLU A CB  1 
ATOM   306  C  CG  . GLU A 1 40  ? 11.761  1.669   11.018  1.00 8.02  ? 40  GLU A CG  1 
ATOM   307  C  CD  . GLU A 1 40  ? 13.040  2.232   10.429  1.00 8.18  ? 40  GLU A CD  1 
ATOM   308  O  OE1 . GLU A 1 40  ? 13.059  3.408   10.003  1.00 8.24  ? 40  GLU A OE1 1 
ATOM   309  O  OE2 . GLU A 1 40  ? 14.035  1.479   10.387  1.00 8.52  ? 40  GLU A OE2 1 
ATOM   310  N  N   . LYS A 1 41  ? 7.513   3.479   10.568  1.00 7.94  ? 41  LYS A N   1 
ATOM   311  C  CA  . LYS A 1 41  ? 6.476   4.485   10.751  1.00 8.43  ? 41  LYS A CA  1 
ATOM   312  C  C   . LYS A 1 41  ? 5.238   3.870   11.400  1.00 8.78  ? 41  LYS A C   1 
ATOM   313  O  O   . LYS A 1 41  ? 4.577   4.518   12.196  1.00 8.96  ? 41  LYS A O   1 
ATOM   314  C  CB  . LYS A 1 41  ? 6.145   5.192   9.431   1.00 8.19  ? 41  LYS A CB  1 
ATOM   315  C  CG  . LYS A 1 41  ? 7.318   6.024   8.926   1.00 8.26  ? 41  LYS A CG  1 
ATOM   316  C  CD  . LYS A 1 41  ? 6.950   6.994   7.811   1.00 8.44  ? 41  LYS A CD  1 
ATOM   317  C  CE  . LYS A 1 41  ? 8.196   7.774   7.401   1.00 8.65  ? 41  LYS A CE  1 
ATOM   318  N  NZ  . LYS A 1 41  ? 7.884   8.862   6.421   1.00 8.95  ? 41  LYS A NZ  1 
ATOM   319  N  N   . LEU A 1 42  ? 4.969   2.612   11.069  1.00 9.45  ? 42  LEU A N   1 
ATOM   320  C  CA  . LEU A 1 42  ? 3.844   1.855   11.631  1.00 10.67 ? 42  LEU A CA  1 
ATOM   321  C  C   . LEU A 1 42  ? 3.972   1.549   13.127  1.00 11.85 ? 42  LEU A C   1 
ATOM   322  O  O   . LEU A 1 42  ? 2.988   1.214   13.779  1.00 12.40 ? 42  LEU A O   1 
ATOM   323  C  CB  . LEU A 1 42  ? 3.630   0.561   10.835  1.00 10.81 ? 42  LEU A CB  1 
ATOM   324  C  CG  . LEU A 1 42  ? 2.934   0.790   9.495   1.00 10.49 ? 42  LEU A CG  1 
ATOM   325  C  CD1 . LEU A 1 42  ? 3.091   -0.434  8.601   1.00 10.48 ? 42  LEU A CD1 1 
ATOM   326  C  CD2 . LEU A 1 42  ? 1.453   1.124   9.690   1.00 11.03 ? 42  LEU A CD2 1 
ATOM   327  N  N   . SER A 1 43  ? 5.171   1.684   13.679  1.00 13.15 ? 43  SER A N   1 
ATOM   328  C  CA  . SER A 1 43  ? 5.348   1.522   15.123  1.00 15.11 ? 43  SER A CA  1 
ATOM   329  C  C   . SER A 1 43  ? 4.685   2.675   15.871  1.00 15.75 ? 43  SER A C   1 
ATOM   330  O  O   . SER A 1 43  ? 4.305   2.524   17.034  1.00 16.77 ? 43  SER A O   1 
ATOM   331  C  CB  . SER A 1 43  ? 6.826   1.428   15.498  1.00 15.07 ? 43  SER A CB  1 
ATOM   332  O  OG  . SER A 1 43  ? 7.421   2.719   15.544  1.00 16.94 ? 43  SER A OG  1 
ATOM   333  N  N   . GLU A 1 44  ? 4.512   3.805   15.180  1.00 16.31 ? 44  GLU A N   1 
ATOM   334  C  CA  . GLU A 1 44  ? 4.123   5.067   15.794  1.00 17.59 ? 44  GLU A CA  1 
ATOM   335  C  C   . GLU A 1 44  ? 2.713   5.559   15.446  1.00 16.63 ? 44  GLU A C   1 
ATOM   336  O  O   . GLU A 1 44  ? 2.211   6.505   16.068  1.00 17.26 ? 44  GLU A O   1 
ATOM   337  C  CB  . GLU A 1 44  ? 5.114   6.149   15.391  1.00 20.02 ? 44  GLU A CB  1 
ATOM   338  C  CG  . GLU A 1 44  ? 6.437   6.084   16.132  1.00 23.11 ? 44  GLU A CG  1 
ATOM   339  C  CD  . GLU A 1 44  ? 7.516   6.814   15.378  1.00 24.94 ? 44  GLU A CD  1 
ATOM   340  O  OE1 . GLU A 1 44  ? 8.063   7.787   15.937  1.00 27.93 ? 44  GLU A OE1 1 
ATOM   341  O  OE2 . GLU A 1 44  ? 7.783   6.437   14.213  1.00 24.35 ? 44  GLU A OE2 1 
ATOM   342  N  N   . PHE A 1 45  ? 2.090   4.952   14.437  1.00 14.38 ? 45  PHE A N   1 
ATOM   343  C  CA  . PHE A 1 45  ? 0.732   5.330   14.061  1.00 13.38 ? 45  PHE A CA  1 
ATOM   344  C  C   . PHE A 1 45  ? 0.033   4.167   13.362  1.00 12.52 ? 45  PHE A C   1 
ATOM   345  O  O   . PHE A 1 45  ? 0.684   3.210   12.935  1.00 11.92 ? 45  PHE A O   1 
ATOM   346  C  CB  . PHE A 1 45  ? 0.728   6.605   13.199  1.00 13.53 ? 45  PHE A CB  1 
ATOM   347  C  CG  . PHE A 1 45  ? 0.743   6.356   11.708  1.00 12.89 ? 45  PHE A CG  1 
ATOM   348  C  CD1 . PHE A 1 45  ? 1.794   5.674   11.098  1.00 13.18 ? 45  PHE A CD1 1 
ATOM   349  C  CD2 . PHE A 1 45  ? -0.297  6.832   10.909  1.00 13.29 ? 45  PHE A CD2 1 
ATOM   350  C  CE1 . PHE A 1 45  ? 1.803   5.457   9.727   1.00 12.85 ? 45  PHE A CE1 1 
ATOM   351  C  CE2 . PHE A 1 45  ? -0.296  6.615   9.528   1.00 12.77 ? 45  PHE A CE2 1 
ATOM   352  C  CZ  . PHE A 1 45  ? 0.752   5.929   8.939   1.00 12.39 ? 45  PHE A CZ  1 
ATOM   353  N  N   . THR A 1 46  ? -1.289  4.268   13.262  1.00 11.86 ? 46  THR A N   1 
ATOM   354  C  CA  . THR A 1 46  ? -2.126  3.260   12.611  1.00 11.14 ? 46  THR A CA  1 
ATOM   355  C  C   . THR A 1 46  ? -2.935  3.906   11.469  1.00 10.14 ? 46  THR A C   1 
ATOM   356  O  O   . THR A 1 46  ? -3.886  4.654   11.715  1.00 9.91  ? 46  THR A O   1 
ATOM   357  C  CB  . THR A 1 46  ? -3.049  2.567   13.655  1.00 12.01 ? 46  THR A CB  1 
ATOM   358  O  OG1 . THR A 1 46  ? -2.237  2.068   14.734  1.00 12.61 ? 46  THR A OG1 1 
ATOM   359  C  CG2 . THR A 1 46  ? -3.843  1.391   13.043  1.00 12.01 ? 46  THR A CG2 1 
ATOM   360  N  N   . PRO A 1 47  ? -2.546  3.653   10.211  1.00 9.13  ? 47  PRO A N   1 
ATOM   361  C  CA  . PRO A 1 47  ? -3.347  4.209   9.111   1.00 8.58  ? 47  PRO A CA  1 
ATOM   362  C  C   . PRO A 1 47  ? -4.636  3.421   8.899   1.00 8.15  ? 47  PRO A C   1 
ATOM   363  O  O   . PRO A 1 47  ? -4.779  2.313   9.422   1.00 8.14  ? 47  PRO A O   1 
ATOM   364  C  CB  . PRO A 1 47  ? -2.431  4.035   7.896   1.00 8.60  ? 47  PRO A CB  1 
ATOM   365  C  CG  . PRO A 1 47  ? -1.626  2.813   8.233   1.00 8.77  ? 47  PRO A CG  1 
ATOM   366  C  CD  . PRO A 1 47  ? -1.369  2.920   9.717   1.00 8.93  ? 47  PRO A CD  1 
ATOM   367  N  N   . ASP A 1 48  ? -5.557  4.003   8.143   1.00 7.83  ? 48  ASP A N   1 
ATOM   368  C  CA  . ASP A 1 48  ? -6.793  3.347   7.738   1.00 7.74  ? 48  ASP A CA  1 
ATOM   369  C  C   . ASP A 1 48  ? -6.610  2.448   6.517   1.00 7.44  ? 48  ASP A C   1 
ATOM   370  O  O   . ASP A 1 48  ? -7.408  1.532   6.280   1.00 7.56  ? 48  ASP A O   1 
ATOM   371  C  CB  . ASP A 1 48  ? -7.853  4.418   7.465   1.00 8.23  ? 48  ASP A CB  1 
ATOM   372  C  CG  . ASP A 1 48  ? -8.122  5.274   8.686   1.00 8.74  ? 48  ASP A CG  1 
ATOM   373  O  OD1 . ASP A 1 48  ? -8.733  4.737   9.622   1.00 8.98  ? 48  ASP A OD1 1 
ATOM   374  O  OD2 . ASP A 1 48  ? -7.699  6.457   8.723   1.00 9.07  ? 48  ASP A OD2 1 
ATOM   375  N  N   . LEU A 1 49  ? -5.553  2.697   5.749   1.00 7.01  ? 49  LEU A N   1 
ATOM   376  C  CA  . LEU A 1 49  ? -5.295  1.949   4.517   1.00 6.78  ? 49  LEU A CA  1 
ATOM   377  C  C   . LEU A 1 49  ? -3.813  2.027   4.183   1.00 6.52  ? 49  LEU A C   1 
ATOM   378  O  O   . LEU A 1 49  ? -3.170  3.032   4.472   1.00 6.35  ? 49  LEU A O   1 
ATOM   379  C  CB  . LEU A 1 49  ? -6.110  2.555   3.360   1.00 7.04  ? 49  LEU A CB  1 
ATOM   380  C  CG  . LEU A 1 49  ? -5.974  1.954   1.951   1.00 7.38  ? 49  LEU A CG  1 
ATOM   381  C  CD1 . LEU A 1 49  ? -6.719  0.637   1.875   1.00 7.69  ? 49  LEU A CD1 1 
ATOM   382  C  CD2 . LEU A 1 49  ? -6.578  2.942   0.957   1.00 7.94  ? 49  LEU A CD2 1 
ATOM   383  N  N   . ILE A 1 50  ? -3.281  0.963   3.572   1.00 6.12  ? 50  ILE A N   1 
ATOM   384  C  CA  . ILE A 1 50  ? -1.883  0.928   3.123   1.00 5.88  ? 50  ILE A CA  1 
ATOM   385  C  C   . ILE A 1 50  ? -1.905  0.639   1.619   1.00 5.81  ? 50  ILE A C   1 
ATOM   386  O  O   . ILE A 1 50  ? -2.632  -0.262  1.173   1.00 5.71  ? 50  ILE A O   1 
ATOM   387  C  CB  . ILE A 1 50  ? -1.074  -0.180  3.867   1.00 5.84  ? 50  ILE A CB  1 
ATOM   388  C  CG1 . ILE A 1 50  ? -0.953  0.136   5.369   1.00 5.92  ? 50  ILE A CG1 1 
ATOM   389  C  CG2 . ILE A 1 50  ? 0.306   -0.410  3.233   1.00 5.77  ? 50  ILE A CG2 1 
ATOM   390  C  CD1 . ILE A 1 50  ? -0.359  -0.992  6.213   1.00 5.92  ? 50  ILE A CD1 1 
ATOM   391  N  N   . VAL A 1 51  ? -1.145  1.415   0.850   1.00 5.59  ? 51  VAL A N   1 
ATOM   392  C  CA  . VAL A 1 51  ? -0.924  1.149   -0.579  1.00 5.45  ? 51  VAL A CA  1 
ATOM   393  C  C   . VAL A 1 51  ? 0.541   0.757   -0.694  1.00 5.47  ? 51  VAL A C   1 
ATOM   394  O  O   . VAL A 1 51  ? 1.424   1.500   -0.240  1.00 5.45  ? 51  VAL A O   1 
ATOM   395  C  CB  . VAL A 1 51  ? -1.259  2.362   -1.464  1.00 5.42  ? 51  VAL A CB  1 
ATOM   396  C  CG1 . VAL A 1 51  ? -1.098  2.011   -2.947  1.00 5.47  ? 51  VAL A CG1 1 
ATOM   397  C  CG2 . VAL A 1 51  ? -2.685  2.802   -1.204  1.00 5.49  ? 51  VAL A CG2 1 
ATOM   398  N  N   . LEU A 1 52  ? 0.777   -0.430  -1.246  1.00 5.31  ? 52  LEU A N   1 
ATOM   399  C  CA  . LEU A 1 52  ? 2.057   -1.130  -1.077  1.00 5.33  ? 52  LEU A CA  1 
ATOM   400  C  C   . LEU A 1 52  ? 2.643   -1.649  -2.400  1.00 5.48  ? 52  LEU A C   1 
ATOM   401  O  O   . LEU A 1 52  ? 2.037   -2.466  -3.084  1.00 5.37  ? 52  LEU A O   1 
ATOM   402  C  CB  . LEU A 1 52  ? 1.875   -2.295  -0.088  1.00 5.28  ? 52  LEU A CB  1 
ATOM   403  C  CG  . LEU A 1 52  ? 3.068   -3.227  0.195   1.00 5.23  ? 52  LEU A CG  1 
ATOM   404  C  CD1 . LEU A 1 52  ? 4.235   -2.450  0.807   1.00 5.26  ? 52  LEU A CD1 1 
ATOM   405  C  CD2 . LEU A 1 52  ? 2.637   -4.367  1.124   1.00 5.26  ? 52  LEU A CD2 1 
HETATM 406  N  N   . BFD A 1 53  ? 3.827   -1.156  -2.746  1.00 5.69  ? 53  BFD A N   1 
HETATM 407  C  CA  . BFD A 1 53  ? 4.575   -1.591  -3.922  1.00 6.18  ? 53  BFD A CA  1 
HETATM 408  C  C   . BFD A 1 53  ? 5.240   -2.922  -3.568  1.00 6.53  ? 53  BFD A C   1 
HETATM 409  O  O   . BFD A 1 53  ? 5.402   -3.228  -2.377  1.00 6.66  ? 53  BFD A O   1 
HETATM 410  C  CB  . BFD A 1 53  ? 5.646   -0.529  -4.205  1.00 6.32  ? 53  BFD A CB  1 
HETATM 411  C  CG  . BFD A 1 53  ? 6.472   -0.821  -5.447  1.00 6.34  ? 53  BFD A CG  1 
HETATM 412  O  OD1 . BFD A 1 53  ? 5.985   -1.419  -6.426  1.00 6.44  ? 53  BFD A OD1 1 
HETATM 413  O  OD2 . BFD A 1 53  ? 7.649   -0.424  -5.410  1.00 6.63  ? 53  BFD A OD2 1 
HETATM 414  BE BE  . BFD A 1 53  ? 6.753   -2.099  -7.781  0.80 5.43  ? 53  BFD A BE  1 
HETATM 415  F  F1  . BFD A 1 53  ? 8.184   -1.612  -7.791  0.80 5.58  ? 53  BFD A F1  1 
HETATM 416  F  F2  . BFD A 1 53  ? 6.008   -1.539  -8.973  0.80 5.44  ? 53  BFD A F2  1 
HETATM 417  F  F3  . BFD A 1 53  ? 6.463   -3.565  -7.594  0.80 5.32  ? 53  BFD A F3  1 
ATOM   418  N  N   . ILE A 1 54  ? 5.625   -3.705  -4.580  1.00 7.08  ? 54  ILE A N   1 
ATOM   419  C  CA  . ILE A 1 54  ? 6.352   -4.958  -4.355  1.00 7.95  ? 54  ILE A CA  1 
ATOM   420  C  C   . ILE A 1 54  ? 7.873   -4.773  -4.436  1.00 8.55  ? 54  ILE A C   1 
ATOM   421  O  O   . ILE A 1 54  ? 8.581   -5.052  -3.466  1.00 8.70  ? 54  ILE A O   1 
ATOM   422  C  CB  . ILE A 1 54  ? 5.863   -6.098  -5.295  1.00 8.10  ? 54  ILE A CB  1 
ATOM   423  C  CG1 . ILE A 1 54  ? 4.409   -6.469  -4.974  1.00 8.15  ? 54  ILE A CG1 1 
ATOM   424  C  CG2 . ILE A 1 54  ? 6.731   -7.353  -5.163  1.00 8.24  ? 54  ILE A CG2 1 
ATOM   425  C  CD1 . ILE A 1 54  ? 4.144   -6.823  -3.512  1.00 8.62  ? 54  ILE A CD1 1 
ATOM   426  N  N   . MET A 1 55  ? 8.372   -4.280  -5.569  1.00 9.09  ? 55  MET A N   1 
ATOM   427  C  CA  A MET A 1 55  ? 9.818   -4.184  -5.801  0.50 9.37  ? 55  MET A CA  1 
ATOM   428  C  CA  B MET A 1 55  ? 9.818   -4.206  -5.761  0.50 9.85  ? 55  MET A CA  1 
ATOM   429  C  C   . MET A 1 55  ? 10.409  -2.935  -5.158  1.00 9.48  ? 55  MET A C   1 
ATOM   430  O  O   . MET A 1 55  ? 10.152  -1.808  -5.617  1.00 9.58  ? 55  MET A O   1 
ATOM   431  C  CB  A MET A 1 55  ? 10.138  -4.226  -7.306  0.50 9.44  ? 55  MET A CB  1 
ATOM   432  C  CB  B MET A 1 55  ? 10.187  -4.398  -7.236  0.50 10.76 ? 55  MET A CB  1 
ATOM   433  C  CG  A MET A 1 55  ? 9.784   -5.543  -7.976  0.50 9.78  ? 55  MET A CG  1 
ATOM   434  C  CG  B MET A 1 55  ? 9.530   -5.629  -7.843  0.50 11.93 ? 55  MET A CG  1 
ATOM   435  S  SD  A MET A 1 55  ? 10.054  -5.524  -9.764  0.50 10.12 ? 55  MET A SD  1 
ATOM   436  S  SD  B MET A 1 55  ? 10.155  -7.236  -7.298  0.50 14.09 ? 55  MET A SD  1 
ATOM   437  C  CE  A MET A 1 55  ? 9.118   -4.086  -10.259 0.50 10.29 ? 55  MET A CE  1 
ATOM   438  C  CE  B MET A 1 55  ? 10.309  -7.072  -5.524  0.50 12.99 ? 55  MET A CE  1 
ATOM   439  N  N   . MET A 1 56  ? 11.182  -3.134  -4.092  1.00 9.60  ? 56  MET A N   1 
ATOM   440  C  CA  . MET A 1 56  ? 11.757  -2.044  -3.323  1.00 9.72  ? 56  MET A CA  1 
ATOM   441  C  C   . MET A 1 56  ? 13.070  -2.514  -2.720  1.00 10.49 ? 56  MET A C   1 
ATOM   442  O  O   . MET A 1 56  ? 13.174  -3.686  -2.332  1.00 11.29 ? 56  MET A O   1 
ATOM   443  C  CB  . MET A 1 56  ? 10.812  -1.656  -2.172  1.00 9.12  ? 56  MET A CB  1 
ATOM   444  C  CG  . MET A 1 56  ? 9.436   -1.136  -2.590  1.00 8.38  ? 56  MET A CG  1 
ATOM   445  S  SD  . MET A 1 56  ? 8.475   -0.539  -1.186  1.00 7.55  ? 56  MET A SD  1 
ATOM   446  C  CE  . MET A 1 56  ? 7.982   -2.074  -0.386  1.00 7.73  ? 56  MET A CE  1 
ATOM   447  N  N   . PRO A 1 57  ? 14.056  -1.602  -2.603  1.00 11.04 ? 57  PRO A N   1 
ATOM   448  C  CA  . PRO A 1 57  ? 15.307  -1.926  -1.913  1.00 11.26 ? 57  PRO A CA  1 
ATOM   449  C  C   . PRO A 1 57  ? 15.057  -2.104  -0.407  1.00 11.37 ? 57  PRO A C   1 
ATOM   450  O  O   . PRO A 1 57  ? 14.031  -1.627  0.110   1.00 10.97 ? 57  PRO A O   1 
ATOM   451  C  CB  . PRO A 1 57  ? 16.187  -0.694  -2.165  1.00 11.58 ? 57  PRO A CB  1 
ATOM   452  C  CG  . PRO A 1 57  ? 15.253  0.419   -2.477  1.00 11.95 ? 57  PRO A CG  1 
ATOM   453  C  CD  . PRO A 1 57  ? 14.008  -0.198  -3.060  1.00 11.07 ? 57  PRO A CD  1 
ATOM   454  N  N   . VAL A 1 58  ? 16.003  -2.758  0.275   1.00 11.65 ? 58  VAL A N   1 
ATOM   455  C  CA  . VAL A 1 58  ? 15.999  -2.950  1.750   1.00 11.01 ? 58  VAL A CA  1 
ATOM   456  C  C   . VAL A 1 58  ? 14.972  -3.995  2.224   1.00 10.85 ? 58  VAL A C   1 
ATOM   457  O  O   . VAL A 1 58  ? 15.331  -4.988  2.856   1.00 10.74 ? 58  VAL A O   1 
ATOM   458  C  CB  . VAL A 1 58  ? 15.897  -1.617  2.549   1.00 11.60 ? 58  VAL A CB  1 
ATOM   459  C  CG1 . VAL A 1 58  ? 16.029  -1.886  4.040   1.00 11.63 ? 58  VAL A CG1 1 
ATOM   460  C  CG2 . VAL A 1 58  ? 16.986  -0.639  2.114   1.00 11.71 ? 58  VAL A CG2 1 
ATOM   461  N  N   . MET A 1 59  ? 13.696  -3.764  1.909   1.00 10.13 ? 59  MET A N   1 
ATOM   462  C  CA  . MET A 1 59  ? 12.637  -4.710  2.217   1.00 9.87  ? 59  MET A CA  1 
ATOM   463  C  C   . MET A 1 59  ? 11.547  -4.558  1.173   1.00 9.36  ? 59  MET A C   1 
ATOM   464  O  O   . MET A 1 59  ? 10.998  -3.470  0.996   1.00 8.73  ? 59  MET A O   1 
ATOM   465  C  CB  . MET A 1 59  ? 12.056  -4.487  3.618   1.00 9.95  ? 59  MET A CB  1 
ATOM   466  C  CG  . MET A 1 59  ? 10.959  -5.486  3.991   1.00 10.15 ? 59  MET A CG  1 
ATOM   467  S  SD  . MET A 1 59  ? 10.102  -5.090  5.525   1.00 10.10 ? 59  MET A SD  1 
ATOM   468  C  CE  . MET A 1 59  ? 11.417  -5.407  6.689   1.00 10.88 ? 59  MET A CE  1 
ATOM   469  N  N   . ASP A 1 60  ? 11.249  -5.661  0.492   1.00 9.65  ? 60  ASP A N   1 
ATOM   470  C  CA  . ASP A 1 60  ? 10.226  -5.713  -0.553  1.00 9.73  ? 60  ASP A CA  1 
ATOM   471  C  C   . ASP A 1 60  ? 8.819   -5.840  0.029   1.00 9.02  ? 60  ASP A C   1 
ATOM   472  O  O   . ASP A 1 60  ? 8.647   -6.106  1.227   1.00 8.63  ? 60  ASP A O   1 
ATOM   473  C  CB  . ASP A 1 60  ? 10.474  -6.945  -1.405  1.00 10.85 ? 60  ASP A CB  1 
ATOM   474  C  CG  . ASP A 1 60  ? 10.319  -8.209  -0.590  1.00 12.04 ? 60  ASP A CG  1 
ATOM   475  O  OD1 . ASP A 1 60  ? 9.271   -8.849  -0.695  1.00 12.86 ? 60  ASP A OD1 1 
ATOM   476  O  OD2 . ASP A 1 60  ? 11.211  -8.499  0.250   1.00 14.61 ? 60  ASP A OD2 1 
ATOM   477  N  N   . GLY A 1 61  ? 7.818   -5.708  -0.846  1.00 8.42  ? 61  GLY A N   1 
ATOM   478  C  CA  . GLY A 1 61  ? 6.413   -5.691  -0.417  1.00 8.11  ? 61  GLY A CA  1 
ATOM   479  C  C   . GLY A 1 61  ? 5.884   -7.020  0.093   1.00 7.99  ? 61  GLY A C   1 
ATOM   480  O  O   . GLY A 1 61  ? 4.994   -7.041  0.940   1.00 7.68  ? 61  GLY A O   1 
ATOM   481  N  N   . PHE A 1 62  ? 6.393   -8.143  -0.434  1.00 8.06  ? 62  PHE A N   1 
ATOM   482  C  CA  . PHE A 1 62  ? 6.006   -9.452  0.118   1.00 8.15  ? 62  PHE A CA  1 
ATOM   483  C  C   . PHE A 1 62  ? 6.431   -9.579  1.586   1.00 8.00  ? 62  PHE A C   1 
ATOM   484  O  O   . PHE A 1 62  ? 5.657   -10.031 2.437   1.00 7.90  ? 62  PHE A O   1 
ATOM   485  C  CB  . PHE A 1 62  ? 6.564   -10.626 -0.716  1.00 8.15  ? 62  PHE A CB  1 
ATOM   486  C  CG  . PHE A 1 62  ? 6.045   -10.684 -2.136  1.00 8.24  ? 62  PHE A CG  1 
ATOM   487  C  CD1 . PHE A 1 62  ? 4.679   -10.682 -2.398  1.00 8.39  ? 62  PHE A CD1 1 
ATOM   488  C  CD2 . PHE A 1 62  ? 6.935   -10.775 -3.210  1.00 8.49  ? 62  PHE A CD2 1 
ATOM   489  C  CE1 . PHE A 1 62  ? 4.197   -10.751 -3.711  1.00 8.60  ? 62  PHE A CE1 1 
ATOM   490  C  CE2 . PHE A 1 62  ? 6.468   -10.845 -4.528  1.00 8.74  ? 62  PHE A CE2 1 
ATOM   491  C  CZ  . PHE A 1 62  ? 5.095   -10.828 -4.780  1.00 8.50  ? 62  PHE A CZ  1 
ATOM   492  N  N   . THR A 1 63  ? 7.666   -9.179  1.884   1.00 8.06  ? 63  THR A N   1 
ATOM   493  C  CA  . THR A 1 63  ? 8.157   -9.198  3.257   1.00 8.02  ? 63  THR A CA  1 
ATOM   494  C  C   . THR A 1 63  ? 7.359   -8.262  4.143   1.00 8.10  ? 63  THR A C   1 
ATOM   495  O  O   . THR A 1 63  ? 7.011   -8.611  5.272   1.00 8.15  ? 63  THR A O   1 
ATOM   496  C  CB  . THR A 1 63  ? 9.656   -8.865  3.343   1.00 8.21  ? 63  THR A CB  1 
ATOM   497  O  OG1 . THR A 1 63  ? 10.387  -9.810  2.556   1.00 8.27  ? 63  THR A OG1 1 
ATOM   498  C  CG2 . THR A 1 63  ? 10.140  -8.902  4.798   1.00 8.02  ? 63  THR A CG2 1 
ATOM   499  N  N   . VAL A 1 64  ? 7.014   -7.083  3.626   1.00 7.93  ? 64  VAL A N   1 
ATOM   500  C  CA  . VAL A 1 64  ? 6.076   -6.222  4.361   1.00 7.67  ? 64  VAL A CA  1 
ATOM   501  C  C   . VAL A 1 64  ? 4.780   -6.944  4.724   1.00 7.75  ? 64  VAL A C   1 
ATOM   502  O  O   . VAL A 1 64  ? 4.344   -6.894  5.888   1.00 7.60  ? 64  VAL A O   1 
ATOM   503  C  CB  . VAL A 1 64  ? 5.804   -4.912  3.614   1.00 7.64  ? 64  VAL A CB  1 
ATOM   504  C  CG1 . VAL A 1 64  ? 4.771   -4.063  4.354   1.00 7.66  ? 64  VAL A CG1 1 
ATOM   505  C  CG2 . VAL A 1 64  ? 7.112   -4.148  3.460   1.00 7.63  ? 64  VAL A CG2 1 
ATOM   506  N  N   . LEU A 1 65  ? 4.157   -7.615  3.752   1.00 7.82  ? 65  LEU A N   1 
ATOM   507  C  CA  . LEU A 1 65  ? 2.895   -8.310  4.035   1.00 8.46  ? 65  LEU A CA  1 
ATOM   508  C  C   . LEU A 1 65  ? 3.057   -9.343  5.145   1.00 8.82  ? 65  LEU A C   1 
ATOM   509  O  O   . LEU A 1 65  ? 2.173   -9.465  6.007   1.00 9.03  ? 65  LEU A O   1 
ATOM   510  C  CB  . LEU A 1 65  ? 2.303   -8.943  2.775   1.00 8.13  ? 65  LEU A CB  1 
ATOM   511  C  CG  . LEU A 1 65  ? 1.782   -7.962  1.709   1.00 7.95  ? 65  LEU A CG  1 
ATOM   512  C  CD1 . LEU A 1 65  ? 1.612   -8.668  0.364   1.00 8.04  ? 65  LEU A CD1 1 
ATOM   513  C  CD2 . LEU A 1 65  ? 0.482   -7.298  2.145   1.00 8.21  ? 65  LEU A CD2 1 
ATOM   514  N  N   . LYS A 1 66  ? 4.175   -10.066 5.120   1.00 9.25  ? 66  LYS A N   1 
ATOM   515  C  CA  . LYS A 1 66  ? 4.500   -11.058 6.163   1.00 10.26 ? 66  LYS A CA  1 
ATOM   516  C  C   . LYS A 1 66  ? 4.596   -10.404 7.532   1.00 10.41 ? 66  LYS A C   1 
ATOM   517  O  O   . LYS A 1 66  ? 4.048   -10.920 8.511   1.00 10.21 ? 66  LYS A O   1 
ATOM   518  C  CB  . LYS A 1 66  ? 5.796   -11.795 5.844   1.00 10.81 ? 66  LYS A CB  1 
ATOM   519  C  CG  . LYS A 1 66  ? 5.655   -12.775 4.691   1.00 11.73 ? 66  LYS A CG  1 
ATOM   520  C  CD  . LYS A 1 66  ? 7.006   -13.263 4.193   1.00 12.53 ? 66  LYS A CD  1 
ATOM   521  C  CE  . LYS A 1 66  ? 6.801   -14.179 2.989   1.00 13.06 ? 66  LYS A CE  1 
ATOM   522  N  NZ  . LYS A 1 66  ? 8.078   -14.783 2.497   1.00 14.21 ? 66  LYS A NZ  1 
ATOM   523  N  N   . LYS A 1 67  ? 5.264   -9.250  7.595   1.00 10.43 ? 67  LYS A N   1 
ATOM   524  C  CA  . LYS A 1 67  ? 5.418   -8.533  8.868   1.00 10.31 ? 67  LYS A CA  1 
ATOM   525  C  C   . LYS A 1 67  ? 4.115   -7.914  9.375   1.00 10.12 ? 67  LYS A C   1 
ATOM   526  O  O   . LYS A 1 67  ? 3.906   -7.838  10.585  1.00 9.85  ? 67  LYS A O   1 
ATOM   527  C  CB  . LYS A 1 67  ? 6.514   -7.453  8.782   1.00 10.97 ? 67  LYS A CB  1 
ATOM   528  C  CG  . LYS A 1 67  ? 7.916   -7.978  8.462   1.00 12.03 ? 67  LYS A CG  1 
ATOM   529  C  CD  . LYS A 1 67  ? 8.443   -8.870  9.568   1.00 13.43 ? 67  LYS A CD  1 
ATOM   530  C  CE  . LYS A 1 67  ? 9.896   -9.266  9.352   1.00 14.91 ? 67  LYS A CE  1 
ATOM   531  N  NZ  . LYS A 1 67  ? 10.093  -10.648 9.900   1.00 16.17 ? 67  LYS A NZ  1 
ATOM   532  N  N   . LEU A 1 68  ? 3.236   -7.487  8.467   1.00 10.06 ? 68  LEU A N   1 
ATOM   533  C  CA  . LEU A 1 68  ? 1.959   -6.901  8.882   1.00 10.29 ? 68  LEU A CA  1 
ATOM   534  C  C   . LEU A 1 68  ? 1.085   -7.922  9.615   1.00 11.58 ? 68  LEU A C   1 
ATOM   535  O  O   . LEU A 1 68  ? 0.307   -7.561  10.504  1.00 11.36 ? 68  LEU A O   1 
ATOM   536  C  CB  . LEU A 1 68  ? 1.198   -6.334  7.685   1.00 10.17 ? 68  LEU A CB  1 
ATOM   537  C  CG  . LEU A 1 68  ? 1.824   -5.086  7.061   1.00 9.81  ? 68  LEU A CG  1 
ATOM   538  C  CD1 . LEU A 1 68  ? 1.116   -4.742  5.755   1.00 9.42  ? 68  LEU A CD1 1 
ATOM   539  C  CD2 . LEU A 1 68  ? 1.749   -3.926  8.061   1.00 10.14 ? 68  LEU A CD2 1 
ATOM   540  N  N   . GLN A 1 69  ? 1.222   -9.185  9.226   1.00 13.27 ? 69  GLN A N   1 
ATOM   541  C  CA  . GLN A 1 69  ? 0.458   -10.280 9.842   1.00 15.56 ? 69  GLN A CA  1 
ATOM   542  C  C   . GLN A 1 69  ? 0.963   -10.600 11.244  1.00 16.36 ? 69  GLN A C   1 
ATOM   543  O  O   . GLN A 1 69  ? 0.261   -11.228 12.033  1.00 16.32 ? 69  GLN A O   1 
ATOM   544  C  CB  . GLN A 1 69  ? 0.484   -11.540 8.955   1.00 17.37 ? 69  GLN A CB  1 
ATOM   545  C  CG  . GLN A 1 69  ? -0.300  -11.405 7.660   1.00 19.50 ? 69  GLN A CG  1 
ATOM   546  C  CD  . GLN A 1 69  ? -1.774  -11.086 7.894   1.00 21.40 ? 69  GLN A CD  1 
ATOM   547  O  OE1 . GLN A 1 69  ? -2.260  -10.003 7.545   1.00 23.08 ? 69  GLN A OE1 1 
ATOM   548  N  NE2 . GLN A 1 69  ? -2.484  -12.016 8.520   1.00 24.64 ? 69  GLN A NE2 1 
ATOM   549  N  N   . GLU A 1 70  ? 2.170   -10.154 11.572  1.00 17.50 ? 70  GLU A N   1 
ATOM   550  C  CA  . GLU A 1 70  ? 2.774   -10.498 12.859  1.00 19.73 ? 70  GLU A CA  1 
ATOM   551  C  C   . GLU A 1 70  ? 2.460   -9.500  13.973  1.00 20.71 ? 70  GLU A C   1 
ATOM   552  O  O   . GLU A 1 70  ? 3.048   -9.564  15.045  1.00 22.98 ? 70  GLU A O   1 
ATOM   553  C  CB  . GLU A 1 70  ? 4.283   -10.700 12.711  1.00 19.68 ? 70  GLU A CB  1 
ATOM   554  C  CG  . GLU A 1 70  ? 4.653   -11.765 11.694  1.00 20.68 ? 70  GLU A CG  1 
ATOM   555  C  CD  . GLU A 1 70  ? 6.145   -11.842 11.446  1.00 21.86 ? 70  GLU A CD  1 
ATOM   556  O  OE1 . GLU A 1 70  ? 6.880   -10.926 11.867  1.00 22.72 ? 70  GLU A OE1 1 
ATOM   557  O  OE2 . GLU A 1 70  ? 6.581   -12.833 10.838  1.00 25.19 ? 70  GLU A OE2 1 
ATOM   558  N  N   . LYS A 1 71  ? 1.515   -8.595  13.736  1.00 21.47 ? 71  LYS A N   1 
ATOM   559  C  CA  . LYS A 1 71  ? 1.091   -7.677  14.783  1.00 22.46 ? 71  LYS A CA  1 
ATOM   560  C  C   . LYS A 1 71  ? -0.424  -7.479  14.777  1.00 22.61 ? 71  LYS A C   1 
ATOM   561  O  O   . LYS A 1 71  ? -1.010  -7.169  13.746  1.00 20.38 ? 71  LYS A O   1 
ATOM   562  C  CB  . LYS A 1 71  ? 1.827   -6.341  14.665  1.00 24.47 ? 71  LYS A CB  1 
ATOM   563  C  CG  . LYS A 1 71  ? 2.239   -5.775  16.008  1.00 26.97 ? 71  LYS A CG  1 
ATOM   564  C  CD  . LYS A 1 71  ? 3.256   -4.652  15.891  1.00 28.99 ? 71  LYS A CD  1 
ATOM   565  C  CE  . LYS A 1 71  ? 3.895   -4.379  17.248  1.00 30.53 ? 71  LYS A CE  1 
ATOM   566  N  NZ  . LYS A 1 71  ? 4.654   -5.550  17.781  1.00 29.87 ? 71  LYS A NZ  1 
ATOM   567  N  N   . GLU A 1 72  ? -1.048  -7.670  15.941  1.00 23.57 ? 72  GLU A N   1 
ATOM   568  C  CA  . GLU A 1 72  ? -2.499  -7.518  16.084  1.00 24.39 ? 72  GLU A CA  1 
ATOM   569  C  C   . GLU A 1 72  ? -3.043  -6.200  15.504  1.00 23.49 ? 72  GLU A C   1 
ATOM   570  O  O   . GLU A 1 72  ? -4.030  -6.200  14.768  1.00 24.19 ? 72  GLU A O   1 
ATOM   571  C  CB  . GLU A 1 72  ? -2.915  -7.678  17.555  1.00 27.11 ? 72  GLU A CB  1 
ATOM   572  C  CG  . GLU A 1 72  ? -4.364  -7.309  17.831  1.00 29.23 ? 72  GLU A CG  1 
ATOM   573  C  CD  . GLU A 1 72  ? -5.093  -8.369  18.630  1.00 31.82 ? 72  GLU A CD  1 
ATOM   574  O  OE1 . GLU A 1 72  ? -4.760  -8.551  19.823  1.00 31.88 ? 72  GLU A OE1 1 
ATOM   575  O  OE2 . GLU A 1 72  ? -6.004  -9.011  18.057  1.00 33.56 ? 72  GLU A OE2 1 
ATOM   576  N  N   . GLU A 1 73  ? -2.381  -5.092  15.824  1.00 23.37 ? 73  GLU A N   1 
ATOM   577  C  CA  . GLU A 1 73  ? -2.808  -3.757  15.376  1.00 22.17 ? 73  GLU A CA  1 
ATOM   578  C  C   . GLU A 1 73  ? -2.534  -3.471  13.898  1.00 20.02 ? 73  GLU A C   1 
ATOM   579  O  O   . GLU A 1 73  ? -3.025  -2.466  13.365  1.00 20.71 ? 73  GLU A O   1 
ATOM   580  C  CB  . GLU A 1 73  ? -2.190  -2.646  16.244  1.00 24.34 ? 73  GLU A CB  1 
ATOM   581  C  CG  . GLU A 1 73  ? -0.798  -2.940  16.785  1.00 26.68 ? 73  GLU A CG  1 
ATOM   582  C  CD  . GLU A 1 73  ? -0.836  -3.847  18.005  1.00 28.07 ? 73  GLU A CD  1 
ATOM   583  O  OE1 . GLU A 1 73  ? -1.595  -3.547  18.954  1.00 30.92 ? 73  GLU A OE1 1 
ATOM   584  O  OE2 . GLU A 1 73  ? -0.107  -4.859  18.021  1.00 29.24 ? 73  GLU A OE2 1 
ATOM   585  N  N   . TRP A 1 74  ? -1.757  -4.341  13.251  1.00 16.45 ? 74  TRP A N   1 
ATOM   586  C  CA  . TRP A 1 74  ? -1.397  -4.187  11.836  1.00 14.42 ? 74  TRP A CA  1 
ATOM   587  C  C   . TRP A 1 74  ? -2.172  -5.103  10.935  1.00 13.42 ? 74  TRP A C   1 
ATOM   588  O  O   . TRP A 1 74  ? -2.482  -4.745  9.793   1.00 12.47 ? 74  TRP A O   1 
ATOM   589  C  CB  . TRP A 1 74  ? 0.086   -4.481  11.624  1.00 13.07 ? 74  TRP A CB  1 
ATOM   590  C  CG  . TRP A 1 74  ? 1.043   -3.485  12.239  1.00 12.57 ? 74  TRP A CG  1 
ATOM   591  C  CD1 . TRP A 1 74  ? 0.745   -2.259  12.839  1.00 12.33 ? 74  TRP A CD1 1 
ATOM   592  C  CD2 . TRP A 1 74  ? 2.507   -3.596  12.297  1.00 12.47 ? 74  TRP A CD2 1 
ATOM   593  N  NE1 . TRP A 1 74  ? 1.895   -1.637  13.268  1.00 12.85 ? 74  TRP A NE1 1 
ATOM   594  C  CE2 . TRP A 1 74  ? 2.986   -2.379  12.965  1.00 12.49 ? 74  TRP A CE2 1 
ATOM   595  C  CE3 . TRP A 1 74  ? 3.435   -4.546  11.876  1.00 12.27 ? 74  TRP A CE3 1 
ATOM   596  C  CZ2 . TRP A 1 74  ? 4.339   -2.147  13.191  1.00 12.39 ? 74  TRP A CZ2 1 
ATOM   597  C  CZ3 . TRP A 1 74  ? 4.797   -4.300  12.109  1.00 12.59 ? 74  TRP A CZ3 1 
ATOM   598  C  CH2 . TRP A 1 74  ? 5.238   -3.125  12.749  1.00 12.41 ? 74  TRP A CH2 1 
ATOM   599  N  N   . LYS A 1 75  ? -2.483  -6.304  11.428  1.00 13.15 ? 75  LYS A N   1 
ATOM   600  C  CA  . LYS A 1 75  ? -3.011  -7.356  10.567  1.00 13.17 ? 75  LYS A CA  1 
ATOM   601  C  C   . LYS A 1 75  ? -4.372  -6.996  9.977   1.00 12.75 ? 75  LYS A C   1 
ATOM   602  O  O   . LYS A 1 75  ? -4.734  -7.520  8.922   1.00 12.16 ? 75  LYS A O   1 
ATOM   603  C  CB  . LYS A 1 75  ? -3.077  -8.713  11.306  1.00 14.08 ? 75  LYS A CB  1 
ATOM   604  C  CG  . LYS A 1 75  ? -4.200  -8.814  12.328  1.00 15.07 ? 75  LYS A CG  1 
ATOM   605  C  CD  . LYS A 1 75  ? -4.316  -10.225 12.885  1.00 16.45 ? 75  LYS A CD  1 
ATOM   606  C  CE  . LYS A 1 75  ? -5.302  -10.293 14.043  1.00 17.62 ? 75  LYS A CE  1 
ATOM   607  N  NZ  . LYS A 1 75  ? -5.700  -11.715 14.277  1.00 18.34 ? 75  LYS A NZ  1 
ATOM   608  N  N   . ARG A 1 76  ? -5.106  -6.096  10.650  1.00 12.45 ? 76  ARG A N   1 
ATOM   609  C  CA  . ARG A 1 76  ? -6.454  -5.737  10.217  1.00 12.50 ? 76  ARG A CA  1 
ATOM   610  C  C   . ARG A 1 76  ? -6.515  -4.533  9.256   1.00 11.03 ? 76  ARG A C   1 
ATOM   611  O  O   . ARG A 1 76  ? -7.582  -4.240  8.719   1.00 10.84 ? 76  ARG A O   1 
ATOM   612  C  CB  . ARG A 1 76  ? -7.394  -5.544  11.418  1.00 14.34 ? 76  ARG A CB  1 
ATOM   613  C  CG  . ARG A 1 76  ? -7.399  -6.720  12.408  1.00 16.11 ? 76  ARG A CG  1 
ATOM   614  C  CD  . ARG A 1 76  ? -8.708  -6.777  13.189  1.00 18.70 ? 76  ARG A CD  1 
ATOM   615  N  NE  . ARG A 1 76  ? -8.783  -7.899  14.135  1.00 20.51 ? 76  ARG A NE  1 
ATOM   616  C  CZ  . ARG A 1 76  ? -8.402  -7.841  15.415  1.00 21.53 ? 76  ARG A CZ  1 
ATOM   617  N  NH1 . ARG A 1 76  ? -7.918  -6.721  15.930  1.00 22.34 ? 76  ARG A NH1 1 
ATOM   618  N  NH2 . ARG A 1 76  ? -8.513  -8.913  16.202  1.00 21.99 ? 76  ARG A NH2 1 
ATOM   619  N  N   . ILE A 1 77  ? -5.378  -3.873  9.017   1.00 9.94  ? 77  ILE A N   1 
ATOM   620  C  CA  . ILE A 1 77  ? -5.349  -2.709  8.100   1.00 9.36  ? 77  ILE A CA  1 
ATOM   621  C  C   . ILE A 1 77  ? -5.479  -3.217  6.662   1.00 8.93  ? 77  ILE A C   1 
ATOM   622  O  O   . ILE A 1 77  ? -4.693  -4.081  6.254   1.00 9.33  ? 77  ILE A O   1 
ATOM   623  C  CB  . ILE A 1 77  ? -4.068  -1.845  8.244   1.00 9.18  ? 77  ILE A CB  1 
ATOM   624  C  CG1 . ILE A 1 77  ? -3.843  -1.399  9.696   1.00 9.30  ? 77  ILE A CG1 1 
ATOM   625  C  CG2 . ILE A 1 77  ? -4.141  -0.608  7.338   1.00 9.11  ? 77  ILE A CG2 1 
ATOM   626  C  CD1 . ILE A 1 77  ? -2.458  -0.850  9.956   1.00 9.28  ? 77  ILE A CD1 1 
ATOM   627  N  N   . PRO A 1 78  ? -6.474  -2.713  5.895   1.00 8.49  ? 78  PRO A N   1 
ATOM   628  C  CA  . PRO A 1 78  ? -6.575  -3.194  4.515   1.00 8.07  ? 78  PRO A CA  1 
ATOM   629  C  C   . PRO A 1 78  ? -5.378  -2.733  3.690   1.00 7.73  ? 78  PRO A C   1 
ATOM   630  O  O   . PRO A 1 78  ? -4.951  -1.578  3.822   1.00 7.42  ? 78  PRO A O   1 
ATOM   631  C  CB  . PRO A 1 78  ? -7.850  -2.534  3.982   1.00 8.34  ? 78  PRO A CB  1 
ATOM   632  C  CG  . PRO A 1 78  ? -8.125  -1.384  4.886   1.00 8.54  ? 78  PRO A CG  1 
ATOM   633  C  CD  . PRO A 1 78  ? -7.550  -1.759  6.231   1.00 8.58  ? 78  PRO A CD  1 
ATOM   634  N  N   . VAL A 1 79  ? -4.837  -3.640  2.872   1.00 7.26  ? 79  VAL A N   1 
ATOM   635  C  CA  . VAL A 1 79  ? -3.696  -3.318  1.997   1.00 6.97  ? 79  VAL A CA  1 
ATOM   636  C  C   . VAL A 1 79  ? -4.084  -3.464  0.531   1.00 6.81  ? 79  VAL A C   1 
ATOM   637  O  O   . VAL A 1 79  ? -4.615  -4.501  0.134   1.00 6.72  ? 79  VAL A O   1 
ATOM   638  C  CB  . VAL A 1 79  ? -2.472  -4.231  2.276   1.00 6.95  ? 79  VAL A CB  1 
ATOM   639  C  CG1 . VAL A 1 79  ? -1.354  -3.934  1.284   1.00 6.94  ? 79  VAL A CG1 1 
ATOM   640  C  CG2 . VAL A 1 79  ? -1.982  -4.064  3.709   1.00 7.06  ? 79  VAL A CG2 1 
ATOM   641  N  N   . ILE A 1 80  ? -3.841  -2.416  -0.262  1.00 6.60  ? 80  ILE A N   1 
ATOM   642  C  CA  . ILE A 1 80  ? -3.905  -2.524  -1.724  1.00 6.70  ? 80  ILE A CA  1 
ATOM   643  C  C   . ILE A 1 80  ? -2.466  -2.620  -2.207  1.00 6.61  ? 80  ILE A C   1 
ATOM   644  O  O   . ILE A 1 80  ? -1.653  -1.740  -1.930  1.00 6.25  ? 80  ILE A O   1 
ATOM   645  C  CB  . ILE A 1 80  ? -4.530  -1.276  -2.389  1.00 6.86  ? 80  ILE A CB  1 
ATOM   646  C  CG1 . ILE A 1 80  ? -5.991  -1.087  -1.949  1.00 7.06  ? 80  ILE A CG1 1 
ATOM   647  C  CG2 . ILE A 1 80  ? -4.434  -1.356  -3.918  1.00 7.00  ? 80  ILE A CG2 1 
ATOM   648  C  CD1 . ILE A 1 80  ? -6.611  0.218   -2.435  1.00 7.25  ? 80  ILE A CD1 1 
ATOM   649  N  N   . VAL A 1 81  ? -2.152  -3.693  -2.922  1.00 6.50  ? 81  VAL A N   1 
ATOM   650  C  CA  . VAL A 1 81  ? -0.840  -3.792  -3.535  1.00 6.69  ? 81  VAL A CA  1 
ATOM   651  C  C   . VAL A 1 81  ? -0.943  -3.080  -4.876  1.00 6.76  ? 81  VAL A C   1 
ATOM   652  O  O   . VAL A 1 81  ? -1.888  -3.309  -5.632  1.00 6.98  ? 81  VAL A O   1 
ATOM   653  C  CB  . VAL A 1 81  ? -0.371  -5.260  -3.660  1.00 6.56  ? 81  VAL A CB  1 
ATOM   654  C  CG1 . VAL A 1 81  ? 0.825   -5.372  -4.619  1.00 6.58  ? 81  VAL A CG1 1 
ATOM   655  C  CG2 . VAL A 1 81  ? 0.017   -5.797  -2.276  1.00 6.82  ? 81  VAL A CG2 1 
ATOM   656  N  N   . LEU A 1 82  ? 0.008   -2.192  -5.150  1.00 6.78  ? 82  LEU A N   1 
ATOM   657  C  CA  . LEU A 1 82  ? 0.044   -1.482  -6.420  1.00 7.01  ? 82  LEU A CA  1 
ATOM   658  C  C   . LEU A 1 82  ? 1.430   -1.695  -7.002  1.00 7.19  ? 82  LEU A C   1 
ATOM   659  O  O   . LEU A 1 82  ? 2.421   -1.200  -6.461  1.00 6.99  ? 82  LEU A O   1 
ATOM   660  C  CB  . LEU A 1 82  ? -0.256  0.011   -6.226  1.00 6.97  ? 82  LEU A CB  1 
ATOM   661  C  CG  . LEU A 1 82  ? -0.060  0.960   -7.423  1.00 6.94  ? 82  LEU A CG  1 
ATOM   662  C  CD1 . LEU A 1 82  ? -1.021  0.605   -8.561  1.00 7.02  ? 82  LEU A CD1 1 
ATOM   663  C  CD2 . LEU A 1 82  ? -0.261  2.410   -6.984  1.00 7.04  ? 82  LEU A CD2 1 
ATOM   664  N  N   . THR A 1 83  ? 1.496   -2.429  -8.107  1.00 7.60  ? 83  THR A N   1 
ATOM   665  C  CA  . THR A 1 83  ? 2.769   -2.983  -8.547  1.00 8.39  ? 83  THR A CA  1 
ATOM   666  C  C   . THR A 1 83  ? 2.894   -3.141  -10.056 1.00 9.32  ? 83  THR A C   1 
ATOM   667  O  O   . THR A 1 83  ? 1.909   -3.385  -10.750 1.00 9.57  ? 83  THR A O   1 
ATOM   668  C  CB  . THR A 1 83  ? 3.055   -4.346  -7.852  1.00 8.32  ? 83  THR A CB  1 
ATOM   669  O  OG1 . THR A 1 83  ? 4.332   -4.833  -8.260  1.00 8.41  ? 83  THR A OG1 1 
ATOM   670  C  CG2 . THR A 1 83  ? 2.000   -5.402  -8.227  1.00 8.31  ? 83  THR A CG2 1 
ATOM   671  N  N   . ALA A 1 84  ? 4.130   -2.999  -10.537 1.00 10.60 ? 84  ALA A N   1 
ATOM   672  C  CA  . ALA A 1 84  ? 4.474   -3.259  -11.931 1.00 12.30 ? 84  ALA A CA  1 
ATOM   673  C  C   . ALA A 1 84  ? 4.580   -4.760  -12.219 1.00 13.89 ? 84  ALA A C   1 
ATOM   674  O  O   . ALA A 1 84  ? 4.633   -5.141  -13.390 1.00 15.12 ? 84  ALA A O   1 
ATOM   675  C  CB  . ALA A 1 84  ? 5.770   -2.540  -12.311 1.00 12.08 ? 84  ALA A CB  1 
ATOM   676  N  N   . LYS A 1 85  ? 4.639   -5.597  -11.174 1.00 14.65 ? 85  LYS A N   1 
ATOM   677  C  CA  . LYS A 1 85  ? 4.613   -7.062  -11.334 1.00 16.53 ? 85  LYS A CA  1 
ATOM   678  C  C   . LYS A 1 85  ? 3.235   -7.523  -11.803 1.00 16.48 ? 85  LYS A C   1 
ATOM   679  O  O   . LYS A 1 85  ? 2.276   -7.521  -11.029 1.00 17.12 ? 85  LYS A O   1 
ATOM   680  C  CB  . LYS A 1 85  ? 4.961   -7.783  -10.027 1.00 17.98 ? 85  LYS A CB  1 
ATOM   681  C  CG  . LYS A 1 85  ? 6.219   -7.299  -9.336  1.00 19.09 ? 85  LYS A CG  1 
ATOM   682  C  CD  . LYS A 1 85  ? 7.454   -7.973  -9.887  1.00 20.91 ? 85  LYS A CD  1 
ATOM   683  C  CE  . LYS A 1 85  ? 7.752   -9.242  -9.113  1.00 21.20 ? 85  LYS A CE  1 
ATOM   684  N  NZ  . LYS A 1 85  ? 9.115   -9.733  -9.436  1.00 23.33 ? 85  LYS A NZ  1 
ATOM   685  N  N   . GLY A 1 86  ? 3.152   -7.933  -13.065 1.00 16.53 ? 86  GLY A N   1 
ATOM   686  C  CA  . GLY A 1 86  ? 1.873   -8.256  -13.692 1.00 16.40 ? 86  GLY A CA  1 
ATOM   687  C  C   . GLY A 1 86  ? 1.465   -9.720  -13.666 1.00 16.28 ? 86  GLY A C   1 
ATOM   688  O  O   . GLY A 1 86  ? 0.370   -10.065 -14.121 1.00 15.78 ? 86  GLY A O   1 
ATOM   689  N  N   . GLY A 1 87  ? 2.336   -10.573 -13.132 1.00 16.12 ? 87  GLY A N   1 
ATOM   690  C  CA  . GLY A 1 87  ? 2.144   -12.025 -13.181 1.00 15.35 ? 87  GLY A CA  1 
ATOM   691  C  C   . GLY A 1 87  ? 1.008   -12.521 -12.309 1.00 14.66 ? 87  GLY A C   1 
ATOM   692  O  O   . GLY A 1 87  ? 0.788   -12.020 -11.207 1.00 13.30 ? 87  GLY A O   1 
ATOM   693  N  N   . GLU A 1 88  ? 0.286   -13.524 -12.797 1.00 14.34 ? 88  GLU A N   1 
ATOM   694  C  CA  . GLU A 1 88  ? -0.721  -14.195 -11.971 1.00 15.02 ? 88  GLU A CA  1 
ATOM   695  C  C   . GLU A 1 88  ? -0.107  -14.767 -10.674 1.00 14.89 ? 88  GLU A C   1 
ATOM   696  O  O   . GLU A 1 88  ? -0.768  -14.813 -9.625  1.00 14.81 ? 88  GLU A O   1 
ATOM   697  C  CB  . GLU A 1 88  ? -1.413  -15.287 -12.795 1.00 16.48 ? 88  GLU A CB  1 
ATOM   698  C  CG  . GLU A 1 88  ? -2.537  -16.033 -12.085 1.00 18.14 ? 88  GLU A CG  1 
ATOM   699  C  CD  . GLU A 1 88  ? -3.171  -17.092 -12.979 1.00 18.95 ? 88  GLU A CD  1 
ATOM   700  O  OE1 . GLU A 1 88  ? -2.648  -17.299 -14.083 1.00 19.88 ? 88  GLU A OE1 1 
ATOM   701  O  OE2 . GLU A 1 88  ? -4.180  -17.719 -12.579 1.00 20.57 ? 88  GLU A OE2 1 
ATOM   702  N  N   . GLU A 1 89  ? 1.162   -15.169 -10.739 1.00 14.40 ? 89  GLU A N   1 
ATOM   703  C  CA  . GLU A 1 89  ? 1.850   -15.740 -9.573  1.00 14.99 ? 89  GLU A CA  1 
ATOM   704  C  C   . GLU A 1 89  ? 2.157   -14.669 -8.514  1.00 14.32 ? 89  GLU A C   1 
ATOM   705  O  O   . GLU A 1 89  ? 2.067   -14.934 -7.319  1.00 13.42 ? 89  GLU A O   1 
ATOM   706  C  CB  . GLU A 1 89  ? 3.123   -16.493 -9.989  1.00 16.10 ? 89  GLU A CB  1 
ATOM   707  C  CG  . GLU A 1 89  ? 4.235   -15.639 -10.584 1.00 17.80 ? 89  GLU A CG  1 
ATOM   708  C  CD  . GLU A 1 89  ? 4.112   -15.358 -12.082 1.00 19.29 ? 89  GLU A CD  1 
ATOM   709  O  OE1 . GLU A 1 89  ? 3.033   -15.567 -12.690 1.00 18.94 ? 89  GLU A OE1 1 
ATOM   710  O  OE2 . GLU A 1 89  ? 5.129   -14.904 -12.656 1.00 22.30 ? 89  GLU A OE2 1 
ATOM   711  N  N   . ASP A 1 90  ? 2.518   -13.468 -8.967  1.00 13.90 ? 90  ASP A N   1 
ATOM   712  C  CA  . ASP A 1 90  ? 2.782   -12.356 -8.043  1.00 14.66 ? 90  ASP A CA  1 
ATOM   713  C  C   . ASP A 1 90  ? 1.512   -11.974 -7.303  1.00 13.42 ? 90  ASP A C   1 
ATOM   714  O  O   . ASP A 1 90  ? 1.545   -11.727 -6.094  1.00 12.19 ? 90  ASP A O   1 
ATOM   715  C  CB  . ASP A 1 90  ? 3.322   -11.133 -8.785  1.00 16.59 ? 90  ASP A CB  1 
ATOM   716  C  CG  . ASP A 1 90  ? 4.539   -11.443 -9.609  1.00 18.95 ? 90  ASP A CG  1 
ATOM   717  O  OD1 . ASP A 1 90  ? 5.559   -11.880 -9.044  1.00 20.90 ? 90  ASP A OD1 1 
ATOM   718  O  OD2 . ASP A 1 90  ? 4.478   -11.218 -10.836 1.00 21.00 ? 90  ASP A OD2 1 
ATOM   719  N  N   . GLU A 1 91  ? 0.394   -11.941 -8.037  1.00 13.19 ? 91  GLU A N   1 
ATOM   720  C  CA  . GLU A 1 91  ? -0.909  -11.641 -7.448  1.00 13.33 ? 91  GLU A CA  1 
ATOM   721  C  C   . GLU A 1 91  ? -1.267  -12.730 -6.446  1.00 12.70 ? 91  GLU A C   1 
ATOM   722  O  O   . GLU A 1 91  ? -1.730  -12.433 -5.349  1.00 12.26 ? 91  GLU A O   1 
ATOM   723  C  CB  . GLU A 1 91  ? -2.004  -11.482 -8.526  1.00 14.55 ? 91  GLU A CB  1 
ATOM   724  C  CG  . GLU A 1 91  ? -3.424  -11.648 -7.991  1.00 16.53 ? 91  GLU A CG  1 
ATOM   725  C  CD  . GLU A 1 91  ? -4.489  -11.038 -8.884  1.00 18.39 ? 91  GLU A CD  1 
ATOM   726  O  OE1 . GLU A 1 91  ? -4.313  -11.006 -10.114 1.00 19.98 ? 91  GLU A OE1 1 
ATOM   727  O  OE2 . GLU A 1 91  ? -5.518  -10.591 -8.351  1.00 19.92 ? 91  GLU A OE2 1 
ATOM   728  N  N   . SER A 1 92  ? -1.030  -13.994 -6.816  1.00 12.03 ? 92  SER A N   1 
ATOM   729  C  CA  . SER A 1 92  ? -1.362  -15.094 -5.927  1.00 12.15 ? 92  SER A CA  1 
ATOM   730  C  C   . SER A 1 92  ? -0.649  -14.963 -4.591  1.00 11.48 ? 92  SER A C   1 
ATOM   731  O  O   . SER A 1 92  ? -1.271  -15.129 -3.547  1.00 12.00 ? 92  SER A O   1 
ATOM   732  C  CB  . SER A 1 92  ? -1.039  -16.460 -6.549  1.00 12.56 ? 92  SER A CB  1 
ATOM   733  O  OG  . SER A 1 92  ? -1.292  -17.491 -5.592  1.00 15.23 ? 92  SER A OG  1 
ATOM   734  N  N   . LEU A 1 93  ? 0.647   -14.681 -4.630  1.00 10.84 ? 93  LEU A N   1 
ATOM   735  C  CA  . LEU A 1 93  ? 1.438   -14.592 -3.399  1.00 10.70 ? 93  LEU A CA  1 
ATOM   736  C  C   . LEU A 1 93  ? 0.969   -13.414 -2.542  1.00 10.53 ? 93  LEU A C   1 
ATOM   737  O  O   . LEU A 1 93  ? 0.775   -13.556 -1.343  1.00 10.09 ? 93  LEU A O   1 
ATOM   738  C  CB  . LEU A 1 93  ? 2.936   -14.484 -3.698  1.00 10.63 ? 93  LEU A CB  1 
ATOM   739  C  CG  . LEU A 1 93  ? 3.912   -14.397 -2.505  1.00 10.41 ? 93  LEU A CG  1 
ATOM   740  C  CD1 . LEU A 1 93  ? 3.778   -15.600 -1.576  1.00 10.67 ? 93  LEU A CD1 1 
ATOM   741  C  CD2 . LEU A 1 93  ? 5.346   -14.230 -2.972  1.00 10.73 ? 93  LEU A CD2 1 
ATOM   742  N  N   . ALA A 1 94  ? 0.754   -12.261 -3.165  1.00 10.16 ? 94  ALA A N   1 
ATOM   743  C  CA  . ALA A 1 94  ? 0.292   -11.101 -2.377  1.00 10.26 ? 94  ALA A CA  1 
ATOM   744  C  C   . ALA A 1 94  ? -1.028  -11.385 -1.655  1.00 10.33 ? 94  ALA A C   1 
ATOM   745  O  O   . ALA A 1 94  ? -1.170  -11.107 -0.467  1.00 10.35 ? 94  ALA A O   1 
ATOM   746  C  CB  . ALA A 1 94  ? 0.169   -9.866  -3.256  1.00 10.08 ? 94  ALA A CB  1 
ATOM   747  N  N   . LEU A 1 95  ? -1.983  -11.964 -2.373  1.00 10.71 ? 95  LEU A N   1 
ATOM   748  C  CA  . LEU A 1 95  ? -3.269  -12.333 -1.778  1.00 10.99 ? 95  LEU A CA  1 
ATOM   749  C  C   . LEU A 1 95  ? -3.116  -13.383 -0.687  1.00 11.50 ? 95  LEU A C   1 
ATOM   750  O  O   . LEU A 1 95  ? -3.754  -13.280 0.342   1.00 11.32 ? 95  LEU A O   1 
ATOM   751  C  CB  . LEU A 1 95  ? -4.272  -12.783 -2.848  1.00 10.96 ? 95  LEU A CB  1 
ATOM   752  C  CG  . LEU A 1 95  ? -4.663  -11.743 -3.910  1.00 10.65 ? 95  LEU A CG  1 
ATOM   753  C  CD1 . LEU A 1 95  ? -5.588  -12.374 -4.946  1.00 10.90 ? 95  LEU A CD1 1 
ATOM   754  C  CD2 . LEU A 1 95  ? -5.330  -10.510 -3.306  1.00 10.76 ? 95  LEU A CD2 1 
ATOM   755  N  N   . SER A 1 96  ? -2.263  -14.382 -0.913  1.00 12.72 ? 96  SER A N   1 
ATOM   756  C  CA  . SER A 1 96  ? -2.009  -15.428 0.092   1.00 13.37 ? 96  SER A CA  1 
ATOM   757  C  C   . SER A 1 96  ? -1.410  -14.870 1.376   1.00 13.80 ? 96  SER A C   1 
ATOM   758  O  O   . SER A 1 96  ? -1.633  -15.412 2.466   1.00 13.33 ? 96  SER A O   1 
ATOM   759  C  CB  . SER A 1 96  ? -1.123  -16.536 -0.484  1.00 14.46 ? 96  SER A CB  1 
ATOM   760  O  OG  . SER A 1 96  ? 0.233   -16.129 -0.591  1.00 15.53 ? 96  SER A OG  1 
ATOM   761  N  N   . LEU A 1 97  ? -0.640  -13.788 1.241   1.00 13.38 ? 97  LEU A N   1 
ATOM   762  C  CA  . LEU A 1 97  ? -0.002  -13.129 2.383   1.00 13.35 ? 97  LEU A CA  1 
ATOM   763  C  C   . LEU A 1 97  ? -0.893  -12.076 3.039   1.00 13.47 ? 97  LEU A C   1 
ATOM   764  O  O   . LEU A 1 97  ? -0.496  -11.472 4.025   1.00 14.34 ? 97  LEU A O   1 
ATOM   765  C  CB  . LEU A 1 97  ? 1.350   -12.515 1.988   1.00 12.98 ? 97  LEU A CB  1 
ATOM   766  C  CG  . LEU A 1 97  ? 2.439   -13.478 1.504   1.00 13.02 ? 97  LEU A CG  1 
ATOM   767  C  CD1 . LEU A 1 97  ? 3.636   -12.699 0.974   1.00 12.80 ? 97  LEU A CD1 1 
ATOM   768  C  CD2 . LEU A 1 97  ? 2.878   -14.454 2.595   1.00 13.21 ? 97  LEU A CD2 1 
ATOM   769  N  N   . GLY A 1 98  ? -2.089  -11.865 2.500   1.00 13.71 ? 98  GLY A N   1 
ATOM   770  C  CA  . GLY A 1 98  ? -3.098  -11.058 3.185   1.00 13.74 ? 98  GLY A CA  1 
ATOM   771  C  C   . GLY A 1 98  ? -3.540  -9.770  2.520   1.00 13.54 ? 98  GLY A C   1 
ATOM   772  O  O   . GLY A 1 98  ? -4.398  -9.058  3.066   1.00 14.13 ? 98  GLY A O   1 
ATOM   773  N  N   . ALA A 1 99  ? -2.975  -9.449  1.356   1.00 13.05 ? 99  ALA A N   1 
ATOM   774  C  CA  . ALA A 1 99  ? -3.381  -8.232  0.651   1.00 12.60 ? 99  ALA A CA  1 
ATOM   775  C  C   . ALA A 1 99  ? -4.843  -8.340  0.286   1.00 12.94 ? 99  ALA A C   1 
ATOM   776  O  O   . ALA A 1 99  ? -5.334  -9.433  -0.041  1.00 12.48 ? 99  ALA A O   1 
ATOM   777  C  CB  . ALA A 1 99  ? -2.544  -8.005  -0.607  1.00 12.18 ? 99  ALA A CB  1 
ATOM   778  N  N   . ARG A 1 100 ? -5.541  -7.214  0.327   1.00 12.62 ? 100 ARG A N   1 
ATOM   779  C  CA  . ARG A 1 100 ? -6.952  -7.205  -0.061  1.00 13.36 ? 100 ARG A CA  1 
ATOM   780  C  C   . ARG A 1 100 ? -7.161  -7.202  -1.567  1.00 13.43 ? 100 ARG A C   1 
ATOM   781  O  O   . ARG A 1 100 ? -8.079  -7.851  -2.068  1.00 13.56 ? 100 ARG A O   1 
ATOM   782  C  CB  . ARG A 1 100 ? -7.686  -6.027  0.592   1.00 14.48 ? 100 ARG A CB  1 
ATOM   783  C  CG  . ARG A 1 100 ? -7.711  -6.119  2.109   1.00 15.56 ? 100 ARG A CG  1 
ATOM   784  C  CD  . ARG A 1 100 ? -8.564  -7.301  2.570   1.00 17.09 ? 100 ARG A CD  1 
ATOM   785  N  NE  . ARG A 1 100 ? -9.868  -7.240  1.915   1.00 18.30 ? 100 ARG A NE  1 
ATOM   786  C  CZ  . ARG A 1 100 ? -10.911 -6.576  2.399   1.00 19.41 ? 100 ARG A CZ  1 
ATOM   787  N  NH1 . ARG A 1 100 ? -10.805 -5.948  3.572   1.00 19.66 ? 100 ARG A NH1 1 
ATOM   788  N  NH2 . ARG A 1 100 ? -12.054 -6.548  1.725   1.00 19.72 ? 100 ARG A NH2 1 
ATOM   789  N  N   . LYS A 1 101 ? -6.319  -6.463  -2.289  1.00 12.95 ? 101 LYS A N   1 
ATOM   790  C  CA  . LYS A 1 101 ? -6.448  -6.308  -3.730  1.00 13.03 ? 101 LYS A CA  1 
ATOM   791  C  C   . LYS A 1 101 ? -5.050  -6.146  -4.291  1.00 12.46 ? 101 LYS A C   1 
ATOM   792  O  O   . LYS A 1 101 ? -4.189  -5.552  -3.635  1.00 12.27 ? 101 LYS A O   1 
ATOM   793  C  CB  . LYS A 1 101 ? -7.268  -5.051  -4.072  1.00 14.37 ? 101 LYS A CB  1 
ATOM   794  C  CG  . LYS A 1 101 ? -7.666  -4.935  -5.541  1.00 16.55 ? 101 LYS A CG  1 
ATOM   795  C  CD  . LYS A 1 101 ? -8.857  -5.840  -5.847  1.00 18.94 ? 101 LYS A CD  1 
ATOM   796  C  CE  . LYS A 1 101 ? -9.092  -6.024  -7.341  1.00 21.27 ? 101 LYS A CE  1 
ATOM   797  N  NZ  . LYS A 1 101 ? -9.461  -4.750  -8.030  1.00 22.87 ? 101 LYS A NZ  1 
ATOM   798  N  N   . VAL A 1 102 ? -4.827  -6.692  -5.483  1.00 11.89 ? 102 VAL A N   1 
ATOM   799  C  CA  . VAL A 1 102 ? -3.609  -6.423  -6.245  1.00 11.50 ? 102 VAL A CA  1 
ATOM   800  C  C   . VAL A 1 102 ? -3.981  -5.621  -7.480  1.00 11.88 ? 102 VAL A C   1 
ATOM   801  O  O   . VAL A 1 102 ? -4.763  -6.078  -8.325  1.00 11.08 ? 102 VAL A O   1 
ATOM   802  C  CB  . VAL A 1 102 ? -2.850  -7.713  -6.635  1.00 11.55 ? 102 VAL A CB  1 
ATOM   803  C  CG1 . VAL A 1 102 ? -1.601  -7.381  -7.449  1.00 11.80 ? 102 VAL A CG1 1 
ATOM   804  C  CG2 . VAL A 1 102 ? -2.500  -8.516  -5.387  1.00 11.64 ? 102 VAL A CG2 1 
ATOM   805  N  N   . MET A 1 103 ? -3.410  -4.426  -7.576  1.00 12.20 ? 103 MET A N   1 
ATOM   806  C  CA  . MET A 1 103 ? -3.622  -3.545  -8.700  1.00 13.47 ? 103 MET A CA  1 
ATOM   807  C  C   . MET A 1 103 ? -2.304  -3.390  -9.456  1.00 13.86 ? 103 MET A C   1 
ATOM   808  O  O   . MET A 1 103 ? -1.236  -3.257  -8.845  1.00 12.88 ? 103 MET A O   1 
ATOM   809  C  CB  . MET A 1 103 ? -4.168  -2.184  -8.216  1.00 14.72 ? 103 MET A CB  1 
ATOM   810  C  CG  . MET A 1 103 ? -5.542  -2.274  -7.559  1.00 16.73 ? 103 MET A CG  1 
ATOM   811  S  SD  . MET A 1 103 ? -6.335  -0.689  -7.159  1.00 20.67 ? 103 MET A SD  1 
ATOM   812  C  CE  . MET A 1 103 ? -5.515  0.364   -8.334  1.00 16.04 ? 103 MET A CE  1 
ATOM   813  N  N   . ARG A 1 104 ? -2.375  -3.426  -10.783 1.00 14.28 ? 104 ARG A N   1 
ATOM   814  C  CA  . ARG A 1 104 ? -1.168  -3.340  -11.612 1.00 14.63 ? 104 ARG A CA  1 
ATOM   815  C  C   . ARG A 1 104 ? -0.948  -1.913  -12.091 1.00 13.64 ? 104 ARG A C   1 
ATOM   816  O  O   . ARG A 1 104 ? -1.906  -1.216  -12.435 1.00 13.80 ? 104 ARG A O   1 
ATOM   817  C  CB  . ARG A 1 104 ? -1.262  -4.276  -12.822 1.00 16.51 ? 104 ARG A CB  1 
ATOM   818  C  CG  . ARG A 1 104 ? -0.525  -5.602  -12.697 1.00 18.36 ? 104 ARG A CG  1 
ATOM   819  C  CD  . ARG A 1 104 ? -1.116  -6.516  -11.641 1.00 20.23 ? 104 ARG A CD  1 
ATOM   820  N  NE  . ARG A 1 104 ? -2.561  -6.683  -11.806 1.00 22.65 ? 104 ARG A NE  1 
ATOM   821  C  CZ  . ARG A 1 104 ? -3.264  -7.705  -11.321 1.00 23.63 ? 104 ARG A CZ  1 
ATOM   822  N  NH1 . ARG A 1 104 ? -2.656  -8.690  -10.661 1.00 23.60 ? 104 ARG A NH1 1 
ATOM   823  N  NH2 . ARG A 1 104 ? -4.578  -7.750  -11.519 1.00 23.22 ? 104 ARG A NH2 1 
ATOM   824  N  N   . LYS A 1 105 ? 0.311   -1.477  -12.093 1.00 12.67 ? 105 LYS A N   1 
ATOM   825  C  CA  . LYS A 1 105 ? 0.706   -0.308  -12.847 1.00 11.73 ? 105 LYS A CA  1 
ATOM   826  C  C   . LYS A 1 105 ? 0.681   -0.785  -14.317 1.00 11.42 ? 105 LYS A C   1 
ATOM   827  O  O   . LYS A 1 105 ? 1.000   -1.955  -14.575 1.00 11.46 ? 105 LYS A O   1 
ATOM   828  C  CB  . LYS A 1 105 ? 2.110   0.152   -12.429 1.00 11.53 ? 105 LYS A CB  1 
ATOM   829  C  CG  . LYS A 1 105 ? 2.221   0.614   -10.973 1.00 11.01 ? 105 LYS A CG  1 
ATOM   830  C  CD  . LYS A 1 105 ? 3.666   0.557   -10.476 1.00 10.91 ? 105 LYS A CD  1 
ATOM   831  C  CE  . LYS A 1 105 ? 3.827   1.213   -9.105  1.00 11.01 ? 105 LYS A CE  1 
ATOM   832  N  NZ  . LYS A 1 105 ? 5.253   1.173   -8.682  1.00 10.75 ? 105 LYS A NZ  1 
ATOM   833  N  N   . PRO A 1 106 ? 0.333   0.093   -15.279 1.00 10.86 ? 106 PRO A N   1 
ATOM   834  C  CA  . PRO A 1 106 ? 0.123   1.530   -15.197 1.00 10.72 ? 106 PRO A CA  1 
ATOM   835  C  C   . PRO A 1 106 ? -1.076  1.936   -14.341 1.00 10.56 ? 106 PRO A C   1 
ATOM   836  O  O   . PRO A 1 106 ? -2.162  1.327   -14.417 1.00 10.54 ? 106 PRO A O   1 
ATOM   837  C  CB  . PRO A 1 106 ? -0.058  1.949   -16.668 1.00 10.77 ? 106 PRO A CB  1 
ATOM   838  C  CG  . PRO A 1 106 ? -0.616  0.736   -17.322 1.00 10.98 ? 106 PRO A CG  1 
ATOM   839  C  CD  . PRO A 1 106 ? 0.085   -0.419  -16.650 1.00 10.99 ? 106 PRO A CD  1 
ATOM   840  N  N   . PHE A 1 107 ? -0.845  2.961   -13.523 1.00 10.55 ? 107 PHE A N   1 
ATOM   841  C  CA  . PHE A 1 107 ? -1.789  3.493   -12.543 1.00 10.49 ? 107 PHE A CA  1 
ATOM   842  C  C   . PHE A 1 107 ? -2.965  4.216   -13.191 1.00 10.02 ? 107 PHE A C   1 
ATOM   843  O  O   . PHE A 1 107 ? -2.781  5.018   -14.099 1.00 10.38 ? 107 PHE A O   1 
ATOM   844  C  CB  . PHE A 1 107 ? -1.025  4.483   -11.652 1.00 10.71 ? 107 PHE A CB  1 
ATOM   845  C  CG  . PHE A 1 107 ? -1.877  5.197   -10.634 1.00 10.80 ? 107 PHE A CG  1 
ATOM   846  C  CD1 . PHE A 1 107 ? -2.110  6.565   -10.740 1.00 11.21 ? 107 PHE A CD1 1 
ATOM   847  C  CD2 . PHE A 1 107 ? -2.385  4.516   -9.531  1.00 11.18 ? 107 PHE A CD2 1 
ATOM   848  C  CE1 . PHE A 1 107 ? -2.865  7.241   -9.788  1.00 10.76 ? 107 PHE A CE1 1 
ATOM   849  C  CE2 . PHE A 1 107 ? -3.127  5.185   -8.569  1.00 10.99 ? 107 PHE A CE2 1 
ATOM   850  C  CZ  . PHE A 1 107 ? -3.376  6.542   -8.701  1.00 10.97 ? 107 PHE A CZ  1 
ATOM   851  N  N   . SER A 1 108 ? -4.178  3.916   -12.743 1.00 9.28  ? 108 SER A N   1 
ATOM   852  C  CA  . SER A 1 108 ? -5.357  4.704   -13.139 1.00 8.91  ? 108 SER A CA  1 
ATOM   853  C  C   . SER A 1 108 ? -5.947  5.355   -11.878 1.00 8.76  ? 108 SER A C   1 
ATOM   854  O  O   . SER A 1 108 ? -6.423  4.642   -10.989 1.00 8.60  ? 108 SER A O   1 
ATOM   855  C  CB  . SER A 1 108 ? -6.411  3.806   -13.824 1.00 8.58  ? 108 SER A CB  1 
ATOM   856  O  OG  . SER A 1 108 ? -7.700  4.402   -13.763 1.00 8.36  ? 108 SER A OG  1 
ATOM   857  N  N   . PRO A 1 109 ? -5.941  6.703   -11.789 1.00 8.78  ? 109 PRO A N   1 
ATOM   858  C  CA  . PRO A 1 109 ? -6.561  7.339   -10.603 1.00 8.90  ? 109 PRO A CA  1 
ATOM   859  C  C   . PRO A 1 109 ? -8.041  6.989   -10.400 1.00 9.04  ? 109 PRO A C   1 
ATOM   860  O  O   . PRO A 1 109 ? -8.491  6.876   -9.255  1.00 8.78  ? 109 PRO A O   1 
ATOM   861  C  CB  . PRO A 1 109 ? -6.445  8.840   -10.883 1.00 9.20  ? 109 PRO A CB  1 
ATOM   862  C  CG  . PRO A 1 109 ? -5.753  8.989   -12.192 1.00 9.40  ? 109 PRO A CG  1 
ATOM   863  C  CD  . PRO A 1 109 ? -5.187  7.666   -12.611 1.00 9.10  ? 109 PRO A CD  1 
ATOM   864  N  N   . SER A 1 110 ? -8.794  6.838   -11.497 1.00 8.88  ? 110 SER A N   1 
ATOM   865  C  CA  . SER A 1 110 ? -10.218 6.492   -11.383 1.00 9.05  ? 110 SER A CA  1 
ATOM   866  C  C   . SER A 1 110 ? -10.425 5.091   -10.834 1.00 9.30  ? 110 SER A C   1 
ATOM   867  O  O   . SER A 1 110 ? -11.257 4.880   -9.940  1.00 9.45  ? 110 SER A O   1 
ATOM   868  C  CB  . SER A 1 110 ? -10.923 6.652   -12.740 1.00 9.14  ? 110 SER A CB  1 
ATOM   869  O  OG  . SER A 1 110 ? -10.969 8.020   -13.078 1.00 9.65  ? 110 SER A OG  1 
ATOM   870  N  N   . GLN A 1 111 ? -9.663  4.133   -11.359 1.00 9.21  ? 111 GLN A N   1 
ATOM   871  C  CA  . GLN A 1 111 ? -9.769  2.752   -10.906 1.00 9.45  ? 111 GLN A CA  1 
ATOM   872  C  C   . GLN A 1 111 ? -9.339  2.686   -9.446  1.00 9.14  ? 111 GLN A C   1 
ATOM   873  O  O   . GLN A 1 111 ? -9.980  2.026   -8.621  1.00 8.73  ? 111 GLN A O   1 
ATOM   874  C  CB  . GLN A 1 111 ? -8.886  1.835   -11.753 1.00 10.44 ? 111 GLN A CB  1 
ATOM   875  C  CG  . GLN A 1 111 ? -8.955  0.373   -11.325 1.00 11.10 ? 111 GLN A CG  1 
ATOM   876  C  CD  . GLN A 1 111 ? -7.921  -0.498  -11.998 1.00 12.20 ? 111 GLN A CD  1 
ATOM   877  O  OE1 . GLN A 1 111 ? -7.106  -0.020  -12.771 1.00 14.04 ? 111 GLN A OE1 1 
ATOM   878  N  NE2 . GLN A 1 111 ? -7.919  -1.783  -11.663 1.00 13.11 ? 111 GLN A NE2 1 
ATOM   879  N  N   . PHE A 1 112 ? -8.240  3.384   -9.150  1.00 8.69  ? 112 PHE A N   1 
ATOM   880  C  CA  . PHE A 1 112 ? -7.658  3.396   -7.820  1.00 9.13  ? 112 PHE A CA  1 
ATOM   881  C  C   . PHE A 1 112 ? -8.612  3.957   -6.772  1.00 9.18  ? 112 PHE A C   1 
ATOM   882  O  O   . PHE A 1 112 ? -8.873  3.302   -5.752  1.00 9.46  ? 112 PHE A O   1 
ATOM   883  C  CB  . PHE A 1 112 ? -6.329  4.170   -7.845  1.00 8.77  ? 112 PHE A CB  1 
ATOM   884  C  CG  . PHE A 1 112 ? -5.695  4.346   -6.497  1.00 8.70  ? 112 PHE A CG  1 
ATOM   885  C  CD1 . PHE A 1 112 ? -5.061  3.287   -5.860  1.00 8.63  ? 112 PHE A CD1 1 
ATOM   886  C  CD2 . PHE A 1 112 ? -5.705  5.584   -5.882  1.00 8.69  ? 112 PHE A CD2 1 
ATOM   887  C  CE1 . PHE A 1 112 ? -4.463  3.477   -4.622  1.00 8.84  ? 112 PHE A CE1 1 
ATOM   888  C  CE2 . PHE A 1 112 ? -5.100  5.779   -4.648  1.00 8.94  ? 112 PHE A CE2 1 
ATOM   889  C  CZ  . PHE A 1 112 ? -4.488  4.718   -4.010  1.00 8.62  ? 112 PHE A CZ  1 
ATOM   890  N  N   . ILE A 1 113 ? -9.152  5.145   -7.019  1.00 9.29  ? 113 ILE A N   1 
ATOM   891  C  CA  . ILE A 1 113 ? -9.999  5.792   -6.010  1.00 9.75  ? 113 ILE A CA  1 
ATOM   892  C  C   . ILE A 1 113 ? -11.303 5.027   -5.734  1.00 9.50  ? 113 ILE A C   1 
ATOM   893  O  O   . ILE A 1 113 ? -11.755 4.991   -4.597  1.00 9.46  ? 113 ILE A O   1 
ATOM   894  C  CB  . ILE A 1 113 ? -10.245 7.290   -6.285  1.00 10.00 ? 113 ILE A CB  1 
ATOM   895  C  CG1 . ILE A 1 113 ? -10.602 8.022   -4.977  1.00 10.72 ? 113 ILE A CG1 1 
ATOM   896  C  CG2 . ILE A 1 113 ? -11.308 7.503   -7.345  1.00 10.09 ? 113 ILE A CG2 1 
ATOM   897  C  CD1 . ILE A 1 113 ? -9.453  8.052   -3.977  1.00 11.72 ? 113 ILE A CD1 1 
ATOM   898  N  N   . GLU A 1 114 ? -11.860 4.366   -6.748  1.00 9.74  ? 114 GLU A N   1 
ATOM   899  C  CA  . GLU A 1 114 ? -13.039 3.511   -6.520  1.00 9.91  ? 114 GLU A CA  1 
ATOM   900  C  C   . GLU A 1 114 ? -12.726 2.402   -5.501  1.00 9.82  ? 114 GLU A C   1 
ATOM   901  O  O   . GLU A 1 114 ? -13.519 2.131   -4.600  1.00 9.09  ? 114 GLU A O   1 
ATOM   902  C  CB  . GLU A 1 114 ? -13.548 2.913   -7.836  1.00 10.81 ? 114 GLU A CB  1 
ATOM   903  C  CG  . GLU A 1 114 ? -14.875 2.151   -7.733  1.00 11.61 ? 114 GLU A CG  1 
ATOM   904  C  CD  . GLU A 1 114 ? -14.771 0.744   -7.143  1.00 12.10 ? 114 GLU A CD  1 
ATOM   905  O  OE1 . GLU A 1 114 ? -13.711 0.077   -7.239  1.00 12.43 ? 114 GLU A OE1 1 
ATOM   906  O  OE2 . GLU A 1 114 ? -15.792 0.275   -6.581  1.00 13.13 ? 114 GLU A OE2 1 
ATOM   907  N  N   . GLU A 1 115 ? -11.566 1.767   -5.658  1.00 9.41  ? 115 GLU A N   1 
ATOM   908  C  CA  . GLU A 1 115 ? -11.141 0.701   -4.761  1.00 9.82  ? 115 GLU A CA  1 
ATOM   909  C  C   . GLU A 1 115 ? -10.828 1.246   -3.363  1.00 9.69  ? 115 GLU A C   1 
ATOM   910  O  O   . GLU A 1 115 ? -11.171 0.624   -2.343  1.00 9.35  ? 115 GLU A O   1 
ATOM   911  C  CB  . GLU A 1 115 ? -9.914  -0.003  -5.357  1.00 9.86  ? 115 GLU A CB  1 
ATOM   912  C  CG  . GLU A 1 115 ? -9.393  -1.177  -4.544  1.00 10.47 ? 115 GLU A CG  1 
ATOM   913  C  CD  . GLU A 1 115 ? -10.385 -2.311  -4.401  1.00 11.39 ? 115 GLU A CD  1 
ATOM   914  O  OE1 . GLU A 1 115 ? -11.224 -2.515  -5.301  1.00 12.33 ? 115 GLU A OE1 1 
ATOM   915  O  OE2 . GLU A 1 115 ? -10.298 -3.016  -3.391  1.00 11.77 ? 115 GLU A OE2 1 
ATOM   916  N  N   . VAL A 1 116 ? -10.163 2.400   -3.319  1.00 9.36  ? 116 VAL A N   1 
ATOM   917  C  CA  . VAL A 1 116 ? -9.832  3.024   -2.021  1.00 9.60  ? 116 VAL A CA  1 
ATOM   918  C  C   . VAL A 1 116 ? -11.106 3.347   -1.233  1.00 9.78  ? 116 VAL A C   1 
ATOM   919  O  O   . VAL A 1 116 ? -11.232 2.980   -0.067  1.00 9.27  ? 116 VAL A O   1 
ATOM   920  C  CB  . VAL A 1 116 ? -8.932  4.257   -2.222  1.00 9.33  ? 116 VAL A CB  1 
ATOM   921  C  CG1 . VAL A 1 116 ? -8.844  5.115   -0.965  1.00 9.57  ? 116 VAL A CG1 1 
ATOM   922  C  CG2 . VAL A 1 116 ? -7.538  3.798   -2.628  1.00 9.34  ? 116 VAL A CG2 1 
ATOM   923  N  N   . LYS A 1 117 ? -12.051 4.019   -1.881  1.00 10.09 ? 117 LYS A N   1 
ATOM   924  C  CA  . LYS A 1 117 ? -13.338 4.309   -1.245  1.00 11.40 ? 117 LYS A CA  1 
ATOM   925  C  C   . LYS A 1 117 ? -14.069 3.046   -0.818  1.00 11.35 ? 117 LYS A C   1 
ATOM   926  O  O   . LYS A 1 117 ? -14.601 2.989   0.291   1.00 11.61 ? 117 LYS A O   1 
ATOM   927  C  CB  . LYS A 1 117 ? -14.204 5.171   -2.143  1.00 12.76 ? 117 LYS A CB  1 
ATOM   928  C  CG  . LYS A 1 117 ? -13.495 6.473   -2.452  1.00 14.82 ? 117 LYS A CG  1 
ATOM   929  C  CD  . LYS A 1 117 ? -14.438 7.608   -2.764  1.00 17.50 ? 117 LYS A CD  1 
ATOM   930  C  CE  . LYS A 1 117 ? -13.799 8.898   -2.284  1.00 19.31 ? 117 LYS A CE  1 
ATOM   931  N  NZ  . LYS A 1 117 ? -14.271 10.015  -3.141  1.00 21.78 ? 117 LYS A NZ  1 
ATOM   932  N  N   . HIS A 1 118 ? -14.074 2.033   -1.680  1.00 10.99 ? 118 HIS A N   1 
ATOM   933  C  CA  . HIS A 1 118 ? -14.715 0.771   -1.329  1.00 11.36 ? 118 HIS A CA  1 
ATOM   934  C  C   . HIS A 1 118 ? -14.150 0.170   -0.058  1.00 11.74 ? 118 HIS A C   1 
ATOM   935  O  O   . HIS A 1 118 ? -14.899 -0.216  0.841   1.00 12.09 ? 118 HIS A O   1 
ATOM   936  C  CB  . HIS A 1 118 ? -14.645 -0.235  -2.468  1.00 11.92 ? 118 HIS A CB  1 
ATOM   937  C  CG  . HIS A 1 118 ? -15.190 -1.586  -2.093  1.00 12.45 ? 118 HIS A CG  1 
ATOM   938  N  ND1 . HIS A 1 118 ? -16.510 -1.810  -1.913  1.00 12.59 ? 118 HIS A ND1 1 
ATOM   939  C  CD2 . HIS A 1 118 ? -14.544 -2.788  -1.819  1.00 12.76 ? 118 HIS A CD2 1 
ATOM   940  C  CE1 . HIS A 1 118 ? -16.699 -3.095  -1.566  1.00 12.66 ? 118 HIS A CE1 1 
ATOM   941  N  NE2 . HIS A 1 118 ? -15.497 -3.695  -1.517  1.00 13.39 ? 118 HIS A NE2 1 
ATOM   942  N  N   . LEU A 1 119 ? -12.827 0.103   0.036   1.00 11.49 ? 119 LEU A N   1 
ATOM   943  C  CA  . LEU A 1 119 ? -12.171 -0.509  1.194   1.00 12.01 ? 119 LEU A CA  1 
ATOM   944  C  C   . LEU A 1 119 ? -12.295 0.319   2.460   1.00 12.55 ? 119 LEU A C   1 
ATOM   945  O  O   . LEU A 1 119 ? -12.423 -0.240  3.554   1.00 12.83 ? 119 LEU A O   1 
ATOM   946  C  CB  . LEU A 1 119 ? -10.696 -0.793  0.895   1.00 11.80 ? 119 LEU A CB  1 
ATOM   947  C  CG  . LEU A 1 119 ? -10.431 -1.962  -0.059  1.00 12.10 ? 119 LEU A CG  1 
ATOM   948  C  CD1 . LEU A 1 119 ? -8.938  -2.058  -0.359  1.00 11.41 ? 119 LEU A CD1 1 
ATOM   949  C  CD2 . LEU A 1 119 ? -10.965 -3.273  0.500   1.00 12.34 ? 119 LEU A CD2 1 
ATOM   950  N  N   . LEU A 1 120 ? -12.253 1.640   2.320   1.00 13.00 ? 120 LEU A N   1 
ATOM   951  C  CA  . LEU A 1 120 ? -12.409 2.527   3.477   1.00 15.11 ? 120 LEU A CA  1 
ATOM   952  C  C   . LEU A 1 120 ? -13.838 2.497   4.017   1.00 17.48 ? 120 LEU A C   1 
ATOM   953  O  O   . LEU A 1 120 ? -14.052 2.764   5.208   1.00 19.57 ? 120 LEU A O   1 
ATOM   954  C  CB  . LEU A 1 120 ? -11.945 3.960   3.167   1.00 14.39 ? 120 LEU A CB  1 
ATOM   955  C  CG  . LEU A 1 120 ? -10.431 4.128   2.981   1.00 14.37 ? 120 LEU A CG  1 
ATOM   956  C  CD1 . LEU A 1 120 ? -10.114 5.485   2.367   1.00 15.07 ? 120 LEU A CD1 1 
ATOM   957  C  CD2 . LEU A 1 120 ? -9.666  3.928   4.290   1.00 14.23 ? 120 LEU A CD2 1 
ATOM   958  N  N   . ASN A 1 121 ? -14.800 2.136   3.162   1.00 18.87 ? 121 ASN A N   1 
ATOM   959  C  CA  . ASN A 1 121 ? -16.229 2.069   3.555   1.00 20.54 ? 121 ASN A CA  1 
ATOM   960  C  C   . ASN A 1 121 ? -16.729 0.655   3.856   1.00 21.45 ? 121 ASN A C   1 
ATOM   961  O  O   . ASN A 1 121 ? -17.937 0.404   3.927   1.00 22.43 ? 121 ASN A O   1 
ATOM   962  C  CB  . ASN A 1 121 ? -17.110 2.653   2.459   1.00 22.11 ? 121 ASN A CB  1 
ATOM   963  C  CG  . ASN A 1 121 ? -16.803 4.098   2.166   1.00 22.71 ? 121 ASN A CG  1 
ATOM   964  O  OD1 . ASN A 1 121 ? -16.469 4.879   3.058   1.00 25.26 ? 121 ASN A OD1 1 
ATOM   965  N  ND2 . ASN A 1 121 ? -16.907 4.463   0.892   1.00 23.80 ? 121 ASN A ND2 1 
ATOM   966  N  N   . GLU A 1 122 ? -15.803 -0.278  3.981   1.00 20.50 ? 122 GLU A N   1 
ATOM   967  C  CA  . GLU A 1 122 ? -16.117 -1.639  4.379   1.00 21.39 ? 122 GLU A CA  1 
ATOM   968  C  C   . GLU A 1 122 ? -16.790 -1.669  5.749   1.00 20.50 ? 122 GLU A C   1 
ATOM   969  O  O   . GLU A 1 122 ? -16.332 -0.995  6.675   1.00 18.75 ? 122 GLU A O   1 
ATOM   970  C  CB  . GLU A 1 122 ? -14.820 -2.412  4.470   1.00 22.30 ? 122 GLU A CB  1 
ATOM   971  C  CG  . GLU A 1 122 ? -14.991 -3.899  4.532   1.00 24.94 ? 122 GLU A CG  1 
ATOM   972  C  CD  . GLU A 1 122 ? -13.791 -4.567  3.933   1.00 26.30 ? 122 GLU A CD  1 
ATOM   973  O  OE1 . GLU A 1 122 ? -13.875 -4.957  2.745   1.00 27.20 ? 122 GLU A OE1 1 
ATOM   974  O  OE2 . GLU A 1 122 ? -12.766 -4.644  4.644   1.00 26.14 ? 122 GLU A OE2 1 
ATOM   975  O  OXT . GLU A 1 122 ? -17.788 -2.362  5.946   1.00 30.00 ? 122 GLU A OXT 1 
HETATM 976  MG MG  . MG  B 2 .   ? 9.226   -0.356  -6.731  1.00 7.48  ? 201 MG  A MG  1 
HETATM 977  S  S   . SO4 C 3 .   ? -5.638  -4.367  -12.789 1.00 26.18 ? 202 SO4 A S   1 
HETATM 978  O  O1  . SO4 C 3 .   ? -6.621  -5.378  -12.341 1.00 26.40 ? 202 SO4 A O1  1 
HETATM 979  O  O2  . SO4 C 3 .   ? -6.280  -3.512  -13.822 1.00 24.88 ? 202 SO4 A O2  1 
HETATM 980  O  O3  . SO4 C 3 .   ? -5.188  -3.556  -11.643 1.00 25.90 ? 202 SO4 A O3  1 
HETATM 981  O  O4  . SO4 C 3 .   ? -4.473  -5.067  -13.373 1.00 26.10 ? 202 SO4 A O4  1 
HETATM 982  C  C   . ACT D 4 .   ? -14.812 -6.788  -1.408  1.00 35.18 ? 203 ACT A C   1 
HETATM 983  O  O   . ACT D 4 .   ? -13.729 -7.330  -1.097  1.00 36.75 ? 203 ACT A O   1 
HETATM 984  O  OXT . ACT D 4 .   ? -15.438 -6.077  -0.598  1.00 35.33 ? 203 ACT A OXT 1 
HETATM 985  C  CH3 . ACT D 4 .   ? -15.394 -6.992  -2.774  1.00 32.42 ? 203 ACT A CH3 1 
HETATM 986  C  C   . ACT E 4 .   ? -9.570  -11.598 14.003  1.00 34.99 ? 204 ACT A C   1 
HETATM 987  O  O   . ACT E 4 .   ? -9.028  -11.106 15.010  1.00 36.70 ? 204 ACT A O   1 
HETATM 988  O  OXT . ACT E 4 .   ? -9.027  -11.574 12.877  1.00 35.65 ? 204 ACT A OXT 1 
HETATM 989  C  CH3 . ACT E 4 .   ? -10.913 -12.237 14.163  1.00 34.68 ? 204 ACT A CH3 1 
HETATM 990  O  O   . HOH F 5 .   ? -8.770  -6.046  5.539   1.00 25.74 ? 301 HOH A O   1 
HETATM 991  O  O   . HOH F 5 .   ? -6.173  -6.669  6.322   1.00 18.24 ? 302 HOH A O   1 
HETATM 992  O  O   . HOH F 5 .   ? -0.440  3.766   16.708  1.00 29.08 ? 303 HOH A O   1 
HETATM 993  O  O   . HOH F 5 .   ? 8.267   1.250   -7.733  1.00 7.66  ? 304 HOH A O   1 
HETATM 994  O  O   . HOH F 5 .   ? 0.207   -9.357  -10.466 1.00 16.75 ? 305 HOH A O   1 
HETATM 995  O  O   . HOH F 5 .   ? -11.720 -0.045  -8.758  1.00 12.55 ? 306 HOH A O   1 
HETATM 996  O  O   . HOH F 5 .   ? 2.782   1.423   -5.513  1.00 9.74  ? 307 HOH A O   1 
HETATM 997  O  O   . HOH F 5 .   ? 10.871  -0.400  -8.038  1.00 10.17 ? 308 HOH A O   1 
HETATM 998  O  O   . HOH F 5 .   ? -9.917  1.165   7.387   1.00 12.61 ? 309 HOH A O   1 
HETATM 999  O  O   . HOH F 5 .   ? -0.452  -9.065  5.243   1.00 13.96 ? 310 HOH A O   1 
HETATM 1000 O  O   . HOH F 5 .   ? -2.302  -5.119  7.046   1.00 11.64 ? 311 HOH A O   1 
HETATM 1001 O  O   . HOH F 5 .   ? -2.488  -7.283  5.621   1.00 17.41 ? 312 HOH A O   1 
HETATM 1002 O  O   . HOH F 5 .   ? 7.226   10.431  15.374  1.00 20.99 ? 313 HOH A O   1 
HETATM 1003 O  O   . HOH F 5 .   ? -16.090 3.105   -4.407  1.00 14.54 ? 314 HOH A O   1 
HETATM 1004 O  O   . HOH F 5 .   ? -6.660  -8.568  -6.556  1.00 16.91 ? 315 HOH A O   1 
HETATM 1005 O  O   . HOH F 5 .   ? -6.753  0.603   10.662  1.00 18.63 ? 316 HOH A O   1 
HETATM 1006 O  O   . HOH F 5 .   ? 3.951   -13.664 8.538   1.00 18.51 ? 317 HOH A O   1 
HETATM 1007 O  O   . HOH F 5 .   ? -4.833  -6.451  3.815   1.00 14.35 ? 318 HOH A O   1 
HETATM 1008 O  O   . HOH F 5 .   ? -13.643 6.134   -9.667  1.00 16.48 ? 319 HOH A O   1 
HETATM 1009 O  O   . HOH F 5 .   ? 5.031   11.088  5.145   1.00 20.01 ? 320 HOH A O   1 
HETATM 1010 O  O   . HOH F 5 .   ? 16.120  2.164   4.615   1.00 16.14 ? 321 HOH A O   1 
HETATM 1011 O  O   . HOH F 5 .   ? 2.059   13.256  0.284   1.00 23.95 ? 322 HOH A O   1 
HETATM 1012 O  O   . HOH F 5 .   ? 6.055   10.357  7.996   1.00 13.89 ? 323 HOH A O   1 
HETATM 1013 O  O   . HOH F 5 .   ? 2.298   2.644   -3.134  1.00 9.36  ? 324 HOH A O   1 
HETATM 1014 O  O   . HOH F 5 .   ? -3.425  -17.031 -3.383  1.00 28.49 ? 325 HOH A O   1 
HETATM 1015 O  O   . HOH F 5 .   ? -18.397 1.007   -7.299  1.00 21.53 ? 326 HOH A O   1 
HETATM 1016 O  O   . HOH F 5 .   ? -10.998 -3.307  6.130   1.00 18.45 ? 327 HOH A O   1 
HETATM 1017 O  O   . HOH F 5 .   ? -9.504  2.086   9.853   1.00 13.03 ? 328 HOH A O   1 
HETATM 1018 O  O   . HOH F 5 .   ? 9.986   4.134   14.381  1.00 27.98 ? 329 HOH A O   1 
HETATM 1019 O  O   . HOH F 5 .   ? -11.688 -0.548  6.138   1.00 14.81 ? 330 HOH A O   1 
HETATM 1020 O  O   . HOH F 5 .   ? 9.466   13.333  -7.223  1.00 27.12 ? 331 HOH A O   1 
HETATM 1021 O  O   . HOH F 5 .   ? 9.962   -12.477 2.064   1.00 22.09 ? 332 HOH A O   1 
HETATM 1022 O  O   . HOH F 5 .   ? -12.110 3.275   7.219   1.00 15.61 ? 333 HOH A O   1 
HETATM 1023 O  O   . HOH F 5 .   ? 0.135   0.818   14.319  1.00 17.70 ? 334 HOH A O   1 
HETATM 1024 O  O   . HOH F 5 .   ? 6.836   2.249   -10.943 1.00 19.81 ? 335 HOH A O   1 
HETATM 1025 O  O   . HOH F 5 .   ? -1.360  14.496  4.321   1.00 20.94 ? 336 HOH A O   1 
HETATM 1026 O  O   . HOH F 5 .   ? 12.331  7.925   -5.118  1.00 12.46 ? 337 HOH A O   1 
HETATM 1027 O  O   . HOH F 5 .   ? -1.884  -12.832 11.394  1.00 17.18 ? 338 HOH A O   1 
HETATM 1028 O  O   . HOH F 5 .   ? -14.908 6.482   -7.145  1.00 20.77 ? 339 HOH A O   1 
HETATM 1029 O  O   . HOH F 5 .   ? 10.286  -11.516 -1.053  1.00 25.45 ? 340 HOH A O   1 
HETATM 1030 O  O   . HOH F 5 .   ? -5.925  -11.789 0.933   1.00 23.46 ? 341 HOH A O   1 
HETATM 1031 O  O   . HOH F 5 .   ? 14.601  -6.177  -1.768  1.00 21.79 ? 342 HOH A O   1 
HETATM 1032 O  O   . HOH F 5 .   ? -4.848  1.607   -11.245 1.00 19.90 ? 343 HOH A O   1 
HETATM 1033 O  O   . HOH F 5 .   ? 0.323   -18.523 -14.885 1.00 28.13 ? 344 HOH A O   1 
HETATM 1034 O  O   . HOH F 5 .   ? -2.678  6.475   14.634  1.00 23.77 ? 345 HOH A O   1 
HETATM 1035 O  O   . HOH F 5 .   ? 16.018  2.829   0.181   1.00 19.09 ? 346 HOH A O   1 
HETATM 1036 O  O   . HOH F 5 .   ? -13.797 8.441   -13.555 1.00 24.85 ? 347 HOH A O   1 
HETATM 1037 O  O   . HOH F 5 .   ? -11.559 11.024  5.026   1.00 24.43 ? 348 HOH A O   1 
HETATM 1038 O  O   . HOH F 5 .   ? -7.054  -5.223  -9.609  1.00 25.98 ? 349 HOH A O   1 
HETATM 1039 O  O   . HOH F 5 .   ? 0.564   -14.233 -15.815 1.00 24.41 ? 350 HOH A O   1 
HETATM 1040 O  O   . HOH F 5 .   ? -4.389  -0.928  -11.874 1.00 23.41 ? 351 HOH A O   1 
HETATM 1041 O  O   . HOH F 5 .   ? -9.309  11.512  -6.584  1.00 30.41 ? 352 HOH A O   1 
HETATM 1042 O  O   . HOH F 5 .   ? -1.738  8.886   -13.296 1.00 30.88 ? 353 HOH A O   1 
HETATM 1043 O  O   . HOH F 5 .   ? 6.142   -7.520  12.482  1.00 19.30 ? 354 HOH A O   1 
HETATM 1044 O  O   . HOH F 5 .   ? -6.088  -1.258  12.499  1.00 20.95 ? 355 HOH A O   1 
HETATM 1045 O  O   . HOH F 5 .   ? 17.924  -5.478  3.433   1.00 26.85 ? 356 HOH A O   1 
HETATM 1046 O  O   . HOH F 5 .   ? 5.355   -18.587 -13.323 1.00 34.01 ? 357 HOH A O   1 
HETATM 1047 O  O   . HOH F 5 .   ? -1.996  12.432  -9.700  1.00 29.15 ? 358 HOH A O   1 
HETATM 1048 O  O   . HOH F 5 .   ? -20.448 -0.355  2.857   1.00 25.22 ? 359 HOH A O   1 
HETATM 1049 O  O   . HOH F 5 .   ? 0.111   -8.624  18.277  1.00 28.19 ? 360 HOH A O   1 
HETATM 1050 O  O   . HOH F 5 .   ? -3.580  -14.920 -9.295  1.00 26.31 ? 361 HOH A O   1 
HETATM 1051 O  O   . HOH F 5 .   ? -0.123  15.656  -2.627  1.00 30.89 ? 362 HOH A O   1 
HETATM 1052 O  O   . HOH F 5 .   ? 1.830   -17.726 1.353   1.00 29.69 ? 363 HOH A O   1 
HETATM 1053 O  O   . HOH F 5 .   ? 16.584  5.141   1.783   1.00 23.04 ? 364 HOH A O   1 
HETATM 1054 O  O   . HOH F 5 .   ? -12.437 -4.730  -7.727  1.00 29.86 ? 365 HOH A O   1 
HETATM 1055 O  O   . HOH F 5 .   ? -6.508  -11.900 16.876  1.00 30.31 ? 366 HOH A O   1 
HETATM 1056 O  O   . HOH F 5 .   ? -17.636 -0.593  1.171   1.00 30.44 ? 367 HOH A O   1 
HETATM 1057 O  O   . HOH F 5 .   ? 8.106   -1.251  13.727  1.00 20.32 ? 368 HOH A O   1 
HETATM 1058 O  O   . HOH F 5 .   ? -7.926  -3.955  14.346  1.00 26.04 ? 369 HOH A O   1 
HETATM 1059 O  O   . HOH F 5 .   ? 8.291   -0.771  -10.674 1.00 19.95 ? 370 HOH A O   1 
HETATM 1060 O  O   . HOH F 5 .   ? 14.970  -7.663  0.383   1.00 31.37 ? 371 HOH A O   1 
HETATM 1061 O  O   . HOH F 5 .   ? 7.037   -13.647 -10.637 1.00 22.36 ? 372 HOH A O   1 
HETATM 1062 O  O   . HOH F 5 .   ? 15.151  -4.754  6.845   1.00 21.06 ? 373 HOH A O   1 
HETATM 1063 O  O   . HOH F 5 .   ? -4.969  16.894  -4.273  1.00 30.29 ? 374 HOH A O   1 
HETATM 1064 O  O   . HOH F 5 .   ? 18.241  -3.598  -0.916  1.00 25.19 ? 375 HOH A O   1 
HETATM 1065 O  O   . HOH F 5 .   ? -5.730  -16.342 -4.343  1.00 32.14 ? 376 HOH A O   1 
HETATM 1066 O  O   . HOH F 5 .   ? 1.513   0.088   16.687  1.00 36.11 ? 377 HOH A O   1 
HETATM 1067 O  O   . HOH F 5 .   ? 1.546   15.235  -4.862  1.00 25.92 ? 378 HOH A O   1 
HETATM 1068 O  O   . HOH F 5 .   ? 8.391   -5.741  12.656  1.00 31.57 ? 379 HOH A O   1 
HETATM 1069 O  O   . HOH F 5 .   ? 8.763   9.363   2.154   1.00 22.27 ? 380 HOH A O   1 
HETATM 1070 O  O   . HOH F 5 .   ? 12.634  -6.070  -4.482  1.00 19.41 ? 381 HOH A O   1 
HETATM 1071 O  O   . HOH F 5 .   ? -13.707 14.307  -4.785  1.00 38.22 ? 382 HOH A O   1 
HETATM 1072 O  O   . HOH F 5 .   ? 5.754   -10.021 16.659  1.00 30.17 ? 383 HOH A O   1 
HETATM 1073 O  O   . HOH F 5 .   ? -7.105  10.999  11.075  1.00 31.93 ? 384 HOH A O   1 
HETATM 1074 O  O   . HOH F 5 .   ? 14.731  3.326   -4.989  1.00 29.20 ? 385 HOH A O   1 
HETATM 1075 O  O   . HOH F 5 .   ? 2.192   5.282   -3.728  1.00 24.02 ? 386 HOH A O   1 
HETATM 1076 O  O   . HOH F 5 .   ? -5.545  18.737  -2.508  1.00 30.59 ? 387 HOH A O   1 
HETATM 1077 O  O   . HOH F 5 .   ? 12.864  -8.134  1.804   1.00 25.82 ? 388 HOH A O   1 
HETATM 1078 O  O   . HOH F 5 .   ? 14.165  -7.067  4.259   1.00 26.77 ? 389 HOH A O   1 
HETATM 1079 O  O   . HOH F 5 .   ? 14.352  -7.769  6.931   1.00 31.93 ? 390 HOH A O   1 
HETATM 1080 O  O   . HOH F 5 .   ? 5.126   -10.535 -12.725 1.00 27.37 ? 391 HOH A O   1 
# 
